data_9BLR
#
_entry.id   9BLR
#
_cell.length_a   1.00
_cell.length_b   1.00
_cell.length_c   1.00
_cell.angle_alpha   90.00
_cell.angle_beta   90.00
_cell.angle_gamma   90.00
#
_symmetry.space_group_name_H-M   'P 1'
#
loop_
_entity.id
_entity.type
_entity.pdbx_description
1 polymer 'Isoform 1 of Amiloride-sensitive sodium channel subunit delta'
2 polymer 'Amiloride-sensitive sodium channel subunit beta'
3 polymer 'Amiloride-sensitive sodium channel subunit gamma'
4 branched beta-D-mannopyranose-(1-4)-2-acetamido-2-deoxy-beta-D-glucopyranose-(1-4)-2-acetamido-2-deoxy-beta-D-glucopyranose
5 branched 2-acetamido-2-deoxy-beta-D-glucopyranose-(1-4)-2-acetamido-2-deoxy-beta-D-glucopyranose
6 non-polymer 2-acetamido-2-deoxy-beta-D-glucopyranose
#
loop_
_entity_poly.entity_id
_entity_poly.type
_entity_poly.pdbx_seq_one_letter_code
_entity_poly.pdbx_strand_id
1 'polypeptide(L)'
;MAEHRSMDGRMEAATRGGSHLQAAAQTPPRPGPPSAPPPPPKEGHQEGLVELPASFRELLTFFATNATIHGAIRLVCSRG
NRLKTTSWGLLSLGALVALCWQLGLLFERHWHRPVLMAVSVHSERKLLPLVTLCDGNPRRPSPVLRHLELLDEFARENID
SLYNVNLSKGRAALSATVPRHEPPFHLDREIRLQRLSHSGSRVRVGFRLCNSTGGDCFYRGYTSGVAAVQDWYHFHYVDI
LALLPAAWEDSHGSQDGHFVLSCSYDGLDCQARQFRTFHHPTYGSCYTVDGVWTAQRPGITHGVGLVLRVEQQPHLPLLS
TLAGIRVMVHGRNHTPFLGHHSFSVRPGTEATISIREDEVHRLGSPYGHCTAGGEGVEVELLHNTSYTRQACLVSCFQQL
MVETCSCGYYLHPLPAGAEYCSSARHPAWGHCFYRLYQDLETHRLPCTSRCPRPCRESAFKLSTGTSRWPSAKSAGWTLA
TLGEQGLPHQSHRQRSSLAKINIVYQELNYRSVEEAPVYSVPQLLSAMGSLCSLWFGASVLSLLELLELLLDASALTLVL
GGRRLRRAWFSWPRASPASGASSIKPEASQMPPPAGGTSDDPEPSGPHLPRVMLPGVLAGVSAEESWAGPQPLETLDT
;
A
2 'polypeptide(L)'
;MHVKKYLLKGLHRLQKGPGYTYKELLVWYADNTNTHGPKRIICEGPKKKAMWFLLTLLFAALVCWQWGIFIRTYLSWEVS
VSLSVGFKTMDFPAVTICNASPFKYSKIKHLLKDLDELMEAVLERILAPELSHANATRNLNFSIWNHTPLVLIDERNPHH
PMVLDLFGDNHNGLTSSSASEKICNAHGCKMAMRLCSLNRTQCTFRNFTSATQALTEWYILQATNIFAQVPQQELVEMSY
PGEQMILACLFGAEPCNYRNFTSIFYPHYGNCYIFNWGMTEKALPSANPGTEFGLKLILDIGQEDYVPFLASTAGVRLML
HEQRSYPFIRDEGIYAMSGTETSIGVLVDKLQRMGEPYSPCTVNGSEVPVQNFYSDYNTTYSIQACLRSCFQDHMIRNCN
CGHYLYPLPRGEKYCNNRDFPDWAHCYSDLQMSVAQRETCIGMCKESCNDTQYKMTISMADWPSEASEDWIFHVLSQERD
QSTNITLSRKGIVKLNIYFQEFNYRTIEESAANNIVWLLSNLGGQFGFWMGGSVLCLIEFGEIIIDFVWITIIKLVALAK
SLRQRRAQASYAGPPPTVAELVEAHTNFGFQPDTAPRSPNTGPYPSEQALPIPGTPPPNYDSLRLQPLDVIESDSEGDAI
;
B
3 'polypeptide(L)'
;MAPGEKIKAKIKKNLPVTGPQAPTIKELMRWYALNTNTHGARRIVVSRGRLRRLLWIGFTLTAVALILWQCALLVFSFYT
VSVSIKVHFRKLDFPAVTICNINPYKYSTVRHLLADLEQETREALKSLYGFPESRKRAEAESWNSVSEGKQPRFSHRIPL
LIFDQDEKGKARDFFTGRKRKVGGSIIHKASNVMHIESKQVVGFQLCSNDTSDCATYTFSSGINAIQEWYKLHYMNIMAQ
VPLEKKINMSYSAEELLVTCFFDGVSCDARNFTLFHHPMHGNCYTFNNRENETILSTSMGGSEYGLQVILYINEEEYNPF
LVSSTGAKVIIHRQDEYPFVEDVGTEIETAMVTSIGMHLTESFKLSEPYSQCTEDGSDVPIRNIYNAAYSLQICLHSCFQ
TKMVEKCGCAQYSQPLPPAANYCNYQQHPNWMYCYYQLHRAFVQEELGCQSVCKEACSFKEWTLTTSLAQWPSVVSEKWL
LPVLTWDQGRQVNKKLNKTDLAKLLIFYKDLNQRSIMESPANSIEMLLSNFGGQLGLWMSCSVVCVIEIIEVFFIDFFSI
IARRQWQKAKEWWAWKQAPPCPEAPRSPQGQDNPALDIDDDLPTFNSALHLPPALGTQVPGTPPPKYNTLRLERAFSNQL
TDTQMLDEL
;
C
#
loop_
_chem_comp.id
_chem_comp.type
_chem_comp.name
_chem_comp.formula
BMA D-saccharide, beta linking beta-D-mannopyranose 'C6 H12 O6'
NAG D-saccharide, beta linking 2-acetamido-2-deoxy-beta-D-glucopyranose 'C8 H15 N O6'
#
# COMPACT_ATOMS: atom_id res chain seq x y z
N LEU A 128 -21.48 14.61 -2.96
CA LEU A 128 -20.15 14.32 -2.43
C LEU A 128 -20.25 13.30 -1.30
N PRO A 129 -19.40 12.26 -1.31
CA PRO A 129 -19.52 11.21 -0.30
C PRO A 129 -19.00 11.62 1.07
N LEU A 130 -19.40 10.84 2.07
CA LEU A 130 -19.01 11.05 3.46
C LEU A 130 -17.93 10.07 3.88
N VAL A 131 -17.46 10.21 5.12
CA VAL A 131 -16.54 9.26 5.73
C VAL A 131 -16.87 9.13 7.21
N THR A 132 -16.87 7.89 7.70
CA THR A 132 -17.07 7.58 9.10
C THR A 132 -15.77 7.07 9.70
N LEU A 133 -15.43 7.55 10.89
CA LEU A 133 -14.27 7.08 11.63
C LEU A 133 -14.74 6.38 12.91
N CYS A 134 -14.22 5.17 13.15
CA CYS A 134 -14.58 4.41 14.33
C CYS A 134 -13.32 3.99 15.07
N ASP A 135 -13.37 4.01 16.41
CA ASP A 135 -12.16 3.90 17.21
C ASP A 135 -11.74 2.47 17.53
N GLY A 136 -12.62 1.49 17.34
CA GLY A 136 -12.25 0.13 17.66
C GLY A 136 -12.19 -0.18 19.15
N ASN A 137 -12.79 0.66 19.98
CA ASN A 137 -12.75 0.52 21.43
C ASN A 137 -14.14 0.76 22.01
N PRO A 138 -15.00 -0.25 22.06
CA PRO A 138 -16.33 -0.06 22.62
C PRO A 138 -16.31 0.14 24.13
N ARG A 139 -17.33 0.82 24.63
CA ARG A 139 -17.44 1.14 26.05
C ARG A 139 -17.91 -0.07 26.85
N ARG A 140 -17.80 0.06 28.18
CA ARG A 140 -18.49 -0.80 29.13
C ARG A 140 -19.63 0.03 29.72
N PRO A 141 -20.86 -0.07 29.21
CA PRO A 141 -21.92 0.81 29.70
C PRO A 141 -22.14 0.65 31.19
N SER A 142 -22.36 1.78 31.87
CA SER A 142 -22.53 1.75 33.32
C SER A 142 -23.63 0.80 33.78
N PRO A 143 -24.78 0.67 33.10
CA PRO A 143 -25.82 -0.26 33.58
C PRO A 143 -25.38 -1.71 33.69
N VAL A 144 -24.34 -2.14 32.97
CA VAL A 144 -23.91 -3.54 32.97
C VAL A 144 -22.47 -3.70 33.44
N LEU A 145 -21.92 -2.70 34.13
CA LEU A 145 -20.50 -2.68 34.44
C LEU A 145 -20.07 -3.90 35.28
N ARG A 146 -20.92 -4.35 36.21
CA ARG A 146 -20.59 -5.52 37.02
C ARG A 146 -20.59 -6.80 36.20
N HIS A 147 -21.60 -6.95 35.33
CA HIS A 147 -21.73 -8.19 34.56
C HIS A 147 -20.54 -8.40 33.64
N LEU A 148 -20.02 -7.32 33.05
CA LEU A 148 -18.85 -7.44 32.21
C LEU A 148 -17.61 -7.85 33.01
N GLU A 149 -17.52 -7.41 34.27
CA GLU A 149 -16.44 -7.88 35.12
C GLU A 149 -16.57 -9.38 35.40
N LEU A 150 -17.80 -9.84 35.64
CA LEU A 150 -18.01 -11.28 35.79
C LEU A 150 -17.53 -12.04 34.56
N LEU A 151 -17.82 -11.52 33.36
CA LEU A 151 -17.36 -12.19 32.15
C LEU A 151 -15.85 -12.18 32.03
N ASP A 152 -15.20 -11.07 32.38
CA ASP A 152 -13.73 -11.05 32.32
C ASP A 152 -13.14 -12.11 33.25
N GLU A 153 -13.68 -12.22 34.47
CA GLU A 153 -13.20 -13.24 35.40
C GLU A 153 -13.39 -14.64 34.80
N PHE A 154 -14.59 -14.92 34.30
CA PHE A 154 -14.88 -16.23 33.72
C PHE A 154 -13.95 -16.54 32.54
N ALA A 155 -13.67 -15.54 31.71
CA ALA A 155 -12.81 -15.73 30.55
C ALA A 155 -11.40 -16.10 30.98
N ARG A 156 -10.88 -15.43 32.01
CA ARG A 156 -9.56 -15.81 32.50
C ARG A 156 -9.56 -17.24 33.02
N GLU A 157 -10.61 -17.60 33.79
CA GLU A 157 -10.70 -18.98 34.29
C GLU A 157 -10.66 -20.00 33.15
N ASN A 158 -11.25 -19.66 31.99
CA ASN A 158 -11.28 -20.62 30.88
C ASN A 158 -9.95 -20.68 30.13
N ILE A 159 -9.48 -19.54 29.66
CA ILE A 159 -8.31 -19.60 28.80
C ILE A 159 -7.19 -20.22 29.60
N ASP A 160 -7.18 -19.92 30.89
CA ASP A 160 -6.10 -20.41 31.74
C ASP A 160 -6.20 -21.90 32.01
N SER A 161 -7.32 -22.49 31.67
CA SER A 161 -7.46 -23.91 31.83
C SER A 161 -7.03 -24.59 30.55
N LEU A 162 -7.51 -24.07 29.42
CA LEU A 162 -7.18 -24.71 28.14
C LEU A 162 -5.71 -24.54 27.80
N TYR A 163 -5.08 -23.50 28.33
CA TYR A 163 -3.66 -23.26 28.12
C TYR A 163 -3.06 -22.80 29.45
N ASN A 164 -1.74 -22.90 29.55
CA ASN A 164 -1.07 -22.52 30.80
C ASN A 164 -0.93 -21.00 30.91
N PHE A 185 -25.46 -12.17 37.52
CA PHE A 185 -25.04 -13.57 37.50
C PHE A 185 -25.93 -14.38 36.57
N HIS A 186 -26.61 -13.68 35.64
CA HIS A 186 -27.50 -14.33 34.70
C HIS A 186 -26.74 -15.05 33.59
N LEU A 187 -25.44 -14.83 33.46
CA LEU A 187 -24.64 -15.39 32.38
C LEU A 187 -24.51 -16.91 32.54
N ASP A 188 -24.66 -17.64 31.43
CA ASP A 188 -24.63 -19.11 31.46
C ASP A 188 -23.18 -19.58 31.41
N ARG A 189 -22.66 -19.99 32.57
CA ARG A 189 -21.28 -20.46 32.68
C ARG A 189 -21.06 -21.85 32.08
N GLU A 190 -22.08 -22.48 31.48
CA GLU A 190 -21.90 -23.80 30.87
C GLU A 190 -21.82 -23.74 29.34
N ILE A 191 -22.01 -22.58 28.73
CA ILE A 191 -21.64 -22.39 27.32
C ILE A 191 -20.14 -22.10 27.32
N ARG A 192 -19.34 -23.13 27.55
CA ARG A 192 -17.94 -22.97 27.93
C ARG A 192 -17.01 -23.46 26.84
N LEU A 193 -15.84 -22.81 26.75
CA LEU A 193 -14.82 -23.18 25.79
C LEU A 193 -14.30 -24.59 26.07
N GLN A 194 -13.91 -25.32 25.01
CA GLN A 194 -13.42 -26.68 25.14
C GLN A 194 -12.29 -26.93 24.14
N ARG A 195 -11.36 -27.81 24.53
CA ARG A 195 -10.29 -28.25 23.65
C ARG A 195 -10.64 -29.63 23.11
N LEU A 196 -10.64 -29.76 21.79
CA LEU A 196 -11.26 -30.90 21.12
C LEU A 196 -10.24 -31.84 20.49
N VAL A 203 -11.02 -29.63 13.53
CA VAL A 203 -11.14 -28.69 14.65
C VAL A 203 -10.20 -29.11 15.79
N ARG A 204 -9.78 -28.13 16.59
CA ARG A 204 -8.85 -28.39 17.69
C ARG A 204 -9.29 -27.68 18.97
N VAL A 205 -10.09 -26.62 18.86
CA VAL A 205 -10.63 -25.92 20.02
C VAL A 205 -11.90 -25.20 19.59
N GLY A 206 -12.86 -25.10 20.52
CA GLY A 206 -14.16 -24.54 20.17
C GLY A 206 -15.12 -24.50 21.34
N PHE A 207 -16.41 -24.39 21.03
CA PHE A 207 -17.46 -24.39 22.03
C PHE A 207 -18.73 -25.04 21.46
N ARG A 208 -19.51 -25.68 22.33
CA ARG A 208 -20.71 -26.39 21.92
C ARG A 208 -21.97 -25.56 22.15
N LEU A 209 -23.00 -25.83 21.35
CA LEU A 209 -24.32 -25.21 21.45
C LEU A 209 -25.37 -26.30 21.37
N CYS A 210 -26.43 -26.19 22.18
CA CYS A 210 -27.40 -27.28 22.31
C CYS A 210 -28.82 -26.75 22.30
N ASN A 211 -29.77 -27.69 22.18
CA ASN A 211 -31.19 -27.38 22.20
C ASN A 211 -31.66 -27.06 23.63
N SER A 212 -32.85 -26.46 23.74
CA SER A 212 -33.34 -25.99 25.03
C SER A 212 -33.42 -27.09 26.08
N THR A 213 -33.64 -28.34 25.68
CA THR A 213 -33.71 -29.46 26.62
C THR A 213 -32.41 -30.23 26.70
N GLY A 214 -31.31 -29.65 26.22
CA GLY A 214 -30.09 -30.41 26.00
C GLY A 214 -30.16 -31.06 24.64
N GLY A 215 -30.37 -32.37 24.61
CA GLY A 215 -30.68 -33.06 23.36
C GLY A 215 -29.65 -32.79 22.28
N ASP A 216 -30.11 -32.23 21.16
CA ASP A 216 -29.25 -31.96 20.02
C ASP A 216 -28.16 -30.95 20.38
N CYS A 217 -26.95 -31.17 19.86
CA CYS A 217 -25.82 -30.28 20.11
C CYS A 217 -24.90 -30.25 18.89
N PHE A 218 -24.16 -29.15 18.74
CA PHE A 218 -23.12 -29.04 17.73
C PHE A 218 -22.03 -28.09 18.21
N TYR A 219 -20.83 -28.25 17.64
CA TYR A 219 -19.64 -27.51 18.03
C TYR A 219 -19.22 -26.54 16.93
N ARG A 220 -18.96 -25.29 17.31
CA ARG A 220 -18.19 -24.40 16.44
C ARG A 220 -16.73 -24.54 16.82
N GLY A 221 -15.90 -24.94 15.86
CA GLY A 221 -14.53 -25.32 16.15
C GLY A 221 -13.56 -24.70 15.17
N TYR A 222 -12.32 -24.55 15.63
CA TYR A 222 -11.31 -23.78 14.93
C TYR A 222 -9.97 -24.50 14.94
N THR A 223 -9.07 -24.04 14.06
CA THR A 223 -7.70 -24.57 14.03
C THR A 223 -6.86 -24.04 15.17
N SER A 224 -7.20 -22.88 15.74
CA SER A 224 -6.34 -22.24 16.72
C SER A 224 -7.18 -21.53 17.79
N GLY A 225 -6.60 -21.38 18.97
CA GLY A 225 -7.30 -20.72 20.07
C GLY A 225 -7.51 -19.24 19.84
N VAL A 226 -6.66 -18.60 19.03
CA VAL A 226 -6.79 -17.17 18.78
C VAL A 226 -8.16 -16.86 18.19
N ALA A 227 -8.70 -17.77 17.38
CA ALA A 227 -10.03 -17.57 16.81
C ALA A 227 -11.12 -17.97 17.80
N ALA A 228 -10.93 -19.11 18.48
CA ALA A 228 -11.96 -19.65 19.36
C ALA A 228 -12.22 -18.71 20.54
N VAL A 229 -11.17 -18.23 21.20
CA VAL A 229 -11.35 -17.33 22.34
C VAL A 229 -12.01 -16.03 21.88
N GLN A 230 -11.56 -15.49 20.75
CA GLN A 230 -12.14 -14.27 20.21
C GLN A 230 -13.65 -14.43 20.03
N ASP A 231 -14.08 -15.45 19.29
CA ASP A 231 -15.51 -15.61 19.01
C ASP A 231 -16.29 -15.96 20.26
N TRP A 232 -15.74 -16.79 21.14
CA TRP A 232 -16.47 -17.18 22.34
C TRP A 232 -16.71 -15.98 23.26
N TYR A 233 -15.67 -15.18 23.50
CA TYR A 233 -15.86 -13.99 24.31
C TYR A 233 -16.84 -13.04 23.64
N HIS A 234 -16.77 -12.91 22.32
CA HIS A 234 -17.72 -12.06 21.62
C HIS A 234 -19.15 -12.53 21.83
N PHE A 235 -19.37 -13.85 21.79
CA PHE A 235 -20.71 -14.38 22.03
C PHE A 235 -21.20 -14.03 23.43
N HIS A 236 -20.35 -14.21 24.45
CA HIS A 236 -20.81 -13.88 25.80
C HIS A 236 -21.02 -12.38 25.97
N TYR A 237 -20.20 -11.56 25.32
CA TYR A 237 -20.43 -10.11 25.35
C TYR A 237 -21.80 -9.76 24.77
N VAL A 238 -22.14 -10.36 23.63
CA VAL A 238 -23.46 -10.13 23.06
C VAL A 238 -24.55 -10.63 24.00
N ASP A 239 -24.28 -11.75 24.69
CA ASP A 239 -25.25 -12.29 25.64
C ASP A 239 -25.48 -11.35 26.82
N ILE A 240 -24.52 -10.49 27.14
CA ILE A 240 -24.71 -9.52 28.22
C ILE A 240 -25.40 -8.25 27.73
N LEU A 241 -24.91 -7.65 26.65
CA LEU A 241 -25.40 -6.33 26.25
C LEU A 241 -26.88 -6.32 25.93
N ALA A 242 -27.47 -7.46 25.60
CA ALA A 242 -28.91 -7.49 25.37
C ALA A 242 -29.71 -7.41 26.66
N LEU A 243 -29.09 -7.67 27.81
CA LEU A 243 -29.81 -7.62 29.08
C LEU A 243 -30.29 -6.20 29.37
N LEU A 244 -29.34 -5.27 29.46
CA LEU A 244 -29.59 -3.89 29.86
C LEU A 244 -28.63 -3.00 29.10
N PRO A 245 -28.96 -1.71 28.94
CA PRO A 245 -30.17 -1.00 29.37
C PRO A 245 -31.32 -1.10 28.37
N ALA A 246 -32.27 -0.18 28.46
CA ALA A 246 -33.31 -0.04 27.44
C ALA A 246 -32.74 0.75 26.26
N ALA A 247 -31.62 0.27 25.72
CA ALA A 247 -30.87 0.89 24.63
C ALA A 247 -30.35 2.29 24.96
N TRP A 248 -30.31 2.67 26.23
CA TRP A 248 -29.82 3.99 26.62
C TRP A 248 -28.31 4.12 26.45
N GLU A 249 -27.84 5.36 26.52
CA GLU A 249 -26.40 5.67 26.62
C GLU A 249 -26.13 6.32 27.97
N GLY A 257 -11.95 13.17 26.67
CA GLY A 257 -12.63 13.75 25.53
C GLY A 257 -12.68 12.82 24.32
N HIS A 258 -13.25 13.33 23.23
CA HIS A 258 -13.40 12.57 21.99
C HIS A 258 -12.05 12.03 21.52
N PHE A 259 -12.04 11.04 20.62
CA PHE A 259 -10.78 10.58 20.06
C PHE A 259 -10.34 11.43 18.87
N VAL A 260 -11.19 12.30 18.35
CA VAL A 260 -10.78 13.29 17.36
C VAL A 260 -10.15 14.46 18.13
N LEU A 261 -8.81 14.55 18.09
CA LEU A 261 -8.14 15.61 18.81
C LEU A 261 -8.24 16.95 18.09
N SER A 262 -8.16 16.93 16.76
CA SER A 262 -8.32 18.16 15.99
C SER A 262 -8.80 17.83 14.59
N CYS A 263 -9.43 18.82 13.97
CA CYS A 263 -9.99 18.70 12.63
C CYS A 263 -9.74 20.02 11.91
N SER A 264 -9.49 19.96 10.59
CA SER A 264 -9.28 21.18 9.83
C SER A 264 -9.68 20.96 8.37
N TYR A 265 -9.99 22.07 7.70
CA TYR A 265 -10.25 22.07 6.25
C TYR A 265 -9.77 23.40 5.70
N ASP A 266 -8.76 23.35 4.83
CA ASP A 266 -8.31 24.53 4.08
C ASP A 266 -8.02 25.71 5.01
N GLY A 267 -7.37 25.43 6.13
CA GLY A 267 -7.05 26.45 7.12
C GLY A 267 -8.12 26.71 8.16
N LEU A 268 -9.35 26.28 7.92
CA LEU A 268 -10.43 26.46 8.89
C LEU A 268 -10.38 25.38 9.96
N ASP A 269 -10.91 25.71 11.14
CA ASP A 269 -10.99 24.77 12.24
C ASP A 269 -12.32 24.03 12.20
N CYS A 270 -12.34 22.83 12.77
CA CYS A 270 -13.58 22.07 12.95
C CYS A 270 -13.47 21.21 14.20
N GLN A 271 -14.62 20.81 14.74
CA GLN A 271 -14.69 20.15 16.04
C GLN A 271 -15.71 19.01 15.99
N ALA A 272 -15.69 18.18 17.03
CA ALA A 272 -16.65 17.08 17.15
C ALA A 272 -18.09 17.60 17.14
N ARG A 273 -18.31 18.83 17.59
CA ARG A 273 -19.66 19.41 17.57
C ARG A 273 -20.20 19.48 16.14
N GLN A 274 -19.32 19.56 15.13
CA GLN A 274 -19.77 19.63 13.74
C GLN A 274 -19.98 18.25 13.12
N PHE A 275 -19.54 17.18 13.79
CA PHE A 275 -19.75 15.82 13.33
C PHE A 275 -21.03 15.23 13.92
N ARG A 276 -21.44 14.08 13.38
CA ARG A 276 -22.52 13.28 13.95
C ARG A 276 -21.92 12.04 14.61
N THR A 277 -22.33 11.77 15.85
CA THR A 277 -21.69 10.74 16.68
C THR A 277 -22.68 9.64 17.03
N PHE A 278 -22.19 8.40 17.02
CA PHE A 278 -22.99 7.24 17.43
C PHE A 278 -22.05 6.08 17.75
N HIS A 279 -22.63 4.97 18.19
CA HIS A 279 -21.87 3.78 18.57
C HIS A 279 -22.39 2.53 17.87
N HIS A 280 -21.53 1.51 17.77
CA HIS A 280 -21.91 0.20 17.29
C HIS A 280 -21.15 -0.84 18.12
N PRO A 281 -21.81 -1.92 18.57
CA PRO A 281 -21.19 -2.77 19.60
C PRO A 281 -19.82 -3.33 19.24
N THR A 282 -19.56 -3.68 17.98
CA THR A 282 -18.29 -4.29 17.62
C THR A 282 -17.27 -3.32 17.06
N TYR A 283 -17.70 -2.15 16.56
CA TYR A 283 -16.77 -1.17 16.01
C TYR A 283 -16.44 -0.05 16.98
N GLY A 284 -17.21 0.11 18.06
CA GLY A 284 -16.90 1.10 19.08
C GLY A 284 -17.62 2.41 18.88
N SER A 285 -16.98 3.52 19.24
CA SER A 285 -17.56 4.84 19.03
C SER A 285 -17.19 5.35 17.65
N CYS A 286 -18.13 6.02 16.99
CA CYS A 286 -17.98 6.42 15.60
C CYS A 286 -18.40 7.87 15.41
N TYR A 287 -17.73 8.55 14.47
CA TYR A 287 -18.02 9.93 14.11
C TYR A 287 -18.14 10.03 12.61
N THR A 288 -19.15 10.78 12.13
CA THR A 288 -19.39 10.98 10.71
C THR A 288 -19.01 12.41 10.35
N VAL A 289 -18.10 12.56 9.38
CA VAL A 289 -17.63 13.89 9.00
C VAL A 289 -18.74 14.71 8.34
N ASP A 290 -19.68 14.06 7.66
CA ASP A 290 -20.96 14.64 7.27
C ASP A 290 -20.82 15.99 6.53
N GLY A 291 -19.79 16.13 5.71
CA GLY A 291 -19.58 17.38 5.00
C GLY A 291 -20.64 17.75 3.98
N VAL A 292 -21.40 18.82 4.24
CA VAL A 292 -22.36 19.33 3.27
C VAL A 292 -21.69 20.22 2.23
N TRP A 293 -20.43 20.61 2.46
CA TRP A 293 -19.69 21.46 1.52
C TRP A 293 -19.23 20.66 0.30
N THR A 294 -18.94 21.38 -0.78
CA THR A 294 -18.53 20.78 -2.05
C THR A 294 -17.02 20.81 -2.20
N ALA A 295 -16.46 19.73 -2.76
CA ALA A 295 -15.02 19.63 -2.96
C ALA A 295 -14.55 20.62 -4.03
N GLN A 296 -13.57 21.44 -3.67
CA GLN A 296 -13.09 22.49 -4.55
C GLN A 296 -12.12 21.94 -5.61
N ARG A 297 -11.14 21.16 -5.18
CA ARG A 297 -10.05 20.72 -6.03
C ARG A 297 -9.52 19.40 -5.48
N PRO A 298 -8.69 18.69 -6.25
CA PRO A 298 -7.85 17.63 -5.65
C PRO A 298 -6.88 18.23 -4.66
N GLY A 299 -6.17 17.36 -3.95
CA GLY A 299 -5.09 17.79 -3.08
C GLY A 299 -5.52 17.97 -1.63
N ILE A 300 -4.54 17.87 -0.73
CA ILE A 300 -4.82 17.79 0.70
C ILE A 300 -5.38 19.12 1.22
N THR A 301 -4.89 20.25 0.72
CA THR A 301 -5.37 21.55 1.18
C THR A 301 -6.84 21.79 0.83
N HIS A 302 -7.46 20.90 0.06
CA HIS A 302 -8.85 21.04 -0.34
C HIS A 302 -9.71 19.88 0.16
N GLY A 303 -9.19 19.08 1.10
CA GLY A 303 -9.97 18.10 1.81
C GLY A 303 -9.64 18.14 3.30
N VAL A 304 -10.35 17.33 4.08
CA VAL A 304 -10.20 17.42 5.53
C VAL A 304 -8.88 16.79 5.98
N GLY A 305 -8.35 17.28 7.10
CA GLY A 305 -7.24 16.67 7.80
C GLY A 305 -7.57 16.47 9.26
N LEU A 306 -7.39 15.25 9.76
CA LEU A 306 -7.88 14.86 11.09
C LEU A 306 -6.75 14.20 11.88
N VAL A 307 -6.64 14.55 13.17
CA VAL A 307 -5.68 13.94 14.08
C VAL A 307 -6.46 13.16 15.14
N LEU A 308 -6.06 11.91 15.37
CA LEU A 308 -6.88 10.94 16.09
C LEU A 308 -6.07 10.22 17.17
N ARG A 309 -6.73 9.95 18.30
CA ARG A 309 -6.12 9.19 19.39
C ARG A 309 -6.44 7.71 19.25
N VAL A 310 -5.41 6.87 19.25
CA VAL A 310 -5.56 5.42 19.29
C VAL A 310 -5.31 4.97 20.72
N GLU A 311 -6.30 4.32 21.32
CA GLU A 311 -6.29 4.05 22.77
C GLU A 311 -5.64 2.70 23.07
N GLN A 312 -4.31 2.68 22.88
CA GLN A 312 -3.58 1.41 22.85
C GLN A 312 -3.66 0.64 24.17
N GLN A 313 -3.75 1.34 25.32
CA GLN A 313 -3.73 0.61 26.59
C GLN A 313 -5.13 0.13 27.01
N PRO A 314 -6.17 0.97 26.99
CA PRO A 314 -7.47 0.54 27.51
C PRO A 314 -8.35 -0.20 26.51
N HIS A 315 -7.83 -0.76 25.42
CA HIS A 315 -8.61 -1.72 24.64
C HIS A 315 -9.12 -2.82 25.54
N LEU A 316 -10.33 -3.29 25.30
CA LEU A 316 -10.82 -4.47 26.02
C LEU A 316 -10.05 -5.69 25.52
N PRO A 317 -9.20 -6.33 26.34
CA PRO A 317 -8.13 -7.16 25.78
C PRO A 317 -8.59 -8.41 25.04
N LEU A 318 -9.84 -8.87 25.23
CA LEU A 318 -10.31 -10.06 24.55
C LEU A 318 -11.30 -9.80 23.43
N LEU A 319 -11.93 -8.62 23.39
CA LEU A 319 -13.04 -8.40 22.48
C LEU A 319 -12.58 -8.05 21.07
N SER A 320 -11.54 -7.23 20.94
CA SER A 320 -10.97 -6.91 19.63
C SER A 320 -9.50 -6.54 19.83
N THR A 321 -8.66 -6.97 18.88
CA THR A 321 -7.21 -7.00 19.08
C THR A 321 -6.44 -6.22 18.03
N LEU A 322 -7.04 -5.18 17.44
CA LEU A 322 -6.37 -4.35 16.44
C LEU A 322 -6.07 -2.98 17.03
N ALA A 323 -4.88 -2.47 16.74
CA ALA A 323 -4.52 -1.08 17.05
C ALA A 323 -4.62 -0.27 15.77
N GLY A 324 -5.61 0.61 15.69
CA GLY A 324 -5.80 1.46 14.53
C GLY A 324 -7.23 1.94 14.41
N ILE A 325 -7.40 3.06 13.70
CA ILE A 325 -8.71 3.62 13.43
C ILE A 325 -9.30 2.96 12.20
N ARG A 326 -10.61 2.69 12.22
CA ARG A 326 -11.30 2.19 11.04
C ARG A 326 -11.89 3.35 10.25
N VAL A 327 -11.70 3.33 8.94
CA VAL A 327 -12.23 4.35 8.03
C VAL A 327 -13.28 3.68 7.16
N MET A 328 -14.45 4.31 7.04
CA MET A 328 -15.52 3.82 6.18
C MET A 328 -16.03 4.96 5.32
N VAL A 329 -15.84 4.85 4.01
CA VAL A 329 -16.28 5.87 3.06
C VAL A 329 -17.59 5.42 2.44
N HIS A 330 -18.59 6.30 2.43
CA HIS A 330 -19.94 5.92 2.00
C HIS A 330 -20.70 7.13 1.51
N GLY A 331 -21.82 6.85 0.83
CA GLY A 331 -22.64 7.91 0.30
C GLY A 331 -23.49 8.60 1.35
N ARG A 332 -24.11 9.69 0.93
CA ARG A 332 -25.04 10.42 1.79
C ARG A 332 -26.29 9.57 2.04
N ASN A 333 -26.86 9.70 3.23
CA ASN A 333 -28.05 8.93 3.62
C ASN A 333 -27.79 7.43 3.53
N HIS A 334 -26.69 6.98 4.14
CA HIS A 334 -26.37 5.58 4.33
C HIS A 334 -25.91 5.36 5.75
N THR A 335 -26.28 4.20 6.32
CA THR A 335 -25.64 3.77 7.56
C THR A 335 -24.30 3.12 7.22
N PRO A 336 -23.21 3.45 7.91
CA PRO A 336 -21.88 3.11 7.39
C PRO A 336 -21.50 1.64 7.45
N PHE A 337 -22.13 0.84 8.33
CA PHE A 337 -21.58 -0.46 8.69
C PHE A 337 -21.89 -1.57 7.68
N LEU A 338 -22.84 -1.38 6.77
CA LEU A 338 -23.26 -2.43 5.86
C LEU A 338 -22.67 -2.19 4.47
N GLY A 339 -22.02 -3.22 3.93
CA GLY A 339 -21.24 -3.04 2.72
C GLY A 339 -19.99 -2.21 2.95
N HIS A 340 -19.41 -2.29 4.14
CA HIS A 340 -18.36 -1.36 4.54
C HIS A 340 -17.12 -1.51 3.65
N HIS A 341 -16.67 -0.39 3.09
CA HIS A 341 -15.39 -0.31 2.41
C HIS A 341 -14.28 0.02 3.42
N SER A 342 -14.13 -0.89 4.39
CA SER A 342 -13.38 -0.59 5.61
C SER A 342 -11.88 -0.53 5.33
N PHE A 343 -11.34 0.68 5.24
CA PHE A 343 -9.92 0.93 5.27
C PHE A 343 -9.49 1.16 6.73
N SER A 344 -8.19 1.05 7.00
CA SER A 344 -7.69 1.13 8.36
C SER A 344 -6.37 1.88 8.40
N VAL A 345 -6.10 2.52 9.54
CA VAL A 345 -4.95 3.41 9.70
C VAL A 345 -4.14 2.97 10.92
N ARG A 346 -2.84 2.77 10.73
CA ARG A 346 -1.97 2.39 11.83
C ARG A 346 -1.71 3.59 12.74
N PRO A 347 -1.44 3.38 14.03
CA PRO A 347 -0.98 4.49 14.86
C PRO A 347 0.43 4.89 14.49
N GLY A 348 0.77 6.13 14.81
CA GLY A 348 2.09 6.64 14.47
C GLY A 348 2.33 6.90 13.00
N THR A 349 1.28 7.05 12.22
CA THR A 349 1.41 7.32 10.79
C THR A 349 0.42 8.39 10.35
N GLU A 350 0.74 9.00 9.21
CA GLU A 350 -0.16 9.90 8.50
C GLU A 350 -0.62 9.21 7.24
N ALA A 351 -1.94 9.01 7.10
CA ALA A 351 -2.51 8.30 5.96
C ALA A 351 -3.22 9.28 5.05
N THR A 352 -2.77 9.34 3.79
CA THR A 352 -3.37 10.21 2.78
C THR A 352 -4.27 9.34 1.90
N ILE A 353 -5.58 9.43 2.14
CA ILE A 353 -6.58 8.63 1.45
C ILE A 353 -7.21 9.48 0.36
N SER A 354 -7.13 9.03 -0.89
CA SER A 354 -7.73 9.74 -2.02
C SER A 354 -8.89 8.94 -2.58
N ILE A 355 -10.04 9.60 -2.75
CA ILE A 355 -11.31 8.95 -3.04
C ILE A 355 -11.68 9.15 -4.50
N ARG A 356 -12.02 8.06 -5.19
CA ARG A 356 -12.63 8.11 -6.52
C ARG A 356 -13.93 7.33 -6.48
N GLU A 357 -14.98 7.86 -7.13
CA GLU A 357 -16.30 7.24 -7.12
C GLU A 357 -16.66 6.72 -8.50
N ASP A 358 -17.07 5.45 -8.56
CA ASP A 358 -17.61 4.82 -9.77
C ASP A 358 -19.10 4.56 -9.58
N GLU A 359 -19.88 4.78 -10.64
CA GLU A 359 -21.33 4.57 -10.61
C GLU A 359 -21.74 3.63 -11.73
N VAL A 360 -22.85 2.91 -11.52
CA VAL A 360 -23.40 2.00 -12.52
C VAL A 360 -24.92 2.13 -12.54
N HIS A 361 -25.50 2.20 -13.74
CA HIS A 361 -26.94 2.27 -13.95
C HIS A 361 -27.42 1.10 -14.79
N ARG A 362 -28.57 0.53 -14.45
CA ARG A 362 -29.25 -0.46 -15.27
C ARG A 362 -30.72 -0.04 -15.43
N CYS A 370 -34.13 -5.21 -10.85
CA CYS A 370 -33.53 -4.28 -9.91
C CYS A 370 -34.62 -3.48 -9.22
N THR A 371 -34.28 -2.90 -8.07
CA THR A 371 -35.19 -2.09 -7.29
C THR A 371 -34.83 -0.62 -7.47
N ALA A 372 -35.80 0.19 -7.88
CA ALA A 372 -35.54 1.55 -8.34
C ALA A 372 -35.66 2.53 -7.18
N GLY A 373 -34.56 2.69 -6.46
CA GLY A 373 -34.54 3.61 -5.32
C GLY A 373 -35.56 3.28 -4.26
N GLY A 374 -35.84 2.00 -4.07
CA GLY A 374 -36.87 1.55 -3.14
C GLY A 374 -38.18 1.20 -3.79
N GLU A 375 -38.43 1.70 -5.00
CA GLU A 375 -39.65 1.37 -5.74
C GLU A 375 -39.54 -0.01 -6.36
N GLY A 376 -40.61 -0.80 -6.25
CA GLY A 376 -40.60 -2.17 -6.72
C GLY A 376 -40.61 -3.18 -5.60
N VAL A 377 -40.04 -4.36 -5.82
CA VAL A 377 -40.05 -5.43 -4.83
C VAL A 377 -39.02 -5.14 -3.73
N GLU A 378 -39.32 -5.58 -2.51
CA GLU A 378 -38.41 -5.42 -1.38
C GLU A 378 -38.79 -6.38 -0.28
N VAL A 379 -37.84 -6.56 0.66
CA VAL A 379 -38.14 -7.04 2.01
C VAL A 379 -37.97 -5.83 2.94
N GLU A 380 -38.96 -5.62 3.81
CA GLU A 380 -39.03 -4.35 4.53
C GLU A 380 -37.75 -4.09 5.33
N LEU A 381 -37.30 -2.84 5.30
CA LEU A 381 -36.10 -2.43 6.02
C LEU A 381 -36.44 -2.03 7.46
N LEU A 382 -35.41 -2.01 8.31
CA LEU A 382 -35.57 -1.73 9.73
C LEU A 382 -34.78 -0.51 10.18
N HIS A 383 -34.38 0.38 9.27
CA HIS A 383 -33.69 1.61 9.63
C HIS A 383 -33.83 2.61 8.48
N ASN A 384 -33.75 3.89 8.83
CA ASN A 384 -33.90 4.97 7.85
C ASN A 384 -32.62 5.10 7.03
N THR A 385 -32.73 4.89 5.72
CA THR A 385 -31.56 4.91 4.84
C THR A 385 -32.02 4.93 3.39
N SER A 386 -31.07 5.18 2.50
CA SER A 386 -31.26 4.81 1.10
C SER A 386 -31.32 3.30 1.01
N TYR A 387 -32.19 2.78 0.14
CA TYR A 387 -32.24 1.34 -0.04
C TYR A 387 -30.92 0.83 -0.61
N THR A 388 -30.46 -0.31 -0.10
CA THR A 388 -29.29 -0.97 -0.68
C THR A 388 -29.33 -2.45 -0.31
N ARG A 389 -28.74 -3.27 -1.19
CA ARG A 389 -28.88 -4.72 -1.09
C ARG A 389 -28.50 -5.24 0.30
N GLN A 390 -27.38 -4.76 0.84
CA GLN A 390 -26.90 -5.27 2.12
C GLN A 390 -27.93 -5.06 3.22
N ALA A 391 -28.59 -3.90 3.23
CA ALA A 391 -29.60 -3.62 4.26
C ALA A 391 -30.78 -4.58 4.13
N CYS A 392 -31.16 -4.90 2.88
CA CYS A 392 -32.25 -5.84 2.65
C CYS A 392 -31.89 -7.22 3.19
N LEU A 393 -30.66 -7.68 2.93
CA LEU A 393 -30.23 -8.95 3.49
C LEU A 393 -30.27 -8.93 5.02
N VAL A 394 -29.81 -7.83 5.63
CA VAL A 394 -29.76 -7.77 7.09
C VAL A 394 -31.17 -7.83 7.67
N SER A 395 -32.11 -7.06 7.13
CA SER A 395 -33.46 -7.08 7.69
C SER A 395 -34.14 -8.42 7.43
N CYS A 396 -33.85 -9.06 6.29
CA CYS A 396 -34.42 -10.37 6.02
C CYS A 396 -33.89 -11.42 7.00
N PHE A 397 -32.58 -11.39 7.29
CA PHE A 397 -32.03 -12.28 8.31
C PHE A 397 -32.68 -12.04 9.66
N GLN A 398 -32.86 -10.76 10.03
CA GLN A 398 -33.48 -10.46 11.32
C GLN A 398 -34.93 -10.95 11.36
N GLN A 399 -35.64 -10.87 10.23
CA GLN A 399 -36.99 -11.42 10.18
C GLN A 399 -36.99 -12.92 10.44
N LEU A 400 -36.08 -13.65 9.78
CA LEU A 400 -36.03 -15.09 10.01
C LEU A 400 -35.69 -15.41 11.47
N MET A 401 -34.72 -14.69 12.04
CA MET A 401 -34.35 -14.87 13.44
C MET A 401 -35.55 -14.62 14.36
N VAL A 402 -36.27 -13.52 14.13
CA VAL A 402 -37.39 -13.16 15.02
C VAL A 402 -38.53 -14.15 14.88
N GLU A 403 -38.86 -14.57 13.65
CA GLU A 403 -40.02 -15.44 13.48
C GLU A 403 -39.72 -16.88 13.92
N THR A 404 -38.46 -17.30 13.91
CA THR A 404 -38.17 -18.65 14.41
C THR A 404 -37.97 -18.67 15.92
N CYS A 405 -37.37 -17.63 16.50
CA CYS A 405 -36.95 -17.67 17.91
C CYS A 405 -37.43 -16.46 18.71
N SER A 406 -38.40 -15.70 18.20
CA SER A 406 -39.11 -14.62 18.90
C SER A 406 -38.18 -13.64 19.63
N CYS A 407 -36.94 -13.50 19.16
CA CYS A 407 -36.06 -12.44 19.64
C CYS A 407 -35.08 -12.08 18.53
N GLY A 408 -34.50 -10.89 18.62
CA GLY A 408 -33.61 -10.37 17.60
C GLY A 408 -32.15 -10.45 17.99
N TYR A 409 -31.28 -10.50 16.99
CA TYR A 409 -29.85 -10.53 17.23
C TYR A 409 -29.32 -9.12 17.46
N TYR A 410 -28.33 -8.99 18.34
CA TYR A 410 -27.97 -7.68 18.87
C TYR A 410 -27.23 -6.82 17.85
N LEU A 411 -26.45 -7.40 16.95
CA LEU A 411 -25.69 -6.61 16.00
C LEU A 411 -26.53 -6.07 14.85
N HIS A 412 -27.85 -6.21 14.90
CA HIS A 412 -28.76 -5.79 13.85
C HIS A 412 -29.88 -4.95 14.44
N PRO A 413 -30.57 -4.15 13.63
CA PRO A 413 -31.70 -3.37 14.14
C PRO A 413 -32.85 -4.27 14.57
N LEU A 414 -33.70 -3.73 15.44
CA LEU A 414 -34.73 -4.51 16.12
C LEU A 414 -36.13 -4.15 15.61
N PRO A 415 -36.93 -5.11 15.14
CA PRO A 415 -38.31 -4.80 14.76
C PRO A 415 -39.11 -4.26 15.94
N ALA A 416 -40.19 -3.54 15.61
CA ALA A 416 -40.92 -2.78 16.62
C ALA A 416 -41.48 -3.65 17.74
N GLY A 417 -41.78 -4.92 17.45
CA GLY A 417 -42.40 -5.80 18.42
C GLY A 417 -41.51 -6.89 18.98
N ALA A 418 -40.18 -6.76 18.89
CA ALA A 418 -39.27 -7.81 19.30
C ALA A 418 -38.41 -7.40 20.49
N GLU A 419 -37.64 -8.36 21.00
CA GLU A 419 -36.66 -8.15 22.07
C GLU A 419 -35.32 -8.73 21.63
N TYR A 420 -34.23 -8.15 22.14
CA TYR A 420 -32.91 -8.69 21.85
C TYR A 420 -32.66 -9.96 22.65
N CYS A 421 -32.02 -10.94 21.99
CA CYS A 421 -31.85 -12.26 22.59
C CYS A 421 -30.82 -12.26 23.73
N SER A 422 -31.11 -13.04 24.78
CA SER A 422 -30.15 -13.28 25.85
C SER A 422 -30.56 -14.52 26.64
N SER A 423 -29.57 -15.16 27.26
CA SER A 423 -29.81 -16.40 28.00
C SER A 423 -30.82 -16.21 29.13
N ALA A 424 -31.01 -14.99 29.63
CA ALA A 424 -31.92 -14.77 30.74
C ALA A 424 -33.37 -15.00 30.35
N ARG A 425 -33.69 -15.01 29.06
CA ARG A 425 -35.05 -15.22 28.58
C ARG A 425 -35.16 -16.18 27.41
N HIS A 426 -34.07 -16.49 26.73
CA HIS A 426 -34.09 -17.34 25.53
C HIS A 426 -32.94 -18.34 25.63
N PRO A 427 -33.11 -19.39 26.44
CA PRO A 427 -31.95 -20.15 26.93
C PRO A 427 -31.25 -21.02 25.89
N ALA A 428 -31.65 -20.97 24.62
CA ALA A 428 -30.93 -21.71 23.57
C ALA A 428 -30.69 -20.84 22.34
N TRP A 429 -30.64 -19.51 22.51
CA TRP A 429 -30.63 -18.63 21.36
C TRP A 429 -29.35 -18.79 20.53
N GLY A 430 -28.24 -19.21 21.13
CA GLY A 430 -27.03 -19.42 20.35
C GLY A 430 -27.20 -20.48 19.29
N HIS A 431 -27.82 -21.61 19.66
CA HIS A 431 -28.09 -22.67 18.70
C HIS A 431 -28.90 -22.15 17.53
N CYS A 432 -29.97 -21.40 17.81
CA CYS A 432 -30.80 -20.79 16.78
C CYS A 432 -29.98 -19.88 15.87
N PHE A 433 -29.29 -18.90 16.48
CA PHE A 433 -28.55 -17.93 15.70
C PHE A 433 -27.53 -18.60 14.80
N TYR A 434 -26.69 -19.47 15.36
CA TYR A 434 -25.60 -20.01 14.58
C TYR A 434 -26.06 -21.02 13.55
N ARG A 435 -27.26 -21.62 13.69
CA ARG A 435 -27.77 -22.39 12.56
C ARG A 435 -28.24 -21.48 11.43
N LEU A 436 -28.92 -20.37 11.74
CA LEU A 436 -29.25 -19.43 10.65
C LEU A 436 -27.98 -18.85 10.03
N TYR A 437 -26.97 -18.57 10.86
CA TYR A 437 -25.72 -18.03 10.34
C TYR A 437 -24.98 -19.06 9.51
N GLN A 438 -25.13 -20.35 9.84
CA GLN A 438 -24.59 -21.39 8.97
C GLN A 438 -25.34 -21.43 7.64
N ASP A 439 -26.65 -21.20 7.67
CA ASP A 439 -27.38 -21.07 6.41
C ASP A 439 -26.84 -19.92 5.58
N LEU A 440 -26.31 -18.88 6.22
CA LEU A 440 -25.63 -17.84 5.45
C LEU A 440 -24.24 -18.29 4.99
N GLU A 441 -23.52 -19.04 5.84
CA GLU A 441 -22.21 -19.55 5.48
C GLU A 441 -22.27 -20.45 4.24
N THR A 442 -23.29 -21.31 4.16
CA THR A 442 -23.49 -22.18 3.02
C THR A 442 -24.47 -21.60 1.99
N HIS A 443 -24.97 -20.38 2.24
CA HIS A 443 -25.87 -19.69 1.31
C HIS A 443 -27.17 -20.46 1.07
N ARG A 444 -27.77 -20.93 2.18
CA ARG A 444 -29.08 -21.59 2.12
C ARG A 444 -30.22 -20.57 2.21
N LEU A 445 -29.96 -19.41 2.78
CA LEU A 445 -31.03 -18.45 3.08
C LEU A 445 -31.73 -17.99 1.80
N PRO A 446 -33.03 -17.65 1.89
CA PRO A 446 -33.74 -17.12 0.71
C PRO A 446 -33.46 -15.66 0.42
N CYS A 447 -32.87 -14.92 1.36
CA CYS A 447 -32.79 -13.47 1.25
C CYS A 447 -32.13 -13.03 -0.05
N THR A 448 -31.03 -13.69 -0.45
CA THR A 448 -30.32 -13.27 -1.66
C THR A 448 -31.23 -13.29 -2.87
N SER A 449 -32.22 -14.19 -2.91
CA SER A 449 -33.16 -14.23 -4.01
C SER A 449 -34.23 -13.15 -3.87
N ARG A 450 -34.52 -12.74 -2.63
CA ARG A 450 -35.55 -11.73 -2.41
C ARG A 450 -35.07 -10.32 -2.69
N CYS A 451 -33.76 -10.05 -2.50
CA CYS A 451 -33.23 -8.70 -2.49
C CYS A 451 -32.47 -8.39 -3.77
N PRO A 452 -32.94 -7.46 -4.61
CA PRO A 452 -32.15 -7.03 -5.78
C PRO A 452 -31.21 -5.88 -5.48
N ARG A 453 -30.32 -5.60 -6.45
CA ARG A 453 -29.47 -4.42 -6.38
C ARG A 453 -30.27 -3.17 -6.73
N PRO A 454 -29.84 -2.00 -6.27
CA PRO A 454 -30.45 -0.75 -6.75
C PRO A 454 -30.26 -0.59 -8.25
N CYS A 455 -31.26 0.02 -8.90
CA CYS A 455 -31.14 0.24 -10.33
C CYS A 455 -30.08 1.28 -10.69
N ARG A 456 -29.70 2.14 -9.75
CA ARG A 456 -28.51 2.98 -9.88
C ARG A 456 -27.72 2.92 -8.57
N GLU A 457 -26.40 2.74 -8.69
CA GLU A 457 -25.57 2.37 -7.55
C GLU A 457 -24.16 2.89 -7.80
N SER A 458 -23.40 3.09 -6.71
CA SER A 458 -22.03 3.57 -6.82
C SER A 458 -21.14 2.90 -5.79
N ALA A 459 -19.84 2.89 -6.09
CA ALA A 459 -18.81 2.27 -5.27
C ALA A 459 -17.59 3.19 -5.21
N PHE A 460 -16.91 3.18 -4.08
CA PHE A 460 -15.78 4.09 -3.84
C PHE A 460 -14.47 3.31 -3.83
N LYS A 461 -13.47 3.86 -4.53
CA LYS A 461 -12.18 3.21 -4.68
C LYS A 461 -11.10 4.13 -4.11
N LEU A 462 -10.35 3.63 -3.13
CA LEU A 462 -9.40 4.41 -2.36
C LEU A 462 -7.98 4.09 -2.79
N SER A 463 -7.17 5.13 -2.99
CA SER A 463 -5.74 5.00 -3.22
C SER A 463 -5.01 5.71 -2.09
N THR A 464 -4.24 4.97 -1.30
CA THR A 464 -3.72 5.46 -0.03
C THR A 464 -2.21 5.40 0.04
N GLY A 465 -1.60 6.49 0.48
CA GLY A 465 -0.20 6.52 0.88
C GLY A 465 -0.09 6.77 2.38
N THR A 466 0.98 6.25 2.98
CA THR A 466 1.18 6.37 4.41
C THR A 466 2.63 6.71 4.71
N SER A 467 2.84 7.46 5.79
CA SER A 467 4.18 7.89 6.19
C SER A 467 4.22 8.08 7.71
N ARG A 468 5.43 8.14 8.26
CA ARG A 468 5.61 8.30 9.70
C ARG A 468 5.17 9.69 10.14
N TRP A 469 4.55 9.78 11.33
CA TRP A 469 4.04 11.05 11.82
C TRP A 469 3.89 11.01 13.33
N PRO A 470 4.30 12.05 14.06
CA PRO A 470 4.99 13.28 13.62
C PRO A 470 6.47 13.03 13.40
N SER A 471 7.17 13.97 12.77
CA SER A 471 8.62 13.84 12.61
C SER A 471 9.28 13.84 13.98
N ALA A 472 10.48 13.25 14.05
CA ALA A 472 11.19 13.15 15.32
C ALA A 472 11.44 14.52 15.92
N LYS A 473 11.71 15.53 15.09
CA LYS A 473 12.04 16.85 15.60
C LYS A 473 10.80 17.60 16.08
N SER A 474 9.70 17.50 15.34
CA SER A 474 8.47 18.21 15.71
C SER A 474 7.57 17.41 16.65
N ALA A 475 8.07 16.29 17.20
CA ALA A 475 7.26 15.53 18.14
C ALA A 475 6.95 16.32 19.40
N GLY A 476 7.69 17.39 19.68
CA GLY A 476 7.38 18.24 20.82
C GLY A 476 6.02 18.91 20.71
N TRP A 477 5.43 18.96 19.51
CA TRP A 477 4.12 19.59 19.36
C TRP A 477 2.99 18.66 19.81
N THR A 478 2.98 17.41 19.34
CA THR A 478 1.87 16.53 19.68
C THR A 478 1.82 16.27 21.18
N LEU A 479 2.96 16.33 21.87
CA LEU A 479 2.95 16.22 23.32
C LEU A 479 2.17 17.38 23.94
N ALA A 480 2.30 18.58 23.35
CA ALA A 480 1.57 19.74 23.87
C ALA A 480 0.10 19.72 23.45
N THR A 481 -0.21 19.17 22.27
CA THR A 481 -1.60 19.02 21.87
C THR A 481 -2.33 18.03 22.76
N LEU A 482 -1.64 16.98 23.22
CA LEU A 482 -2.22 16.09 24.21
C LEU A 482 -2.36 16.80 25.56
N GLY A 483 -1.31 17.49 26.00
CA GLY A 483 -1.38 18.20 27.27
C GLY A 483 -2.46 19.25 27.30
N GLU A 484 -2.67 19.94 26.18
CA GLU A 484 -3.74 20.93 26.10
C GLU A 484 -5.11 20.32 26.36
N GLN A 485 -5.30 19.06 25.97
CA GLN A 485 -6.52 18.32 26.25
C GLN A 485 -6.46 17.57 27.58
N GLY A 486 -5.30 17.57 28.26
CA GLY A 486 -5.16 16.89 29.53
C GLY A 486 -5.14 15.39 29.45
N LEU A 487 -4.76 14.81 28.31
CA LEU A 487 -4.93 13.39 28.07
C LEU A 487 -3.73 12.58 28.58
N PRO A 488 -3.97 11.31 28.96
CA PRO A 488 -2.86 10.45 29.37
C PRO A 488 -2.11 9.86 28.17
N HIS A 489 -0.79 9.77 28.31
CA HIS A 489 0.06 9.27 27.24
C HIS A 489 1.42 8.84 27.79
N SER A 496 4.33 6.38 17.79
CA SER A 496 3.59 7.35 18.58
C SER A 496 2.14 6.92 18.74
N SER A 497 1.47 7.51 19.74
CA SER A 497 0.12 7.08 20.08
C SER A 497 -0.94 7.63 19.13
N LEU A 498 -0.65 8.74 18.45
CA LEU A 498 -1.63 9.39 17.59
C LEU A 498 -1.54 8.89 16.15
N ALA A 499 -2.58 9.19 15.38
CA ALA A 499 -2.62 8.97 13.95
C ALA A 499 -3.16 10.22 13.27
N LYS A 500 -2.87 10.39 11.98
CA LYS A 500 -3.39 11.50 11.20
C LYS A 500 -3.93 10.99 9.87
N ILE A 501 -5.07 11.53 9.45
CA ILE A 501 -5.70 11.13 8.20
C ILE A 501 -5.91 12.37 7.33
N ASN A 502 -5.43 12.32 6.09
CA ASN A 502 -5.72 13.31 5.07
C ASN A 502 -6.67 12.67 4.05
N ILE A 503 -7.82 13.30 3.83
CA ILE A 503 -8.85 12.73 2.97
C ILE A 503 -9.01 13.66 1.77
N VAL A 504 -8.76 13.12 0.57
CA VAL A 504 -8.66 13.89 -0.66
C VAL A 504 -9.67 13.33 -1.65
N TYR A 505 -10.40 14.20 -2.33
CA TYR A 505 -11.31 13.79 -3.39
C TYR A 505 -10.54 13.84 -4.71
N GLN A 506 -10.30 12.66 -5.29
CA GLN A 506 -9.19 12.48 -6.23
C GLN A 506 -9.45 13.20 -7.56
N GLU A 507 -10.65 13.08 -8.12
CA GLU A 507 -10.98 13.75 -9.38
C GLU A 507 -12.45 14.11 -9.38
N LEU A 508 -12.77 15.22 -10.06
CA LEU A 508 -14.15 15.58 -10.38
C LEU A 508 -14.55 14.86 -11.67
N ASN A 509 -14.53 13.52 -11.59
CA ASN A 509 -14.59 12.68 -12.77
C ASN A 509 -15.42 11.42 -12.56
N TYR A 510 -16.40 11.45 -11.65
CA TYR A 510 -17.30 10.30 -11.50
C TYR A 510 -18.38 10.35 -12.57
N ARG A 511 -18.58 9.22 -13.25
CA ARG A 511 -19.58 9.13 -14.31
C ARG A 511 -20.08 7.69 -14.39
N SER A 512 -21.30 7.54 -14.93
CA SER A 512 -22.02 6.28 -14.85
C SER A 512 -21.59 5.27 -15.92
N VAL A 513 -21.65 3.99 -15.55
CA VAL A 513 -21.42 2.88 -16.47
C VAL A 513 -22.75 2.20 -16.74
N GLU A 514 -23.10 2.03 -18.02
CA GLU A 514 -24.40 1.47 -18.37
C GLU A 514 -24.33 0.73 -19.70
N GLU A 515 -25.41 0.02 -20.01
CA GLU A 515 -25.49 -0.87 -21.17
C GLU A 515 -24.27 -1.80 -21.22
N GLU B 78 -18.22 -7.12 -37.61
CA GLU B 78 -17.77 -6.18 -36.58
C GLU B 78 -17.85 -6.80 -35.19
N VAL B 79 -17.08 -6.26 -34.26
CA VAL B 79 -17.02 -6.75 -32.88
C VAL B 79 -17.64 -5.70 -31.97
N SER B 80 -18.59 -6.14 -31.15
CA SER B 80 -19.26 -5.29 -30.17
C SER B 80 -18.72 -5.60 -28.78
N VAL B 81 -18.43 -4.56 -28.00
CA VAL B 81 -17.88 -4.72 -26.65
C VAL B 81 -19.04 -4.74 -25.66
N SER B 82 -19.29 -5.91 -25.07
CA SER B 82 -20.24 -6.04 -23.99
C SER B 82 -19.50 -5.97 -22.66
N LEU B 83 -20.23 -5.62 -21.59
CA LEU B 83 -19.64 -5.43 -20.27
C LEU B 83 -20.66 -5.74 -19.19
N SER B 84 -20.17 -6.14 -18.02
CA SER B 84 -21.02 -6.23 -16.83
C SER B 84 -20.14 -6.13 -15.59
N VAL B 85 -20.76 -5.67 -14.49
CA VAL B 85 -20.06 -5.45 -13.23
C VAL B 85 -21.05 -5.62 -12.09
N GLY B 86 -20.57 -6.09 -10.96
CA GLY B 86 -21.41 -6.28 -9.77
C GLY B 86 -20.78 -7.31 -8.84
N PHE B 87 -21.64 -8.17 -8.26
CA PHE B 87 -21.20 -9.24 -7.38
C PHE B 87 -21.77 -10.58 -7.83
N LYS B 88 -20.98 -11.64 -7.68
CA LYS B 88 -21.32 -12.97 -8.18
C LYS B 88 -20.57 -14.03 -7.38
N THR B 89 -21.25 -15.13 -7.06
CA THR B 89 -20.59 -16.26 -6.40
C THR B 89 -19.73 -17.02 -7.42
N MET B 90 -18.51 -17.36 -7.02
CA MET B 90 -17.55 -17.96 -7.94
C MET B 90 -16.43 -18.61 -7.14
N ASP B 91 -15.59 -19.37 -7.85
CA ASP B 91 -14.45 -20.02 -7.21
C ASP B 91 -13.49 -18.98 -6.65
N PHE B 92 -13.14 -19.12 -5.38
CA PHE B 92 -12.25 -18.16 -4.72
C PHE B 92 -10.87 -18.24 -5.35
N PRO B 93 -10.17 -17.12 -5.53
CA PRO B 93 -8.88 -17.15 -6.23
C PRO B 93 -7.90 -18.11 -5.59
N ALA B 94 -7.02 -18.68 -6.39
CA ALA B 94 -5.92 -19.44 -5.83
C ALA B 94 -4.92 -18.47 -5.22
N VAL B 95 -4.63 -18.67 -3.93
CA VAL B 95 -3.70 -17.83 -3.17
C VAL B 95 -2.42 -18.62 -2.98
N THR B 96 -1.27 -17.97 -3.16
CA THR B 96 0.00 -18.65 -2.93
C THR B 96 0.89 -17.86 -1.98
N ILE B 97 1.59 -18.61 -1.12
CA ILE B 97 2.31 -18.08 0.04
C ILE B 97 3.75 -18.54 -0.07
N CYS B 98 4.70 -17.60 -0.13
CA CYS B 98 6.12 -17.91 -0.10
C CYS B 98 6.82 -17.03 0.91
N ASN B 99 7.80 -17.58 1.61
CA ASN B 99 8.64 -16.77 2.48
C ASN B 99 9.70 -16.05 1.64
N ALA B 100 10.06 -14.84 2.04
CA ALA B 100 10.96 -14.05 1.21
C ALA B 100 12.35 -14.67 1.12
N SER B 101 12.77 -15.45 2.12
CA SER B 101 14.09 -16.08 2.10
C SER B 101 13.99 -17.45 1.46
N PRO B 102 14.87 -17.81 0.51
CA PRO B 102 14.73 -19.11 -0.15
C PRO B 102 15.05 -20.30 0.73
N PHE B 103 15.78 -20.13 1.83
CA PHE B 103 16.20 -21.27 2.65
C PHE B 103 16.28 -20.88 4.12
N LYS B 104 16.23 -21.91 4.97
CA LYS B 104 16.48 -21.75 6.39
C LYS B 104 17.99 -21.78 6.63
N TYR B 105 18.54 -20.66 7.09
CA TYR B 105 19.99 -20.55 7.20
C TYR B 105 20.57 -21.63 8.10
N SER B 106 19.81 -22.08 9.09
CA SER B 106 20.34 -23.08 10.00
C SER B 106 20.51 -24.43 9.32
N LYS B 107 19.84 -24.66 8.19
CA LYS B 107 19.96 -25.92 7.44
C LYS B 107 20.84 -25.78 6.20
N ILE B 108 20.73 -24.66 5.48
CA ILE B 108 21.49 -24.51 4.25
C ILE B 108 22.93 -24.08 4.50
N LYS B 109 23.28 -23.64 5.71
CA LYS B 109 24.63 -23.12 5.91
C LYS B 109 25.70 -24.20 5.89
N HIS B 110 25.34 -25.48 5.76
CA HIS B 110 26.38 -26.49 5.59
C HIS B 110 26.93 -26.48 4.16
N LEU B 111 26.27 -25.80 3.23
CA LEU B 111 26.79 -25.56 1.89
C LEU B 111 27.40 -24.17 1.75
N LEU B 112 26.71 -23.15 2.24
CA LEU B 112 27.12 -21.76 2.07
C LEU B 112 28.20 -21.32 3.06
N LYS B 113 28.75 -22.23 3.86
CA LYS B 113 29.75 -21.85 4.85
C LYS B 113 30.94 -21.16 4.19
N ASP B 114 31.52 -21.78 3.17
CA ASP B 114 32.73 -21.25 2.57
C ASP B 114 32.46 -19.94 1.82
N LEU B 115 31.34 -19.87 1.12
CA LEU B 115 31.00 -18.63 0.42
C LEU B 115 30.75 -17.48 1.40
N ASP B 116 30.12 -17.77 2.55
CA ASP B 116 29.94 -16.70 3.54
C ASP B 116 31.27 -16.31 4.17
N GLU B 117 32.13 -17.28 4.43
CA GLU B 117 33.46 -16.99 4.97
C GLU B 117 34.26 -16.11 4.01
N LEU B 118 34.01 -16.23 2.71
CA LEU B 118 34.64 -15.33 1.75
C LEU B 118 33.92 -13.98 1.67
N MET B 119 32.59 -13.98 1.76
CA MET B 119 31.82 -12.75 1.65
C MET B 119 32.14 -11.79 2.79
N GLU B 120 32.25 -12.30 4.01
CA GLU B 120 32.63 -11.44 5.13
C GLU B 120 33.99 -10.81 4.89
N ALA B 121 34.91 -11.53 4.25
CA ALA B 121 36.23 -10.97 3.98
C ALA B 121 36.18 -9.90 2.90
N VAL B 122 35.33 -10.09 1.88
CA VAL B 122 35.14 -9.03 0.89
C VAL B 122 34.63 -7.76 1.55
N LEU B 123 33.60 -7.91 2.40
CA LEU B 123 33.06 -6.76 3.12
C LEU B 123 34.14 -6.09 3.97
N GLU B 124 34.98 -6.89 4.64
CA GLU B 124 36.02 -6.30 5.47
C GLU B 124 37.07 -5.59 4.62
N ARG B 125 37.33 -6.10 3.42
CA ARG B 125 38.29 -5.45 2.53
C ARG B 125 37.78 -4.12 2.01
N ILE B 126 36.46 -3.95 1.93
CA ILE B 126 35.90 -2.66 1.50
C ILE B 126 35.75 -1.69 2.68
N LEU B 127 35.14 -2.14 3.78
CA LEU B 127 34.64 -1.26 4.83
C LEU B 127 35.68 -0.88 5.87
N ALA B 128 36.57 -1.79 6.24
CA ALA B 128 37.58 -1.50 7.25
C ALA B 128 38.85 -2.27 6.92
N PRO B 129 39.59 -1.83 5.90
CA PRO B 129 40.70 -2.66 5.40
C PRO B 129 41.75 -3.02 6.45
N GLU B 130 42.05 -2.11 7.37
CA GLU B 130 43.18 -2.34 8.28
C GLU B 130 42.97 -3.56 9.16
N LEU B 131 41.74 -4.04 9.29
CA LEU B 131 41.48 -5.22 10.11
C LEU B 131 41.81 -6.52 9.39
N SER B 132 41.94 -6.48 8.06
CA SER B 132 42.23 -7.69 7.28
C SER B 132 43.64 -8.18 7.52
N ARG B 138 40.86 -16.00 7.52
CA ARG B 138 42.04 -15.93 6.67
C ARG B 138 42.36 -17.29 6.07
N ASN B 139 43.18 -17.30 5.01
CA ASN B 139 43.41 -18.48 4.18
C ASN B 139 42.09 -18.92 3.52
N LEU B 140 41.48 -17.98 2.81
CA LEU B 140 40.16 -18.14 2.23
C LEU B 140 40.17 -19.12 1.05
N ASN B 141 38.97 -19.42 0.54
CA ASN B 141 38.81 -20.31 -0.61
C ASN B 141 38.70 -19.46 -1.87
N PHE B 142 39.86 -19.12 -2.43
CA PHE B 142 39.91 -18.25 -3.60
C PHE B 142 39.44 -18.93 -4.88
N SER B 143 39.14 -20.23 -4.84
CA SER B 143 38.53 -20.86 -6.01
C SER B 143 37.06 -20.47 -6.16
N ILE B 144 36.43 -19.96 -5.09
CA ILE B 144 35.13 -19.33 -5.22
C ILE B 144 35.30 -17.94 -5.83
N TRP B 145 36.39 -17.25 -5.48
CA TRP B 145 36.60 -15.89 -5.96
C TRP B 145 36.95 -15.86 -7.45
N ASN B 146 37.86 -16.74 -7.89
CA ASN B 146 38.31 -16.72 -9.27
C ASN B 146 37.21 -17.06 -10.27
N HIS B 147 36.01 -17.44 -9.84
CA HIS B 147 34.92 -17.68 -10.78
C HIS B 147 34.50 -16.37 -11.44
N THR B 148 34.16 -15.36 -10.64
CA THR B 148 33.88 -14.02 -11.16
C THR B 148 34.31 -13.01 -10.10
N PRO B 149 35.58 -12.62 -10.11
CA PRO B 149 36.04 -11.68 -9.09
C PRO B 149 35.49 -10.28 -9.32
N LEU B 150 35.25 -9.57 -8.22
CA LEU B 150 34.96 -8.16 -8.33
C LEU B 150 36.25 -7.39 -8.56
N VAL B 151 36.20 -6.39 -9.43
CA VAL B 151 37.34 -5.53 -9.68
C VAL B 151 36.92 -4.10 -9.41
N LEU B 152 37.79 -3.36 -8.73
CA LEU B 152 37.67 -1.92 -8.67
C LEU B 152 38.13 -1.34 -10.01
N ILE B 153 37.41 -0.35 -10.49
CA ILE B 153 37.79 0.41 -11.68
C ILE B 153 37.69 1.88 -11.31
N ASP B 154 38.76 2.64 -11.53
CA ASP B 154 38.66 4.08 -11.39
C ASP B 154 39.23 4.75 -12.63
N GLU B 155 38.44 5.64 -13.20
CA GLU B 155 38.73 6.30 -14.47
C GLU B 155 39.02 7.78 -14.28
N ARG B 156 39.24 8.20 -13.04
CA ARG B 156 39.52 9.60 -12.72
C ARG B 156 40.90 10.06 -13.21
N ASN B 157 41.63 9.20 -13.94
CA ASN B 157 42.85 9.57 -14.63
C ASN B 157 42.66 9.14 -16.08
N PRO B 158 41.93 9.92 -16.87
CA PRO B 158 41.39 9.41 -18.16
C PRO B 158 42.40 8.72 -19.05
N HIS B 159 43.65 9.18 -19.09
CA HIS B 159 44.61 8.61 -20.03
C HIS B 159 45.11 7.24 -19.60
N HIS B 160 44.76 6.77 -18.41
CA HIS B 160 45.34 5.54 -17.88
C HIS B 160 44.47 4.95 -16.77
N PRO B 161 43.28 4.44 -17.08
CA PRO B 161 42.43 3.86 -16.04
C PRO B 161 43.11 2.66 -15.40
N MET B 162 42.78 2.41 -14.14
CA MET B 162 43.31 1.29 -13.38
C MET B 162 42.20 0.32 -13.05
N VAL B 163 42.39 -0.95 -13.42
CA VAL B 163 41.46 -2.04 -13.11
C VAL B 163 42.15 -2.94 -12.09
N LEU B 164 41.49 -3.15 -10.95
CA LEU B 164 42.18 -3.62 -9.75
C LEU B 164 41.33 -4.65 -9.02
N ASP B 165 41.87 -5.86 -8.87
CA ASP B 165 41.19 -6.92 -8.11
C ASP B 165 41.29 -6.65 -6.62
N LEU B 166 40.21 -6.93 -5.88
CA LEU B 166 40.17 -6.61 -4.46
C LEU B 166 41.17 -7.44 -3.65
N PHE B 167 41.61 -8.59 -4.15
CA PHE B 167 42.53 -9.46 -3.43
C PHE B 167 43.77 -9.72 -4.27
N GLY B 168 44.79 -10.27 -3.61
CA GLY B 168 46.07 -10.53 -4.27
C GLY B 168 46.92 -9.30 -4.52
N ASP B 169 46.59 -8.18 -3.88
CA ASP B 169 47.32 -6.93 -4.07
C ASP B 169 48.67 -6.94 -3.35
N ALA B 179 48.59 6.88 -0.13
CA ALA B 179 48.92 5.47 -0.28
C ALA B 179 48.34 4.66 0.88
N SER B 180 47.19 5.08 1.40
CA SER B 180 46.49 4.30 2.40
C SER B 180 45.76 3.14 1.74
N GLU B 181 45.16 2.29 2.57
CA GLU B 181 44.62 1.01 2.12
C GLU B 181 43.15 1.05 1.71
N LYS B 182 42.59 2.23 1.42
CA LYS B 182 41.16 2.35 1.16
C LYS B 182 40.82 2.13 -0.30
N ILE B 183 39.68 1.44 -0.54
CA ILE B 183 39.08 1.37 -1.86
C ILE B 183 38.37 2.68 -2.14
N CYS B 184 38.45 3.18 -3.38
CA CYS B 184 37.91 4.50 -3.70
C CYS B 184 36.43 4.44 -4.04
N ASN B 185 35.67 5.41 -3.50
CA ASN B 185 34.24 5.53 -3.71
C ASN B 185 33.87 6.81 -4.46
N ALA B 186 34.84 7.45 -5.11
CA ALA B 186 34.63 8.76 -5.73
C ALA B 186 33.74 8.66 -6.97
N HIS B 187 33.39 9.83 -7.51
CA HIS B 187 32.49 9.90 -8.67
C HIS B 187 33.08 9.25 -9.91
N GLY B 188 34.39 9.03 -9.95
CA GLY B 188 35.05 8.35 -11.05
C GLY B 188 35.37 6.90 -10.81
N CYS B 189 34.96 6.33 -9.67
CA CYS B 189 35.25 4.95 -9.32
C CYS B 189 34.02 4.08 -9.50
N LYS B 190 34.22 2.88 -10.02
CA LYS B 190 33.15 1.92 -10.27
C LYS B 190 33.61 0.55 -9.81
N MET B 191 32.65 -0.37 -9.70
CA MET B 191 32.91 -1.73 -9.27
C MET B 191 32.23 -2.68 -10.24
N ALA B 192 32.89 -3.78 -10.60
CA ALA B 192 32.42 -4.62 -11.68
C ALA B 192 32.81 -6.08 -11.44
N MET B 193 32.07 -6.99 -12.07
CA MET B 193 32.38 -8.41 -12.08
C MET B 193 33.06 -8.76 -13.39
N ARG B 194 34.23 -9.39 -13.32
CA ARG B 194 34.99 -9.74 -14.52
C ARG B 194 34.56 -11.13 -15.00
N LEU B 195 33.48 -11.15 -15.78
CA LEU B 195 32.99 -12.40 -16.37
C LEU B 195 33.92 -12.84 -17.50
N CYS B 196 34.12 -14.15 -17.67
CA CYS B 196 35.11 -14.63 -18.62
C CYS B 196 34.65 -15.92 -19.31
N SER B 197 35.39 -16.27 -20.37
CA SER B 197 35.08 -17.43 -21.21
C SER B 197 36.36 -17.86 -21.94
N LEU B 198 36.31 -19.02 -22.57
CA LEU B 198 37.44 -19.49 -23.37
C LEU B 198 38.74 -19.54 -22.60
N ASN B 199 38.88 -20.44 -21.66
CA ASN B 199 40.08 -20.50 -20.81
C ASN B 199 40.48 -19.11 -20.30
N ARG B 200 39.48 -18.27 -20.06
CA ARG B 200 39.65 -16.89 -19.59
C ARG B 200 40.46 -16.03 -20.56
N THR B 201 40.47 -16.38 -21.86
CA THR B 201 41.11 -15.53 -22.86
C THR B 201 40.17 -14.46 -23.41
N GLN B 202 38.88 -14.50 -23.09
CA GLN B 202 37.93 -13.47 -23.47
C GLN B 202 37.05 -13.15 -22.27
N CYS B 203 36.82 -11.86 -22.02
CA CYS B 203 36.13 -11.44 -20.80
C CYS B 203 35.34 -10.16 -21.04
N THR B 204 34.34 -9.94 -20.20
CA THR B 204 33.52 -8.73 -20.23
C THR B 204 33.07 -8.42 -18.81
N PHE B 205 32.86 -7.13 -18.53
CA PHE B 205 32.55 -6.65 -17.18
C PHE B 205 31.06 -6.38 -17.06
N ARG B 206 30.43 -6.93 -16.02
CA ARG B 206 29.13 -6.42 -15.60
C ARG B 206 29.36 -5.35 -14.56
N ASN B 207 28.75 -4.17 -14.77
CA ASN B 207 29.29 -2.92 -14.23
C ASN B 207 28.28 -2.24 -13.31
N PHE B 208 28.75 -1.85 -12.12
CA PHE B 208 27.92 -1.25 -11.07
C PHE B 208 28.55 0.04 -10.57
N THR B 209 27.72 1.00 -10.13
CA THR B 209 28.23 2.20 -9.47
C THR B 209 28.27 2.08 -7.95
N SER B 210 27.71 1.02 -7.36
CA SER B 210 27.55 0.94 -5.92
C SER B 210 27.98 -0.43 -5.39
N ALA B 211 28.65 -0.42 -4.24
CA ALA B 211 29.08 -1.66 -3.62
C ALA B 211 27.90 -2.50 -3.15
N THR B 212 26.80 -1.88 -2.74
CA THR B 212 25.66 -2.69 -2.29
C THR B 212 25.11 -3.53 -3.44
N GLN B 213 24.91 -2.93 -4.62
CA GLN B 213 24.45 -3.70 -5.76
C GLN B 213 25.50 -4.70 -6.20
N ALA B 214 26.77 -4.28 -6.28
CA ALA B 214 27.82 -5.19 -6.71
C ALA B 214 27.87 -6.43 -5.84
N LEU B 215 27.88 -6.24 -4.52
CA LEU B 215 27.98 -7.38 -3.61
C LEU B 215 26.71 -8.23 -3.64
N THR B 216 25.54 -7.60 -3.71
CA THR B 216 24.30 -8.37 -3.78
C THR B 216 24.29 -9.27 -5.02
N GLU B 217 24.61 -8.69 -6.19
CA GLU B 217 24.56 -9.46 -7.42
C GLU B 217 25.65 -10.52 -7.47
N TRP B 218 26.85 -10.22 -6.97
CA TRP B 218 27.90 -11.21 -6.90
C TRP B 218 27.47 -12.40 -6.04
N TYR B 219 26.90 -12.12 -4.87
CA TYR B 219 26.51 -13.21 -3.99
C TYR B 219 25.36 -14.00 -4.57
N ILE B 220 24.40 -13.35 -5.23
CA ILE B 220 23.30 -14.09 -5.83
C ILE B 220 23.82 -15.01 -6.93
N LEU B 221 24.76 -14.54 -7.75
CA LEU B 221 25.32 -15.40 -8.78
C LEU B 221 26.11 -16.58 -8.17
N GLN B 222 26.89 -16.32 -7.12
CA GLN B 222 27.66 -17.39 -6.50
C GLN B 222 26.74 -18.40 -5.81
N ALA B 223 25.72 -17.93 -5.10
CA ALA B 223 24.79 -18.84 -4.44
C ALA B 223 23.98 -19.63 -5.46
N THR B 224 23.70 -19.05 -6.63
CA THR B 224 23.05 -19.82 -7.68
C THR B 224 23.98 -20.93 -8.17
N ASN B 225 25.26 -20.61 -8.35
CA ASN B 225 26.23 -21.65 -8.71
C ASN B 225 26.25 -22.77 -7.67
N ILE B 226 26.12 -22.42 -6.39
CA ILE B 226 26.12 -23.44 -5.33
C ILE B 226 24.85 -24.28 -5.39
N PHE B 227 23.69 -23.62 -5.40
CA PHE B 227 22.42 -24.34 -5.33
C PHE B 227 22.21 -25.24 -6.54
N ALA B 228 22.62 -24.80 -7.72
CA ALA B 228 22.34 -25.57 -8.94
C ALA B 228 22.99 -26.94 -8.93
N GLN B 229 23.84 -27.26 -7.96
CA GLN B 229 24.50 -28.56 -7.88
C GLN B 229 23.81 -29.52 -6.92
N VAL B 230 22.76 -29.09 -6.24
CA VAL B 230 22.07 -29.90 -5.23
C VAL B 230 20.82 -30.50 -5.85
N PRO B 231 20.51 -31.78 -5.63
CA PRO B 231 19.29 -32.35 -6.21
C PRO B 231 18.04 -31.78 -5.55
N GLN B 232 17.04 -31.47 -6.37
CA GLN B 232 15.90 -30.72 -5.88
C GLN B 232 15.13 -31.47 -4.79
N GLN B 233 15.13 -32.80 -4.84
CA GLN B 233 14.46 -33.57 -3.80
C GLN B 233 15.05 -33.30 -2.41
N GLU B 234 16.30 -32.85 -2.35
CA GLU B 234 16.95 -32.45 -1.10
C GLU B 234 16.88 -30.95 -0.89
N LEU B 235 16.97 -30.17 -1.97
CA LEU B 235 16.93 -28.72 -1.86
C LEU B 235 15.56 -28.23 -1.38
N VAL B 236 14.50 -29.01 -1.64
CA VAL B 236 13.15 -28.64 -1.21
C VAL B 236 12.92 -28.87 0.27
N GLU B 237 13.88 -29.49 0.96
CA GLU B 237 13.77 -29.75 2.39
C GLU B 237 14.63 -28.84 3.25
N MET B 238 15.38 -27.93 2.64
CA MET B 238 16.16 -26.94 3.37
C MET B 238 15.49 -25.57 3.39
N SER B 239 14.24 -25.47 2.98
CA SER B 239 13.47 -24.23 3.08
C SER B 239 12.32 -24.43 4.06
N TYR B 240 11.54 -23.37 4.25
CA TYR B 240 10.55 -23.33 5.33
C TYR B 240 9.42 -24.33 5.12
N PRO B 241 9.25 -25.30 6.03
CA PRO B 241 8.12 -26.22 5.91
C PRO B 241 6.79 -25.51 6.17
N GLY B 242 5.76 -25.95 5.45
CA GLY B 242 4.43 -25.45 5.73
C GLY B 242 4.03 -25.72 7.18
N GLU B 243 4.50 -26.84 7.73
CA GLU B 243 4.26 -27.16 9.13
C GLU B 243 4.72 -26.04 10.04
N GLN B 244 5.83 -25.37 9.70
CA GLN B 244 6.33 -24.27 10.52
C GLN B 244 5.65 -22.96 10.18
N MET B 245 5.42 -22.70 8.89
CA MET B 245 5.10 -21.36 8.44
C MET B 245 3.61 -21.01 8.52
N ILE B 246 2.72 -21.95 8.17
CA ILE B 246 1.28 -21.66 8.16
C ILE B 246 0.77 -22.00 9.56
N LEU B 247 0.77 -20.99 10.43
CA LEU B 247 0.58 -21.18 11.85
C LEU B 247 -0.89 -21.34 12.23
N ALA B 248 -1.81 -20.75 11.46
CA ALA B 248 -3.22 -21.03 11.60
C ALA B 248 -3.93 -20.60 10.32
N CYS B 249 -5.04 -21.27 10.02
CA CYS B 249 -5.75 -20.99 8.77
C CYS B 249 -7.23 -21.27 8.97
N LEU B 250 -8.06 -20.50 8.25
CA LEU B 250 -9.51 -20.63 8.35
C LEU B 250 -10.14 -19.98 7.13
N PHE B 251 -10.95 -20.74 6.38
CA PHE B 251 -11.62 -20.24 5.19
C PHE B 251 -13.13 -20.19 5.47
N GLY B 252 -13.72 -19.01 5.34
CA GLY B 252 -15.09 -18.83 5.78
C GLY B 252 -15.18 -19.17 7.25
N ALA B 253 -15.74 -20.34 7.57
CA ALA B 253 -15.70 -20.88 8.92
C ALA B 253 -15.30 -22.35 8.91
N GLU B 254 -14.64 -22.84 7.84
CA GLU B 254 -14.24 -24.23 7.71
C GLU B 254 -12.76 -24.40 8.08
N PRO B 255 -12.38 -25.44 8.81
CA PRO B 255 -10.98 -25.58 9.23
C PRO B 255 -10.02 -25.66 8.04
N CYS B 256 -8.74 -25.37 8.33
CA CYS B 256 -7.70 -25.36 7.31
C CYS B 256 -6.34 -25.45 8.00
N ASN B 257 -5.39 -26.13 7.34
CA ASN B 257 -4.04 -26.26 7.90
C ASN B 257 -3.07 -26.56 6.77
N TYR B 258 -1.77 -26.65 7.12
CA TYR B 258 -0.72 -26.65 6.11
C TYR B 258 -0.91 -27.73 5.06
N ARG B 259 -1.31 -28.93 5.47
CA ARG B 259 -1.44 -30.04 4.52
C ARG B 259 -2.58 -29.83 3.52
N ASN B 260 -3.33 -28.73 3.65
CA ASN B 260 -4.39 -28.40 2.71
C ASN B 260 -3.90 -27.56 1.54
N PHE B 261 -2.65 -27.12 1.56
CA PHE B 261 -2.03 -26.35 0.48
C PHE B 261 -1.23 -27.28 -0.44
N THR B 262 -1.29 -27.03 -1.74
CA THR B 262 -0.42 -27.73 -2.68
C THR B 262 0.93 -27.04 -2.72
N SER B 263 2.01 -27.79 -2.47
CA SER B 263 3.35 -27.21 -2.42
C SER B 263 4.05 -27.34 -3.76
N ILE B 264 4.86 -26.34 -4.08
CA ILE B 264 5.78 -26.37 -5.21
C ILE B 264 7.08 -25.70 -4.80
N PHE B 265 8.17 -26.10 -5.46
CA PHE B 265 9.46 -25.44 -5.26
C PHE B 265 9.65 -24.40 -6.35
N TYR B 266 9.67 -23.13 -5.95
CA TYR B 266 9.87 -22.03 -6.86
C TYR B 266 11.28 -21.50 -6.67
N PRO B 267 12.21 -21.74 -7.60
CA PRO B 267 13.64 -21.69 -7.24
C PRO B 267 14.14 -20.34 -6.74
N HIS B 268 13.45 -19.24 -6.99
CA HIS B 268 13.88 -17.98 -6.41
C HIS B 268 13.39 -17.79 -4.98
N TYR B 269 12.40 -18.57 -4.53
CA TYR B 269 11.80 -18.39 -3.23
C TYR B 269 11.73 -19.66 -2.38
N GLY B 270 12.18 -20.79 -2.88
CA GLY B 270 12.06 -22.00 -2.10
C GLY B 270 10.64 -22.54 -2.16
N ASN B 271 10.21 -23.19 -1.09
CA ASN B 271 8.88 -23.76 -1.06
C ASN B 271 7.82 -22.67 -1.09
N CYS B 272 6.90 -22.77 -2.03
CA CYS B 272 5.70 -21.95 -2.08
C CYS B 272 4.48 -22.84 -1.90
N TYR B 273 3.48 -22.34 -1.16
CA TYR B 273 2.29 -23.11 -0.85
C TYR B 273 1.08 -22.45 -1.48
N ILE B 274 0.28 -23.24 -2.21
CA ILE B 274 -0.83 -22.72 -3.02
C ILE B 274 -2.13 -23.21 -2.43
N PHE B 275 -3.03 -22.27 -2.12
CA PHE B 275 -4.35 -22.59 -1.58
C PHE B 275 -5.39 -22.60 -2.69
N ASN B 276 -6.34 -23.52 -2.59
CA ASN B 276 -7.48 -23.57 -3.50
C ASN B 276 -7.06 -23.64 -4.97
N TRP B 277 -5.97 -24.35 -5.26
CA TRP B 277 -5.41 -24.35 -6.62
C TRP B 277 -6.35 -24.98 -7.64
N GLY B 278 -7.21 -25.90 -7.22
CA GLY B 278 -8.18 -26.48 -8.13
C GLY B 278 -7.63 -27.49 -9.10
N MET B 279 -6.48 -28.11 -8.80
CA MET B 279 -5.89 -29.11 -9.67
C MET B 279 -6.15 -30.52 -9.16
N THR B 280 -5.66 -30.85 -7.98
CA THR B 280 -5.84 -32.19 -7.42
C THR B 280 -7.24 -32.41 -6.87
N GLU B 281 -7.97 -31.35 -6.52
CA GLU B 281 -9.32 -31.45 -6.00
C GLU B 281 -10.15 -30.28 -6.51
N LYS B 282 -11.47 -30.37 -6.32
CA LYS B 282 -12.35 -29.26 -6.67
C LYS B 282 -11.99 -28.02 -5.87
N ALA B 283 -12.13 -26.86 -6.50
CA ALA B 283 -11.91 -25.58 -5.82
C ALA B 283 -13.16 -25.13 -5.07
N LEU B 284 -12.94 -24.41 -3.97
CA LEU B 284 -14.05 -23.97 -3.12
C LEU B 284 -14.55 -22.58 -3.56
N PRO B 285 -15.86 -22.36 -3.56
CA PRO B 285 -16.38 -21.03 -3.90
C PRO B 285 -16.52 -20.14 -2.67
N SER B 286 -16.60 -18.85 -2.93
CA SER B 286 -16.94 -17.86 -1.91
C SER B 286 -18.18 -17.11 -2.38
N ALA B 287 -19.25 -17.18 -1.59
CA ALA B 287 -20.56 -16.71 -2.00
C ALA B 287 -20.96 -15.38 -1.37
N ASN B 288 -20.11 -14.80 -0.52
CA ASN B 288 -20.45 -13.60 0.21
C ASN B 288 -19.28 -12.63 0.19
N PRO B 289 -19.53 -11.32 0.19
CA PRO B 289 -18.43 -10.35 0.27
C PRO B 289 -17.99 -10.12 1.71
N GLY B 290 -16.85 -9.46 1.85
CA GLY B 290 -16.37 -9.04 3.15
C GLY B 290 -15.49 -10.07 3.84
N THR B 291 -14.79 -9.62 4.89
CA THR B 291 -13.78 -10.46 5.53
C THR B 291 -14.38 -11.63 6.29
N GLU B 292 -15.63 -11.53 6.74
CA GLU B 292 -16.22 -12.65 7.47
C GLU B 292 -16.18 -13.93 6.64
N PHE B 293 -16.24 -13.81 5.31
CA PHE B 293 -16.36 -14.96 4.43
C PHE B 293 -15.19 -15.08 3.46
N GLY B 294 -14.02 -14.60 3.87
CA GLY B 294 -12.80 -14.74 3.09
C GLY B 294 -11.88 -15.79 3.64
N LEU B 295 -10.59 -15.63 3.37
CA LEU B 295 -9.54 -16.51 3.87
C LEU B 295 -8.78 -15.78 4.97
N LYS B 296 -8.64 -16.43 6.12
CA LYS B 296 -8.03 -15.83 7.30
C LYS B 296 -6.80 -16.64 7.70
N LEU B 297 -5.63 -16.01 7.72
CA LEU B 297 -4.36 -16.71 7.91
C LEU B 297 -3.51 -16.03 8.99
N ILE B 298 -2.80 -16.84 9.78
CA ILE B 298 -1.71 -16.40 10.64
C ILE B 298 -0.45 -17.13 10.18
N LEU B 299 0.60 -16.38 9.87
CA LEU B 299 1.81 -16.94 9.27
C LEU B 299 3.04 -16.55 10.07
N ASP B 300 4.05 -17.42 10.09
CA ASP B 300 5.28 -17.23 10.87
C ASP B 300 6.47 -17.01 9.93
N ILE B 301 6.95 -15.77 9.84
CA ILE B 301 8.22 -15.48 9.17
C ILE B 301 9.34 -15.70 10.18
N GLY B 302 10.09 -16.78 10.02
CA GLY B 302 11.22 -17.00 10.90
C GLY B 302 12.39 -16.10 10.57
N GLN B 303 12.28 -14.80 10.86
CA GLN B 303 13.34 -13.86 10.49
C GLN B 303 14.69 -14.23 11.09
N GLU B 304 14.70 -14.79 12.30
CA GLU B 304 15.97 -15.13 12.93
C GLU B 304 16.73 -16.20 12.17
N ASP B 305 16.14 -16.79 11.13
CA ASP B 305 16.73 -17.91 10.41
C ASP B 305 16.86 -17.64 8.91
N TYR B 306 16.75 -16.39 8.49
CA TYR B 306 16.94 -16.00 7.10
C TYR B 306 18.40 -16.16 6.68
N VAL B 307 18.63 -16.34 5.38
CA VAL B 307 19.98 -16.33 4.83
C VAL B 307 20.43 -14.87 4.75
N PRO B 308 21.48 -14.46 5.47
CA PRO B 308 21.69 -13.02 5.69
C PRO B 308 22.05 -12.22 4.44
N PHE B 309 22.66 -12.82 3.42
CA PHE B 309 23.06 -12.06 2.24
C PHE B 309 22.10 -12.20 1.07
N LEU B 310 21.11 -13.09 1.15
CA LEU B 310 20.07 -13.22 0.13
C LEU B 310 18.77 -12.55 0.52
N ALA B 311 18.35 -12.69 1.77
CA ALA B 311 17.03 -12.27 2.20
C ALA B 311 17.07 -10.85 2.77
N SER B 312 17.25 -9.88 1.88
CA SER B 312 17.34 -8.49 2.31
C SER B 312 15.99 -7.94 2.78
N THR B 313 14.88 -8.51 2.33
CA THR B 313 13.54 -8.04 2.66
C THR B 313 12.80 -9.07 3.51
N ALA B 314 12.05 -8.60 4.50
CA ALA B 314 11.29 -9.46 5.41
C ALA B 314 9.80 -9.32 5.15
N GLY B 315 9.15 -10.43 4.84
CA GLY B 315 7.73 -10.45 4.55
C GLY B 315 7.36 -11.74 3.87
N VAL B 316 6.06 -11.93 3.70
CA VAL B 316 5.53 -13.05 2.93
C VAL B 316 5.21 -12.57 1.52
N ARG B 317 5.80 -13.20 0.52
CA ARG B 317 5.51 -12.87 -0.87
C ARG B 317 4.22 -13.59 -1.28
N LEU B 318 3.28 -12.84 -1.82
CA LEU B 318 1.88 -13.25 -1.88
C LEU B 318 1.28 -12.92 -3.24
N MET B 319 0.43 -13.82 -3.75
CA MET B 319 -0.12 -13.66 -5.10
C MET B 319 -1.47 -14.34 -5.21
N LEU B 320 -2.34 -13.76 -6.05
CA LEU B 320 -3.63 -14.33 -6.41
C LEU B 320 -3.62 -14.71 -7.88
N HIS B 321 -4.19 -15.88 -8.21
CA HIS B 321 -4.24 -16.33 -9.60
C HIS B 321 -5.39 -17.31 -9.78
N GLU B 322 -5.74 -17.57 -11.05
CA GLU B 322 -6.85 -18.47 -11.34
C GLU B 322 -6.47 -19.91 -11.09
N GLN B 323 -7.48 -20.74 -10.85
CA GLN B 323 -7.27 -22.17 -10.66
C GLN B 323 -6.43 -22.75 -11.78
N ARG B 324 -5.53 -23.66 -11.40
CA ARG B 324 -4.77 -24.51 -12.32
C ARG B 324 -3.74 -23.77 -13.15
N SER B 325 -3.48 -22.48 -12.88
CA SER B 325 -2.39 -21.76 -13.53
C SER B 325 -1.19 -21.66 -12.59
N TYR B 326 0.00 -21.48 -13.19
CA TYR B 326 1.24 -21.46 -12.42
C TYR B 326 1.47 -20.07 -11.82
N PRO B 327 1.92 -19.99 -10.56
CA PRO B 327 2.12 -18.67 -9.94
C PRO B 327 3.47 -18.06 -10.26
N PHE B 328 3.51 -17.05 -11.14
CA PHE B 328 4.76 -16.35 -11.43
C PHE B 328 4.97 -15.25 -10.38
N ILE B 329 5.23 -15.74 -9.17
CA ILE B 329 5.26 -14.93 -7.95
C ILE B 329 6.36 -13.87 -7.98
N ARG B 330 7.35 -13.99 -8.87
CA ARG B 330 8.44 -13.03 -8.90
C ARG B 330 7.96 -11.64 -9.29
N ASP B 331 7.09 -11.53 -10.29
CA ASP B 331 6.68 -10.23 -10.80
C ASP B 331 5.23 -9.87 -10.51
N GLU B 332 4.36 -10.85 -10.22
CA GLU B 332 2.98 -10.56 -9.84
C GLU B 332 2.80 -10.31 -8.34
N GLY B 333 3.77 -10.68 -7.51
CA GLY B 333 3.50 -10.87 -6.10
C GLY B 333 3.41 -9.60 -5.27
N ILE B 334 2.45 -9.60 -4.35
CA ILE B 334 2.37 -8.64 -3.25
C ILE B 334 3.38 -9.01 -2.17
N TYR B 335 3.61 -8.09 -1.23
CA TYR B 335 4.30 -8.38 0.03
C TYR B 335 3.35 -8.16 1.19
N ALA B 336 3.47 -8.98 2.22
CA ALA B 336 2.77 -8.77 3.48
C ALA B 336 3.79 -8.59 4.59
N MET B 337 3.58 -7.56 5.42
CA MET B 337 4.54 -7.14 6.43
C MET B 337 4.26 -7.81 7.76
N SER B 338 5.32 -8.08 8.54
CA SER B 338 5.16 -8.71 9.83
C SER B 338 4.61 -7.73 10.86
N GLY B 339 4.13 -8.27 11.97
CA GLY B 339 3.54 -7.45 13.01
C GLY B 339 2.33 -6.66 12.54
N THR B 340 1.69 -7.08 11.45
CA THR B 340 0.67 -6.29 10.79
C THR B 340 -0.42 -7.22 10.26
N GLU B 341 -1.68 -6.81 10.43
CA GLU B 341 -2.82 -7.53 9.85
C GLU B 341 -3.15 -6.91 8.49
N THR B 342 -2.88 -7.65 7.43
CA THR B 342 -3.08 -7.18 6.06
C THR B 342 -4.40 -7.70 5.55
N SER B 343 -5.26 -6.81 5.08
CA SER B 343 -6.56 -7.18 4.52
C SER B 343 -6.59 -6.82 3.04
N ILE B 344 -6.87 -7.80 2.19
CA ILE B 344 -6.79 -7.64 0.74
C ILE B 344 -8.18 -7.90 0.15
N GLY B 345 -8.81 -6.86 -0.38
CA GLY B 345 -10.11 -6.99 -1.02
C GLY B 345 -9.95 -7.20 -2.51
N VAL B 346 -10.61 -8.23 -3.04
CA VAL B 346 -10.36 -8.73 -4.38
C VAL B 346 -11.53 -8.37 -5.31
N LEU B 347 -11.19 -7.95 -6.53
CA LEU B 347 -12.14 -7.79 -7.63
C LEU B 347 -11.60 -8.52 -8.85
N VAL B 348 -12.35 -9.48 -9.37
CA VAL B 348 -11.95 -10.25 -10.54
C VAL B 348 -12.36 -9.47 -11.78
N ASP B 349 -11.39 -9.13 -12.63
CA ASP B 349 -11.56 -8.11 -13.67
C ASP B 349 -11.16 -8.67 -15.04
N LYS B 350 -12.02 -9.50 -15.63
CA LYS B 350 -11.67 -10.24 -16.84
C LYS B 350 -11.90 -9.43 -18.11
N LEU B 351 -11.18 -9.81 -19.18
CA LEU B 351 -11.43 -9.31 -20.53
C LEU B 351 -11.24 -10.45 -21.51
N GLN B 352 -12.29 -10.80 -22.25
CA GLN B 352 -12.31 -11.95 -23.13
C GLN B 352 -12.36 -11.49 -24.59
N ARG B 353 -11.41 -11.95 -25.40
CA ARG B 353 -11.34 -11.58 -26.81
C ARG B 353 -11.69 -12.77 -27.71
N MET B 354 -11.93 -12.47 -29.00
CA MET B 354 -12.49 -13.46 -29.90
C MET B 354 -11.48 -14.52 -30.32
N GLY B 355 -10.35 -14.11 -30.87
CA GLY B 355 -9.39 -15.03 -31.48
C GLY B 355 -9.00 -14.58 -32.88
N GLU B 356 -8.27 -15.45 -33.57
CA GLU B 356 -7.57 -15.04 -34.79
C GLU B 356 -8.43 -14.28 -35.80
N PRO B 357 -9.64 -14.72 -36.18
CA PRO B 357 -10.39 -13.97 -37.19
C PRO B 357 -10.75 -12.56 -36.79
N TYR B 358 -10.43 -12.14 -35.55
CA TYR B 358 -10.60 -10.75 -35.14
C TYR B 358 -9.42 -10.20 -34.35
N SER B 359 -8.58 -11.02 -33.72
CA SER B 359 -7.42 -10.55 -32.97
C SER B 359 -6.41 -11.69 -32.83
N PRO B 360 -5.09 -11.38 -32.77
CA PRO B 360 -4.07 -12.45 -32.82
C PRO B 360 -3.97 -13.42 -31.64
N CYS B 361 -4.84 -13.34 -30.64
CA CYS B 361 -4.63 -14.13 -29.42
C CYS B 361 -4.85 -15.62 -29.65
N THR B 362 -4.38 -16.44 -28.70
CA THR B 362 -4.53 -17.89 -28.74
C THR B 362 -5.45 -18.36 -27.62
N VAL B 363 -6.26 -19.40 -27.90
CA VAL B 363 -7.28 -19.83 -26.95
C VAL B 363 -6.73 -20.83 -25.93
N ASN B 364 -5.80 -21.72 -26.33
CA ASN B 364 -5.32 -22.74 -25.42
C ASN B 364 -3.84 -23.07 -25.58
N GLY B 365 -3.11 -22.43 -26.48
CA GLY B 365 -1.67 -22.62 -26.57
C GLY B 365 -1.21 -23.87 -27.30
N SER B 366 -2.12 -24.63 -27.91
CA SER B 366 -1.68 -25.80 -28.66
C SER B 366 -0.98 -25.43 -29.96
N GLU B 367 -1.13 -24.19 -30.41
CA GLU B 367 -0.66 -23.78 -31.74
C GLU B 367 0.70 -23.09 -31.74
N VAL B 368 1.24 -22.69 -30.59
CA VAL B 368 2.40 -21.80 -30.58
C VAL B 368 3.68 -22.54 -30.95
N PRO B 369 4.69 -21.86 -31.49
CA PRO B 369 5.88 -22.57 -31.98
C PRO B 369 6.74 -23.25 -30.92
N VAL B 370 6.78 -22.72 -29.69
CA VAL B 370 7.77 -23.13 -28.70
C VAL B 370 7.10 -23.96 -27.60
N GLN B 371 7.65 -25.14 -27.33
CA GLN B 371 7.15 -26.00 -26.27
C GLN B 371 7.39 -25.38 -24.91
N ASN B 372 6.52 -25.70 -23.95
CA ASN B 372 6.60 -25.11 -22.61
C ASN B 372 7.12 -26.16 -21.63
N PHE B 373 8.21 -25.81 -20.92
CA PHE B 373 8.86 -26.71 -19.98
C PHE B 373 8.09 -26.87 -18.68
N TYR B 374 7.02 -26.11 -18.48
CA TYR B 374 6.16 -26.25 -17.30
C TYR B 374 5.11 -27.35 -17.48
N SER B 375 5.30 -28.26 -18.42
CA SER B 375 4.28 -29.26 -18.70
C SER B 375 4.08 -30.23 -17.54
N ASP B 376 5.14 -30.57 -16.81
CA ASP B 376 5.00 -31.56 -15.75
C ASP B 376 4.36 -30.99 -14.48
N TYR B 377 3.95 -29.72 -14.48
CA TYR B 377 3.04 -29.19 -13.48
C TYR B 377 1.58 -29.30 -13.92
N ASN B 378 1.33 -29.70 -15.16
CA ASN B 378 -0.02 -29.89 -15.71
C ASN B 378 -0.88 -28.63 -15.64
N THR B 379 -0.25 -27.46 -15.60
CA THR B 379 -0.99 -26.19 -15.56
C THR B 379 -1.47 -25.76 -16.95
N THR B 380 -2.35 -24.76 -16.97
CA THR B 380 -2.85 -24.19 -18.22
C THR B 380 -1.82 -23.26 -18.84
N TYR B 381 -2.01 -22.97 -20.13
CA TYR B 381 -1.09 -22.12 -20.87
C TYR B 381 -1.14 -20.68 -20.39
N SER B 382 0.00 -19.99 -20.47
CA SER B 382 0.08 -18.56 -20.19
C SER B 382 1.35 -17.99 -20.81
N ILE B 383 1.27 -16.73 -21.23
CA ILE B 383 2.34 -16.18 -22.07
C ILE B 383 3.64 -16.05 -21.28
N GLN B 384 3.57 -15.82 -19.97
CA GLN B 384 4.82 -15.77 -19.22
C GLN B 384 5.49 -17.13 -19.14
N ALA B 385 4.69 -18.21 -19.07
CA ALA B 385 5.27 -19.54 -19.20
C ALA B 385 5.95 -19.70 -20.55
N CYS B 386 5.36 -19.14 -21.60
CA CYS B 386 5.98 -19.24 -22.92
C CYS B 386 7.29 -18.43 -22.99
N LEU B 387 7.32 -17.24 -22.40
CA LEU B 387 8.55 -16.43 -22.41
C LEU B 387 9.66 -17.13 -21.64
N ARG B 388 9.34 -17.61 -20.44
CA ARG B 388 10.33 -18.30 -19.63
C ARG B 388 10.74 -19.64 -20.21
N SER B 389 10.02 -20.15 -21.22
CA SER B 389 10.54 -21.29 -21.95
C SER B 389 11.32 -20.90 -23.21
N CYS B 390 11.04 -19.76 -23.84
CA CYS B 390 11.99 -19.21 -24.79
C CYS B 390 13.37 -19.14 -24.16
N PHE B 391 13.45 -18.43 -23.03
CA PHE B 391 14.75 -18.10 -22.46
C PHE B 391 15.54 -19.37 -22.14
N GLN B 392 14.89 -20.36 -21.54
CA GLN B 392 15.57 -21.60 -21.20
C GLN B 392 15.94 -22.38 -22.46
N ASP B 393 15.09 -22.35 -23.49
CA ASP B 393 15.43 -23.04 -24.72
C ASP B 393 16.68 -22.44 -25.35
N HIS B 394 16.77 -21.10 -25.38
CA HIS B 394 17.93 -20.45 -25.97
C HIS B 394 19.17 -20.63 -25.12
N MET B 395 19.01 -20.67 -23.79
CA MET B 395 20.15 -20.99 -22.93
C MET B 395 20.69 -22.38 -23.25
N ILE B 396 19.80 -23.37 -23.35
CA ILE B 396 20.25 -24.73 -23.68
C ILE B 396 20.89 -24.75 -25.05
N ARG B 397 20.37 -23.95 -25.99
CA ARG B 397 20.93 -23.90 -27.34
C ARG B 397 22.33 -23.31 -27.35
N ASN B 398 22.56 -22.24 -26.57
CA ASN B 398 23.85 -21.55 -26.60
C ASN B 398 24.88 -22.21 -25.68
N CYS B 399 24.57 -22.34 -24.39
CA CYS B 399 25.54 -22.72 -23.38
C CYS B 399 25.59 -24.22 -23.10
N ASN B 400 24.71 -25.01 -23.71
CA ASN B 400 24.60 -26.46 -23.47
C ASN B 400 24.18 -26.78 -22.03
N CYS B 401 23.55 -25.84 -21.33
CA CYS B 401 23.02 -26.08 -20.00
C CYS B 401 21.81 -25.17 -19.79
N GLY B 402 21.01 -25.50 -18.79
CA GLY B 402 19.84 -24.71 -18.44
C GLY B 402 20.07 -23.96 -17.14
N HIS B 403 19.47 -22.77 -17.03
CA HIS B 403 19.69 -21.94 -15.87
C HIS B 403 18.82 -22.39 -14.71
N TYR B 404 19.26 -22.06 -13.50
CA TYR B 404 18.66 -22.60 -12.28
C TYR B 404 17.24 -22.08 -12.05
N LEU B 405 16.98 -20.81 -12.39
CA LEU B 405 15.71 -20.19 -12.04
C LEU B 405 14.52 -20.69 -12.87
N TYR B 406 14.68 -21.67 -13.75
CA TYR B 406 13.62 -22.11 -14.63
C TYR B 406 13.57 -23.63 -14.69
N PRO B 407 12.47 -24.21 -15.15
CA PRO B 407 12.41 -25.67 -15.30
C PRO B 407 13.47 -26.16 -16.27
N LEU B 408 13.51 -27.48 -16.45
CA LEU B 408 14.56 -28.08 -17.26
C LEU B 408 14.04 -29.30 -18.03
N PRO B 409 14.14 -29.34 -19.35
CA PRO B 409 13.74 -30.57 -20.06
C PRO B 409 14.65 -31.72 -19.69
N ARG B 410 14.08 -32.93 -19.68
CA ARG B 410 14.66 -34.04 -18.92
C ARG B 410 16.09 -34.40 -19.32
N GLY B 411 16.57 -33.99 -20.49
CA GLY B 411 17.88 -34.42 -20.94
C GLY B 411 19.04 -33.54 -20.51
N GLU B 412 18.76 -32.32 -20.05
CA GLU B 412 19.81 -31.32 -19.84
C GLU B 412 20.26 -31.27 -18.37
N LYS B 413 21.30 -30.48 -18.13
CA LYS B 413 21.85 -30.25 -16.80
C LYS B 413 21.74 -28.78 -16.44
N TYR B 414 21.64 -28.50 -15.13
CA TYR B 414 21.65 -27.12 -14.68
C TYR B 414 23.07 -26.55 -14.76
N CYS B 415 23.17 -25.29 -15.16
CA CYS B 415 24.47 -24.64 -15.30
C CYS B 415 25.17 -24.53 -13.95
N ASN B 416 26.45 -24.90 -13.93
CA ASN B 416 27.27 -24.78 -12.72
C ASN B 416 28.73 -24.73 -13.12
N ASN B 417 29.56 -24.23 -12.19
CA ASN B 417 30.96 -23.95 -12.49
C ASN B 417 31.80 -25.19 -12.74
N ARG B 418 31.38 -26.36 -12.24
CA ARG B 418 32.17 -27.56 -12.48
C ARG B 418 32.03 -28.03 -13.92
N ASP B 419 30.80 -28.17 -14.39
CA ASP B 419 30.51 -28.74 -15.69
C ASP B 419 30.62 -27.72 -16.82
N PHE B 420 30.24 -26.47 -16.57
CA PHE B 420 30.13 -25.45 -17.61
C PHE B 420 30.84 -24.18 -17.15
N PRO B 421 32.17 -24.14 -17.23
CA PRO B 421 32.91 -23.00 -16.68
C PRO B 421 32.52 -21.65 -17.27
N ASP B 422 31.98 -21.61 -18.48
CA ASP B 422 31.66 -20.37 -19.17
C ASP B 422 30.22 -19.91 -18.93
N TRP B 423 29.49 -20.56 -18.01
CA TRP B 423 28.05 -20.31 -17.93
C TRP B 423 27.73 -18.91 -17.47
N ALA B 424 28.55 -18.31 -16.60
CA ALA B 424 28.24 -16.97 -16.12
C ALA B 424 28.19 -15.96 -17.26
N HIS B 425 29.22 -15.95 -18.10
CA HIS B 425 29.25 -15.06 -19.26
C HIS B 425 28.12 -15.40 -20.22
N CYS B 426 27.95 -16.70 -20.53
CA CYS B 426 26.95 -17.11 -21.50
C CYS B 426 25.54 -16.73 -21.05
N TYR B 427 25.29 -16.75 -19.74
CA TYR B 427 23.98 -16.36 -19.22
C TYR B 427 23.83 -14.84 -19.21
N SER B 428 24.88 -14.11 -18.82
CA SER B 428 24.78 -12.66 -18.77
C SER B 428 24.44 -12.08 -20.13
N ASP B 429 25.00 -12.64 -21.21
CA ASP B 429 24.65 -12.16 -22.53
C ASP B 429 23.14 -12.26 -22.78
N LEU B 430 22.55 -13.42 -22.53
CA LEU B 430 21.11 -13.59 -22.78
C LEU B 430 20.28 -12.73 -21.83
N GLN B 431 20.75 -12.56 -20.58
CA GLN B 431 19.99 -11.76 -19.63
C GLN B 431 19.93 -10.30 -20.06
N MET B 432 21.02 -9.77 -20.61
CA MET B 432 21.07 -8.35 -20.94
C MET B 432 20.73 -8.05 -22.40
N SER B 433 20.60 -9.06 -23.25
CA SER B 433 20.29 -8.83 -24.66
C SER B 433 18.81 -8.50 -24.82
N VAL B 434 18.51 -7.26 -25.25
CA VAL B 434 17.12 -6.88 -25.52
C VAL B 434 16.62 -7.53 -26.79
N ALA B 435 17.51 -7.84 -27.73
CA ALA B 435 17.10 -8.50 -28.97
C ALA B 435 16.50 -9.87 -28.68
N GLN B 436 17.02 -10.58 -27.66
CA GLN B 436 16.45 -11.87 -27.29
C GLN B 436 15.02 -11.71 -26.79
N ARG B 437 14.78 -10.72 -25.92
CA ARG B 437 13.42 -10.47 -25.45
C ARG B 437 12.50 -10.14 -26.62
N GLU B 438 12.98 -9.34 -27.57
CA GLU B 438 12.16 -8.98 -28.72
C GLU B 438 11.82 -10.20 -29.58
N THR B 439 12.81 -11.03 -29.90
CA THR B 439 12.55 -12.18 -30.76
C THR B 439 11.73 -13.25 -30.06
N CYS B 440 11.65 -13.25 -28.74
CA CYS B 440 10.72 -14.17 -28.08
C CYS B 440 9.31 -13.59 -27.98
N ILE B 441 9.17 -12.30 -27.69
CA ILE B 441 7.84 -11.70 -27.69
C ILE B 441 7.23 -11.78 -29.07
N GLY B 442 8.05 -11.80 -30.11
CA GLY B 442 7.54 -12.07 -31.44
C GLY B 442 7.20 -13.53 -31.71
N MET B 443 7.41 -14.41 -30.74
CA MET B 443 7.22 -15.85 -30.89
C MET B 443 6.15 -16.43 -29.98
N CYS B 444 5.82 -15.76 -28.87
CA CYS B 444 4.78 -16.21 -27.95
C CYS B 444 3.50 -15.39 -28.15
N LYS B 445 2.42 -16.06 -28.56
CA LYS B 445 1.13 -15.41 -28.68
C LYS B 445 0.45 -15.32 -27.31
N GLU B 446 -0.20 -14.19 -27.04
CA GLU B 446 -0.80 -14.00 -25.72
C GLU B 446 -2.22 -14.58 -25.68
N SER B 447 -2.66 -14.92 -24.47
CA SER B 447 -3.91 -15.63 -24.28
C SER B 447 -5.11 -14.70 -24.51
N CYS B 448 -6.23 -15.29 -24.93
CA CYS B 448 -7.44 -14.52 -25.22
C CYS B 448 -8.20 -14.11 -23.97
N ASN B 449 -7.90 -14.67 -22.80
CA ASN B 449 -8.63 -14.38 -21.57
C ASN B 449 -7.72 -13.63 -20.60
N ASP B 450 -7.72 -12.30 -20.72
CA ASP B 450 -6.94 -11.45 -19.82
C ASP B 450 -7.61 -11.31 -18.48
N THR B 451 -7.28 -12.18 -17.52
CA THR B 451 -7.94 -12.23 -16.21
C THR B 451 -7.02 -11.67 -15.14
N GLN B 452 -7.54 -10.77 -14.31
CA GLN B 452 -6.72 -10.01 -13.39
C GLN B 452 -7.47 -9.78 -12.07
N TYR B 453 -6.70 -9.54 -11.00
CA TYR B 453 -7.24 -9.35 -9.67
C TYR B 453 -6.85 -7.96 -9.16
N LYS B 454 -7.84 -7.06 -9.08
CA LYS B 454 -7.60 -5.68 -8.70
C LYS B 454 -7.72 -5.53 -7.18
N MET B 455 -6.60 -5.80 -6.51
CA MET B 455 -6.55 -5.86 -5.06
C MET B 455 -6.62 -4.47 -4.42
N THR B 456 -7.35 -4.38 -3.31
CA THR B 456 -7.33 -3.23 -2.41
C THR B 456 -6.69 -3.64 -1.09
N ILE B 457 -5.51 -3.11 -0.78
CA ILE B 457 -4.73 -3.56 0.37
C ILE B 457 -4.86 -2.56 1.52
N SER B 458 -5.09 -3.10 2.72
CA SER B 458 -5.30 -2.33 3.94
C SER B 458 -4.50 -2.96 5.08
N MET B 459 -4.04 -2.14 6.03
CA MET B 459 -3.12 -2.63 7.06
C MET B 459 -3.42 -2.02 8.42
N ALA B 460 -3.23 -2.81 9.48
CA ALA B 460 -3.35 -2.36 10.86
C ALA B 460 -2.39 -3.15 11.74
N ASP B 461 -1.92 -2.53 12.83
CA ASP B 461 -0.99 -3.20 13.73
C ASP B 461 -1.68 -4.33 14.47
N TRP B 462 -1.04 -5.49 14.53
CA TRP B 462 -1.65 -6.68 15.14
C TRP B 462 -0.57 -7.59 15.72
N PRO B 463 -0.74 -8.08 16.97
CA PRO B 463 -1.82 -7.82 17.92
C PRO B 463 -1.65 -6.51 18.67
N SER B 464 -2.74 -5.94 19.18
CA SER B 464 -2.65 -4.72 19.97
C SER B 464 -1.94 -4.99 21.29
N GLU B 465 -1.40 -3.92 21.88
CA GLU B 465 -0.58 -4.05 23.08
C GLU B 465 -1.28 -4.85 24.17
N ALA B 466 -2.59 -4.65 24.34
CA ALA B 466 -3.32 -5.30 25.43
C ALA B 466 -3.49 -6.80 25.24
N SER B 467 -3.32 -7.32 24.02
CA SER B 467 -3.61 -8.72 23.70
C SER B 467 -2.38 -9.55 23.37
N GLU B 468 -1.23 -8.90 23.17
CA GLU B 468 -0.02 -9.63 22.79
C GLU B 468 0.29 -10.76 23.76
N ASP B 469 0.25 -10.43 25.04
CA ASP B 469 0.63 -11.40 26.06
C ASP B 469 -0.24 -12.62 26.19
N TRP B 470 -1.37 -12.69 25.49
CA TRP B 470 -2.12 -13.94 25.53
C TRP B 470 -2.18 -14.55 24.13
N ILE B 471 -2.18 -13.72 23.09
CA ILE B 471 -2.17 -14.28 21.74
C ILE B 471 -0.90 -15.08 21.50
N PHE B 472 0.26 -14.52 21.87
CA PHE B 472 1.48 -15.26 21.59
C PHE B 472 1.66 -16.45 22.54
N HIS B 473 1.10 -16.41 23.75
CA HIS B 473 1.12 -17.61 24.58
C HIS B 473 0.29 -18.73 23.96
N VAL B 474 -0.92 -18.39 23.48
CA VAL B 474 -1.78 -19.39 22.83
C VAL B 474 -1.07 -19.99 21.62
N LEU B 475 -0.57 -19.12 20.73
CA LEU B 475 0.08 -19.61 19.52
C LEU B 475 1.33 -20.44 19.84
N SER B 476 2.11 -20.01 20.83
CA SER B 476 3.27 -20.80 21.21
C SER B 476 2.85 -22.16 21.75
N GLN B 477 1.75 -22.22 22.49
CA GLN B 477 1.33 -23.44 23.15
C GLN B 477 0.65 -24.43 22.20
N GLU B 478 0.30 -24.02 20.98
CA GLU B 478 -0.31 -25.00 20.08
C GLU B 478 0.36 -25.05 18.69
N ARG B 479 1.69 -25.12 18.63
CA ARG B 479 2.38 -25.31 17.35
C ARG B 479 2.38 -26.77 16.88
N ASP B 480 1.85 -27.69 17.68
CA ASP B 480 1.85 -29.14 17.43
C ASP B 480 3.23 -29.66 16.96
N GLN B 481 4.31 -29.08 17.47
CA GLN B 481 5.66 -29.62 17.30
C GLN B 481 6.40 -29.49 18.63
N SER B 482 7.25 -30.47 18.94
CA SER B 482 7.89 -30.60 20.24
C SER B 482 9.21 -29.82 20.36
N THR B 483 9.44 -28.79 19.53
CA THR B 483 10.71 -28.07 19.55
C THR B 483 10.47 -26.59 19.26
N ASN B 484 11.47 -25.78 19.61
CA ASN B 484 11.48 -24.33 19.36
C ASN B 484 10.25 -23.66 19.98
N ILE B 485 10.20 -23.72 21.30
CA ILE B 485 9.09 -23.16 22.07
C ILE B 485 8.98 -21.66 21.84
N THR B 486 10.11 -20.98 21.68
CA THR B 486 10.12 -19.52 21.59
C THR B 486 9.61 -19.01 20.24
N LEU B 487 8.29 -18.94 20.10
CA LEU B 487 7.68 -18.32 18.93
C LEU B 487 8.05 -16.84 18.88
N SER B 488 8.72 -16.44 17.80
CA SER B 488 9.26 -15.08 17.70
C SER B 488 8.13 -14.06 17.60
N ARG B 489 8.19 -13.03 18.45
CA ARG B 489 7.08 -12.07 18.54
C ARG B 489 7.06 -11.10 17.37
N LYS B 490 8.21 -10.87 16.72
CA LYS B 490 8.28 -9.90 15.63
C LYS B 490 8.26 -10.53 14.25
N GLY B 491 7.91 -11.82 14.15
CA GLY B 491 7.89 -12.50 12.87
C GLY B 491 6.51 -12.86 12.34
N ILE B 492 5.47 -12.63 13.14
CA ILE B 492 4.13 -13.12 12.80
C ILE B 492 3.41 -12.16 11.87
N VAL B 493 2.67 -12.73 10.89
CA VAL B 493 1.84 -12.01 9.94
C VAL B 493 0.40 -12.47 10.13
N LYS B 494 -0.57 -11.64 9.77
CA LYS B 494 -1.96 -12.06 9.65
C LYS B 494 -2.54 -11.52 8.35
N LEU B 495 -3.21 -12.39 7.59
CA LEU B 495 -3.82 -12.01 6.32
C LEU B 495 -5.32 -12.24 6.37
N ASN B 496 -6.07 -11.32 5.78
CA ASN B 496 -7.46 -11.53 5.42
C ASN B 496 -7.60 -11.25 3.93
N ILE B 497 -8.05 -12.24 3.17
CA ILE B 497 -8.26 -12.10 1.74
C ILE B 497 -9.73 -12.38 1.47
N TYR B 498 -10.42 -11.42 0.82
CA TYR B 498 -11.86 -11.48 0.73
C TYR B 498 -12.33 -10.86 -0.58
N PHE B 499 -13.50 -11.30 -1.05
CA PHE B 499 -14.12 -10.68 -2.22
C PHE B 499 -14.69 -9.32 -1.85
N GLN B 500 -14.39 -8.31 -2.66
CA GLN B 500 -14.81 -6.95 -2.40
C GLN B 500 -16.31 -6.79 -2.71
N GLU B 501 -16.89 -5.69 -2.22
CA GLU B 501 -18.33 -5.47 -2.36
C GLU B 501 -18.81 -5.77 -3.77
N PHE B 502 -18.18 -5.15 -4.76
CA PHE B 502 -18.25 -5.61 -6.15
C PHE B 502 -17.07 -6.54 -6.38
N ASN B 503 -17.34 -7.81 -6.65
CA ASN B 503 -16.25 -8.77 -6.85
C ASN B 503 -16.11 -9.25 -8.28
N TYR B 504 -16.94 -8.78 -9.20
CA TYR B 504 -16.96 -9.29 -10.58
C TYR B 504 -17.05 -8.15 -11.57
N ARG B 505 -16.13 -8.10 -12.51
CA ARG B 505 -16.17 -7.18 -13.63
C ARG B 505 -15.66 -7.93 -14.86
N THR B 506 -16.38 -7.83 -15.97
CA THR B 506 -15.99 -8.56 -17.17
C THR B 506 -16.29 -7.75 -18.42
N ILE B 507 -15.33 -7.75 -19.34
CA ILE B 507 -15.48 -7.19 -20.69
C ILE B 507 -15.40 -8.35 -21.67
N GLU B 508 -16.32 -8.40 -22.61
CA GLU B 508 -16.39 -9.53 -23.54
C GLU B 508 -16.64 -9.03 -24.95
N GLU B 509 -15.84 -9.49 -25.90
CA GLU B 509 -16.09 -9.23 -27.31
C GLU B 509 -17.22 -10.11 -27.81
N SER B 510 -18.09 -9.53 -28.64
CA SER B 510 -19.21 -10.25 -29.22
C SER B 510 -19.37 -9.87 -30.68
N ALA B 511 -19.70 -10.86 -31.52
CA ALA B 511 -19.86 -10.61 -32.94
C ALA B 511 -21.16 -9.86 -33.22
N ALA B 512 -21.07 -8.77 -33.98
CA ALA B 512 -22.24 -7.94 -34.29
C ALA B 512 -23.21 -8.67 -35.20
N VAL C 81 -21.90 6.70 -32.37
CA VAL C 81 -20.50 6.41 -32.07
C VAL C 81 -20.39 5.05 -31.38
N SER C 82 -19.17 4.55 -31.26
CA SER C 82 -18.94 3.22 -30.72
C SER C 82 -17.62 3.19 -29.95
N VAL C 83 -17.44 2.15 -29.15
CA VAL C 83 -16.25 1.96 -28.33
C VAL C 83 -15.69 0.57 -28.57
N SER C 84 -14.36 0.47 -28.53
CA SER C 84 -13.68 -0.81 -28.68
C SER C 84 -12.41 -0.79 -27.82
N ILE C 85 -12.00 -1.96 -27.36
CA ILE C 85 -10.93 -2.10 -26.38
C ILE C 85 -9.89 -3.05 -26.94
N LYS C 86 -8.64 -2.60 -27.01
CA LYS C 86 -7.54 -3.36 -27.57
C LYS C 86 -6.45 -3.56 -26.53
N VAL C 87 -5.75 -4.69 -26.59
CA VAL C 87 -4.68 -5.03 -25.66
C VAL C 87 -3.44 -5.38 -26.47
N HIS C 88 -2.32 -4.74 -26.14
CA HIS C 88 -1.03 -4.99 -26.78
C HIS C 88 -0.08 -5.59 -25.75
N PHE C 89 0.55 -6.70 -26.10
CA PHE C 89 1.69 -7.23 -25.34
C PHE C 89 2.93 -6.83 -26.12
N ARG C 90 3.59 -5.78 -25.65
CA ARG C 90 4.56 -5.06 -26.47
C ARG C 90 5.56 -4.34 -25.56
N LYS C 91 6.67 -3.93 -26.14
CA LYS C 91 7.66 -3.14 -25.41
C LYS C 91 7.08 -1.76 -25.08
N LEU C 92 7.19 -1.36 -23.82
CA LEU C 92 6.50 -0.18 -23.30
C LEU C 92 7.45 0.99 -23.07
N ASP C 93 6.89 2.20 -23.10
CA ASP C 93 7.60 3.37 -22.61
C ASP C 93 7.42 3.51 -21.11
N PHE C 94 8.50 3.84 -20.41
CA PHE C 94 8.47 3.98 -18.97
C PHE C 94 8.05 5.40 -18.57
N PRO C 95 7.27 5.57 -17.51
CA PRO C 95 6.81 6.91 -17.13
C PRO C 95 7.96 7.76 -16.59
N ALA C 96 7.62 9.03 -16.32
CA ALA C 96 8.51 9.90 -15.57
C ALA C 96 8.15 9.84 -14.10
N VAL C 97 9.13 9.56 -13.24
CA VAL C 97 8.92 9.41 -11.81
C VAL C 97 9.55 10.61 -11.11
N THR C 98 8.75 11.37 -10.37
CA THR C 98 9.22 12.54 -9.65
C THR C 98 9.28 12.22 -8.16
N ILE C 99 10.46 12.38 -7.56
CA ILE C 99 10.71 12.02 -6.17
C ILE C 99 11.06 13.28 -5.39
N CYS C 100 10.38 13.50 -4.27
CA CYS C 100 10.64 14.64 -3.39
C CYS C 100 10.88 14.16 -1.97
N ASN C 101 11.74 14.85 -1.25
CA ASN C 101 11.78 14.71 0.19
C ASN C 101 10.62 15.51 0.80
N ILE C 102 9.99 14.96 1.84
CA ILE C 102 8.84 15.66 2.42
C ILE C 102 9.29 16.94 3.11
N ASN C 103 10.55 17.01 3.52
CA ASN C 103 11.08 18.20 4.17
C ASN C 103 11.49 19.24 3.12
N PRO C 104 10.93 20.45 3.12
CA PRO C 104 11.29 21.44 2.10
C PRO C 104 12.79 21.75 2.03
N TYR C 105 13.36 22.24 3.12
CA TYR C 105 14.73 22.74 3.12
C TYR C 105 15.49 22.20 4.32
N LYS C 106 16.77 21.89 4.11
CA LYS C 106 17.61 21.32 5.14
C LYS C 106 17.73 22.31 6.30
N TYR C 107 17.09 21.99 7.43
CA TYR C 107 16.90 22.97 8.49
C TYR C 107 18.20 23.62 8.95
N SER C 108 19.30 22.87 8.97
CA SER C 108 20.57 23.46 9.39
C SER C 108 20.97 24.65 8.51
N THR C 109 20.32 24.82 7.36
CA THR C 109 20.57 25.99 6.52
C THR C 109 19.56 27.11 6.81
N VAL C 110 18.27 26.86 6.59
CA VAL C 110 17.28 27.92 6.68
C VAL C 110 17.13 28.49 8.09
N ARG C 111 17.78 27.90 9.10
CA ARG C 111 17.73 28.48 10.43
C ARG C 111 18.17 29.93 10.42
N HIS C 112 19.20 30.26 9.64
CA HIS C 112 19.74 31.62 9.67
C HIS C 112 18.77 32.64 9.09
N LEU C 113 17.68 32.19 8.50
CA LEU C 113 16.66 33.07 7.94
C LEU C 113 15.39 33.11 8.79
N LEU C 114 15.07 32.02 9.50
CA LEU C 114 13.82 31.91 10.25
C LEU C 114 13.98 32.16 11.75
N ALA C 115 15.20 32.29 12.26
CA ALA C 115 15.38 32.52 13.69
C ALA C 115 14.60 33.74 14.17
N ASP C 116 14.53 34.78 13.33
CA ASP C 116 13.78 35.98 13.67
C ASP C 116 12.33 35.66 13.98
N LEU C 117 11.78 34.61 13.38
CA LEU C 117 10.41 34.17 13.58
C LEU C 117 10.27 33.14 14.69
N GLU C 118 11.27 32.27 14.83
CA GLU C 118 11.17 31.25 15.86
C GLU C 118 11.38 31.81 17.25
N GLN C 119 12.04 32.97 17.38
CA GLN C 119 11.95 33.71 18.64
C GLN C 119 10.50 33.95 19.03
N GLU C 120 9.66 34.33 18.05
CA GLU C 120 8.28 34.70 18.36
C GLU C 120 7.39 33.49 18.55
N THR C 121 7.62 32.39 17.81
CA THR C 121 6.87 31.18 18.14
C THR C 121 7.22 30.69 19.54
N ARG C 122 8.50 30.74 19.93
CA ARG C 122 8.88 30.31 21.26
C ARG C 122 8.22 31.19 22.31
N GLU C 123 8.24 32.52 22.13
CA GLU C 123 7.56 33.39 23.07
C GLU C 123 6.07 33.06 23.17
N ALA C 124 5.40 32.85 22.03
CA ALA C 124 3.98 32.56 22.06
C ALA C 124 3.70 31.25 22.80
N LEU C 125 4.46 30.21 22.49
CA LEU C 125 4.23 28.92 23.14
C LEU C 125 4.54 28.99 24.63
N LYS C 126 5.54 29.78 25.02
CA LYS C 126 5.83 29.93 26.44
C LYS C 126 4.79 30.79 27.16
N SER C 127 4.07 31.64 26.42
CA SER C 127 2.98 32.38 27.03
C SER C 127 1.74 31.50 27.21
N LEU C 128 1.45 30.66 26.23
CA LEU C 128 0.28 29.79 26.33
C LEU C 128 0.51 28.58 27.24
N TYR C 129 1.73 28.06 27.31
CA TYR C 129 2.05 26.83 28.03
C TYR C 129 3.29 27.00 28.90
N GLY C 130 3.33 28.08 29.66
CA GLY C 130 4.44 28.35 30.57
C GLY C 130 4.55 27.33 31.69
N PRO C 152 9.05 42.21 18.03
CA PRO C 152 7.71 41.66 17.77
C PRO C 152 7.23 42.00 16.37
N ARG C 153 8.18 42.18 15.44
CA ARG C 153 7.84 42.67 14.11
C ARG C 153 6.84 41.74 13.42
N PHE C 154 6.99 40.43 13.60
CA PHE C 154 6.05 39.50 12.96
C PHE C 154 4.72 39.46 13.70
N SER C 155 4.75 39.54 15.04
CA SER C 155 3.50 39.61 15.80
C SER C 155 2.75 40.90 15.53
N HIS C 156 3.45 41.95 15.10
CA HIS C 156 2.79 43.21 14.78
C HIS C 156 2.14 43.16 13.40
N ARG C 157 2.63 42.29 12.52
CA ARG C 157 2.08 42.21 11.16
C ARG C 157 0.83 41.34 11.09
N ILE C 158 0.81 40.23 11.82
CA ILE C 158 -0.39 39.40 11.94
C ILE C 158 -0.60 39.09 13.41
N PRO C 159 -1.25 39.97 14.17
CA PRO C 159 -1.38 39.75 15.62
C PRO C 159 -2.14 38.48 15.95
N LEU C 160 -1.69 37.81 17.02
CA LEU C 160 -2.49 36.76 17.62
C LEU C 160 -3.54 37.40 18.52
N LEU C 161 -4.78 36.91 18.43
CA LEU C 161 -5.88 37.50 19.18
C LEU C 161 -6.50 36.47 20.11
N ILE C 162 -7.10 36.98 21.18
CA ILE C 162 -7.75 36.17 22.21
C ILE C 162 -9.25 36.43 22.14
N PHE C 163 -10.03 35.36 22.11
CA PHE C 163 -11.48 35.45 21.89
C PHE C 163 -12.27 34.84 23.05
N ASP C 164 -11.82 35.04 24.28
CA ASP C 164 -12.46 34.46 25.46
C ASP C 164 -12.76 32.98 25.25
N GLN C 200 -9.28 28.75 26.59
CA GLN C 200 -9.10 29.91 25.73
C GLN C 200 -9.24 29.53 24.24
N VAL C 201 -9.83 30.42 23.46
CA VAL C 201 -9.92 30.30 22.01
C VAL C 201 -9.11 31.44 21.39
N VAL C 202 -8.21 31.10 20.46
CA VAL C 202 -7.29 32.07 19.88
C VAL C 202 -7.20 31.89 18.37
N GLY C 203 -6.78 32.97 17.69
CA GLY C 203 -6.65 32.99 16.24
C GLY C 203 -5.92 34.24 15.76
N PHE C 204 -6.17 34.67 14.52
CA PHE C 204 -5.51 35.87 14.01
C PHE C 204 -6.36 36.55 12.94
N GLN C 205 -6.02 37.81 12.68
CA GLN C 205 -6.70 38.63 11.68
C GLN C 205 -6.06 38.46 10.31
N LEU C 206 -6.85 38.72 9.27
CA LEU C 206 -6.37 38.82 7.88
C LEU C 206 -7.07 40.03 7.27
N CYS C 207 -6.59 41.23 7.63
CA CYS C 207 -7.37 42.44 7.42
C CYS C 207 -6.66 43.42 6.50
N SER C 208 -7.46 44.39 6.00
CA SER C 208 -7.13 45.18 4.83
C SER C 208 -7.36 46.67 5.10
N ASN C 209 -6.96 47.50 4.14
CA ASN C 209 -6.88 48.95 4.36
C ASN C 209 -8.23 49.53 4.78
N ASP C 210 -9.34 49.08 4.19
CA ASP C 210 -10.66 49.43 4.70
C ASP C 210 -11.07 48.39 5.74
N THR C 211 -10.55 48.58 6.94
CA THR C 211 -10.55 47.55 7.97
C THR C 211 -11.93 47.26 8.53
N SER C 212 -12.98 47.91 7.99
CA SER C 212 -14.32 47.69 8.53
C SER C 212 -14.76 46.25 8.31
N ASP C 213 -14.49 45.70 7.12
CA ASP C 213 -14.85 44.33 6.78
C ASP C 213 -13.58 43.55 6.46
N CYS C 214 -13.31 42.48 7.21
CA CYS C 214 -12.18 41.62 6.90
C CYS C 214 -12.32 40.29 7.63
N ALA C 215 -11.49 39.33 7.21
CA ALA C 215 -11.60 37.93 7.62
C ALA C 215 -10.76 37.63 8.86
N THR C 216 -11.12 36.54 9.54
CA THR C 216 -10.35 36.04 10.66
C THR C 216 -10.42 34.52 10.72
N TYR C 217 -9.31 33.88 11.05
CA TYR C 217 -9.23 32.45 11.32
C TYR C 217 -9.13 32.26 12.83
N THR C 218 -9.92 31.34 13.38
CA THR C 218 -9.93 31.11 14.82
C THR C 218 -10.04 29.62 15.11
N PHE C 219 -9.28 29.16 16.11
CA PHE C 219 -8.99 27.75 16.31
C PHE C 219 -9.37 27.31 17.71
N SER C 220 -10.02 26.14 17.81
CA SER C 220 -10.36 25.59 19.11
C SER C 220 -9.09 25.10 19.84
N SER C 221 -8.14 24.53 19.11
CA SER C 221 -6.87 24.13 19.69
C SER C 221 -5.91 25.32 19.67
N GLY C 222 -5.65 25.88 20.85
CA GLY C 222 -4.81 27.06 20.95
C GLY C 222 -3.45 26.86 20.31
N ILE C 223 -2.84 25.69 20.53
CA ILE C 223 -1.52 25.45 19.94
C ILE C 223 -1.61 25.27 18.43
N ASN C 224 -2.72 24.73 17.93
CA ASN C 224 -2.89 24.68 16.48
C ASN C 224 -2.95 26.07 15.89
N ALA C 225 -3.42 27.07 16.65
CA ALA C 225 -3.32 28.44 16.17
C ALA C 225 -1.87 28.82 15.86
N ILE C 226 -0.94 28.51 16.77
CA ILE C 226 0.46 28.86 16.55
C ILE C 226 1.03 28.06 15.38
N GLN C 227 0.67 26.78 15.28
CA GLN C 227 1.16 25.98 14.15
C GLN C 227 0.76 26.62 12.81
N GLU C 228 -0.51 26.99 12.67
CA GLU C 228 -0.95 27.59 11.40
C GLU C 228 -0.37 28.99 11.19
N TRP C 229 -0.29 29.78 12.25
CA TRP C 229 0.29 31.13 12.17
C TRP C 229 1.75 31.09 11.74
N TYR C 230 2.51 30.12 12.27
CA TYR C 230 3.88 29.95 11.83
C TYR C 230 3.94 29.54 10.37
N LYS C 231 3.06 28.64 9.93
CA LYS C 231 3.08 28.32 8.50
C LYS C 231 2.81 29.57 7.66
N LEU C 232 1.93 30.45 8.13
CA LEU C 232 1.65 31.70 7.42
C LEU C 232 2.93 32.53 7.27
N HIS C 233 3.61 32.80 8.38
CA HIS C 233 4.81 33.64 8.29
C HIS C 233 5.95 32.94 7.57
N TYR C 234 6.04 31.61 7.68
CA TYR C 234 7.07 30.86 6.98
C TYR C 234 6.91 31.01 5.48
N MET C 235 5.68 30.84 4.97
CA MET C 235 5.47 31.00 3.54
C MET C 235 5.71 32.44 3.10
N ASN C 236 5.30 33.42 3.92
CA ASN C 236 5.55 34.81 3.51
C ASN C 236 7.02 35.20 3.58
N ILE C 237 7.83 34.48 4.36
CA ILE C 237 9.28 34.70 4.32
C ILE C 237 9.88 34.04 3.09
N MET C 238 9.59 32.76 2.87
CA MET C 238 10.23 32.04 1.79
C MET C 238 9.87 32.61 0.43
N ALA C 239 8.67 33.19 0.27
CA ALA C 239 8.26 33.75 -1.01
C ALA C 239 9.13 34.94 -1.42
N GLN C 240 9.96 35.47 -0.52
CA GLN C 240 10.85 36.58 -0.86
C GLN C 240 12.22 36.12 -1.33
N VAL C 241 12.63 34.89 -1.01
CA VAL C 241 14.00 34.45 -1.26
C VAL C 241 14.22 34.15 -2.74
N PRO C 242 15.26 34.69 -3.37
CA PRO C 242 15.50 34.40 -4.79
C PRO C 242 15.70 32.92 -5.08
N LEU C 243 15.26 32.51 -6.28
CA LEU C 243 15.17 31.11 -6.64
C LEU C 243 16.51 30.40 -6.56
N GLU C 244 17.58 31.03 -7.04
CA GLU C 244 18.87 30.34 -7.14
C GLU C 244 19.51 30.10 -5.78
N LYS C 245 19.23 30.96 -4.80
CA LYS C 245 19.67 30.68 -3.42
C LYS C 245 18.76 29.64 -2.77
N LYS C 246 17.46 29.75 -3.04
CA LYS C 246 16.51 28.83 -2.42
C LYS C 246 16.73 27.39 -2.87
N ILE C 247 17.13 27.19 -4.12
CA ILE C 247 17.46 25.85 -4.60
C ILE C 247 18.62 25.28 -3.79
N ASN C 248 19.67 26.09 -3.60
CA ASN C 248 20.86 25.66 -2.88
C ASN C 248 20.56 25.32 -1.43
N MET C 249 19.48 25.88 -0.86
CA MET C 249 19.15 25.53 0.51
C MET C 249 18.45 24.18 0.66
N SER C 250 18.26 23.40 -0.40
CA SER C 250 17.54 22.13 -0.31
C SER C 250 18.43 20.97 -0.81
N TYR C 251 17.82 19.80 -0.92
CA TYR C 251 18.58 18.57 -1.14
C TYR C 251 19.08 18.44 -2.57
N SER C 252 20.33 18.01 -2.72
CA SER C 252 20.88 17.68 -4.03
C SER C 252 20.66 16.20 -4.34
N ALA C 253 20.72 15.87 -5.63
CA ALA C 253 20.42 14.50 -6.05
C ALA C 253 21.42 13.51 -5.47
N GLU C 254 22.71 13.87 -5.44
CA GLU C 254 23.70 12.98 -4.84
C GLU C 254 23.47 12.77 -3.36
N GLU C 255 22.71 13.66 -2.72
CA GLU C 255 22.43 13.54 -1.29
C GLU C 255 21.14 12.79 -1.02
N LEU C 256 20.18 12.90 -1.94
CA LEU C 256 18.88 12.23 -1.76
C LEU C 256 18.92 10.77 -2.20
N LEU C 257 19.67 10.43 -3.24
CA LEU C 257 19.68 9.09 -3.82
C LEU C 257 20.95 8.35 -3.38
N VAL C 258 20.78 7.24 -2.66
CA VAL C 258 21.93 6.43 -2.26
C VAL C 258 22.38 5.55 -3.43
N THR C 259 21.44 4.84 -4.05
CA THR C 259 21.74 4.06 -5.25
C THR C 259 20.53 4.08 -6.17
N CYS C 260 20.77 3.76 -7.44
CA CYS C 260 19.73 3.78 -8.47
C CYS C 260 20.00 2.64 -9.45
N PHE C 261 18.92 2.05 -9.97
CA PHE C 261 19.01 0.88 -10.83
C PHE C 261 17.84 0.89 -11.80
N PHE C 262 18.09 0.47 -13.04
CA PHE C 262 17.02 0.35 -14.03
C PHE C 262 17.38 -0.72 -15.05
N ASP C 263 16.48 -1.69 -15.21
CA ASP C 263 16.65 -2.76 -16.20
C ASP C 263 18.07 -3.33 -16.16
N GLY C 264 18.58 -3.54 -14.94
CA GLY C 264 19.84 -4.24 -14.73
C GLY C 264 21.09 -3.39 -14.79
N VAL C 265 21.00 -2.09 -15.06
CA VAL C 265 22.17 -1.23 -15.11
C VAL C 265 21.99 -0.05 -14.17
N SER C 266 23.10 0.48 -13.67
CA SER C 266 23.07 1.53 -12.65
C SER C 266 22.71 2.89 -13.25
N CYS C 267 22.28 3.79 -12.37
CA CYS C 267 22.02 5.18 -12.69
C CYS C 267 22.50 6.04 -11.52
N ASP C 268 22.52 7.36 -11.73
CA ASP C 268 22.95 8.28 -10.66
C ASP C 268 22.34 9.65 -10.93
N ALA C 269 22.87 10.66 -10.22
CA ALA C 269 22.31 12.00 -10.29
C ALA C 269 22.20 12.54 -11.71
N ARG C 270 23.04 12.04 -12.63
CA ARG C 270 23.01 12.54 -14.00
C ARG C 270 21.76 12.10 -14.76
N ASN C 271 21.03 11.11 -14.26
CA ASN C 271 19.85 10.60 -14.94
C ASN C 271 18.55 11.22 -14.44
N PHE C 272 18.63 12.17 -13.51
CA PHE C 272 17.46 12.86 -12.97
C PHE C 272 17.55 14.36 -13.29
N THR C 273 16.47 14.94 -13.81
CA THR C 273 16.41 16.39 -13.94
C THR C 273 15.91 17.02 -12.65
N LEU C 274 16.34 18.24 -12.39
CA LEU C 274 15.86 19.00 -11.25
C LEU C 274 14.45 19.52 -11.50
N PHE C 275 13.69 19.67 -10.41
CA PHE C 275 12.36 20.26 -10.46
C PHE C 275 12.13 20.97 -9.13
N HIS C 276 12.17 22.30 -9.14
CA HIS C 276 11.99 23.07 -7.91
C HIS C 276 10.51 23.24 -7.63
N HIS C 277 10.03 22.64 -6.55
CA HIS C 277 8.64 22.82 -6.15
C HIS C 277 8.57 23.81 -4.99
N PRO C 278 7.72 24.84 -5.06
CA PRO C 278 7.80 25.92 -4.06
C PRO C 278 7.47 25.48 -2.65
N MET C 279 6.79 24.35 -2.45
CA MET C 279 6.59 23.83 -1.10
C MET C 279 7.63 22.78 -0.73
N HIS C 280 7.88 21.79 -1.59
CA HIS C 280 8.76 20.69 -1.25
C HIS C 280 10.22 20.91 -1.63
N GLY C 281 10.59 22.09 -2.11
CA GLY C 281 12.00 22.41 -2.31
C GLY C 281 12.58 21.90 -3.62
N ASN C 282 13.31 20.78 -3.57
CA ASN C 282 13.88 20.16 -4.76
C ASN C 282 13.28 18.77 -4.93
N CYS C 283 12.67 18.54 -6.08
CA CYS C 283 12.25 17.22 -6.50
C CYS C 283 13.02 16.81 -7.74
N TYR C 284 13.30 15.52 -7.88
CA TYR C 284 14.13 15.00 -8.96
C TYR C 284 13.33 14.00 -9.79
N THR C 285 13.32 14.20 -11.10
CA THR C 285 12.45 13.47 -12.02
C THR C 285 13.27 12.52 -12.88
N PHE C 286 12.95 11.24 -12.80
CA PHE C 286 13.61 10.23 -13.62
C PHE C 286 13.05 10.24 -15.03
N ASN C 287 13.89 9.87 -15.99
CA ASN C 287 13.41 9.55 -17.34
C ASN C 287 12.68 10.71 -17.97
N ASN C 288 13.30 11.90 -17.96
CA ASN C 288 12.62 13.12 -18.37
C ASN C 288 13.51 14.15 -19.04
N ARG C 289 14.83 13.94 -19.16
CA ARG C 289 15.71 14.94 -19.73
C ARG C 289 15.58 14.99 -21.25
N GLU C 290 15.82 16.17 -21.82
CA GLU C 290 15.55 16.44 -23.23
C GLU C 290 16.70 16.02 -24.14
N ASN C 291 16.36 15.82 -25.41
CA ASN C 291 17.29 15.51 -26.50
C ASN C 291 18.12 14.23 -26.24
N GLU C 292 17.57 13.29 -25.48
CA GLU C 292 18.09 11.93 -25.43
C GLU C 292 16.92 10.99 -25.19
N THR C 293 17.02 9.78 -25.74
CA THR C 293 15.84 8.95 -25.98
C THR C 293 15.16 8.51 -24.68
N ILE C 294 13.83 8.38 -24.75
CA ILE C 294 13.01 8.03 -23.60
C ILE C 294 13.22 6.57 -23.23
N LEU C 295 13.33 6.28 -21.94
CA LEU C 295 13.61 4.93 -21.48
C LEU C 295 12.38 4.04 -21.67
N SER C 296 12.64 2.79 -22.08
CA SER C 296 11.60 1.85 -22.46
C SER C 296 11.99 0.47 -21.96
N THR C 297 11.02 -0.28 -21.43
CA THR C 297 11.31 -1.56 -20.78
C THR C 297 10.59 -2.70 -21.47
N SER C 298 11.26 -3.87 -21.47
CA SER C 298 10.84 -5.03 -22.26
C SER C 298 10.73 -6.29 -21.41
N MET C 299 10.62 -6.17 -20.09
CA MET C 299 10.50 -7.32 -19.20
C MET C 299 9.71 -6.89 -17.98
N GLY C 300 8.95 -7.82 -17.40
CA GLY C 300 8.09 -7.50 -16.29
C GLY C 300 8.74 -7.69 -14.93
N GLY C 301 8.27 -6.93 -13.94
CA GLY C 301 8.64 -7.14 -12.56
C GLY C 301 9.74 -6.20 -12.07
N SER C 302 9.94 -6.24 -10.75
CA SER C 302 10.85 -5.32 -10.08
C SER C 302 12.29 -5.51 -10.53
N GLU C 303 12.66 -6.71 -10.96
CA GLU C 303 14.02 -6.96 -11.40
C GLU C 303 14.39 -6.18 -12.66
N TYR C 304 13.39 -5.66 -13.39
CA TYR C 304 13.65 -4.97 -14.65
C TYR C 304 12.87 -3.66 -14.75
N GLY C 305 12.48 -3.08 -13.62
CA GLY C 305 11.97 -1.73 -13.56
C GLY C 305 12.99 -0.80 -12.92
N LEU C 306 12.48 0.30 -12.37
CA LEU C 306 13.32 1.20 -11.59
C LEU C 306 13.32 0.76 -10.13
N GLN C 307 14.47 0.90 -9.47
CA GLN C 307 14.51 0.77 -8.02
C GLN C 307 15.62 1.63 -7.45
N VAL C 308 15.29 2.38 -6.39
CA VAL C 308 16.19 3.35 -5.79
C VAL C 308 16.15 3.20 -4.28
N ILE C 309 17.22 3.64 -3.62
CA ILE C 309 17.29 3.74 -2.17
C ILE C 309 17.44 5.21 -1.83
N LEU C 310 16.50 5.73 -1.05
CA LEU C 310 16.41 7.16 -0.75
C LEU C 310 16.90 7.43 0.66
N TYR C 311 17.65 8.51 0.83
CA TYR C 311 18.13 8.93 2.14
C TYR C 311 17.25 10.07 2.65
N ILE C 312 16.54 9.82 3.74
CA ILE C 312 15.51 10.72 4.24
C ILE C 312 15.90 11.11 5.66
N ASN C 313 16.71 12.15 5.78
CA ASN C 313 17.43 12.49 7.01
C ASN C 313 16.48 13.15 8.01
N GLU C 314 16.05 12.39 9.02
CA GLU C 314 15.06 12.88 9.97
C GLU C 314 15.60 13.94 10.92
N GLU C 315 16.92 14.14 10.98
CA GLU C 315 17.48 15.15 11.88
C GLU C 315 17.35 16.57 11.33
N GLU C 316 17.11 16.73 10.03
CA GLU C 316 17.11 18.04 9.38
C GLU C 316 15.69 18.55 9.12
N TYR C 317 14.67 17.92 9.69
CA TYR C 317 13.30 18.41 9.53
C TYR C 317 13.08 19.63 10.42
N ASN C 318 12.36 20.61 9.88
CA ASN C 318 12.14 21.86 10.60
C ASN C 318 11.33 21.60 11.87
N PRO C 319 11.87 21.88 13.06
CA PRO C 319 11.15 21.54 14.29
C PRO C 319 9.79 22.21 14.44
N PHE C 320 9.62 23.42 13.91
CA PHE C 320 8.40 24.18 14.15
C PHE C 320 7.30 23.90 13.14
N LEU C 321 7.58 23.12 12.09
CA LEU C 321 6.61 22.78 11.06
C LEU C 321 6.21 21.32 11.27
N VAL C 322 5.03 21.11 11.88
CA VAL C 322 4.55 19.76 12.14
C VAL C 322 4.33 19.03 10.82
N SER C 323 4.97 17.88 10.65
CA SER C 323 4.93 17.19 9.38
C SER C 323 5.33 15.73 9.57
N SER C 324 5.08 14.93 8.53
CA SER C 324 5.50 13.54 8.49
C SER C 324 6.93 13.44 7.93
N THR C 325 7.49 12.24 7.95
CA THR C 325 8.81 11.98 7.38
C THR C 325 8.72 10.86 6.36
N GLY C 326 9.39 11.05 5.23
CA GLY C 326 9.28 10.16 4.10
C GLY C 326 9.60 10.92 2.83
N ALA C 327 9.14 10.35 1.71
CA ALA C 327 9.31 10.96 0.40
C ALA C 327 8.01 10.92 -0.38
N LYS C 328 7.74 11.95 -1.16
CA LYS C 328 6.59 11.97 -2.05
C LYS C 328 7.02 11.45 -3.41
N VAL C 329 6.13 10.71 -4.08
CA VAL C 329 6.40 10.18 -5.42
C VAL C 329 5.14 10.30 -6.26
N ILE C 330 5.29 10.77 -7.49
CA ILE C 330 4.18 10.88 -8.45
C ILE C 330 4.67 10.40 -9.81
N ILE C 331 3.84 9.60 -10.48
CA ILE C 331 4.19 8.92 -11.72
C ILE C 331 3.35 9.51 -12.85
N HIS C 332 4.00 10.09 -13.85
CA HIS C 332 3.31 10.93 -14.82
C HIS C 332 3.97 10.84 -16.20
N ARG C 333 3.28 11.38 -17.21
CA ARG C 333 3.83 11.45 -18.56
C ARG C 333 4.99 12.46 -18.60
N GLN C 334 5.85 12.31 -19.61
CA GLN C 334 6.96 13.25 -19.75
C GLN C 334 6.48 14.66 -20.06
N ASP C 335 5.35 14.81 -20.76
CA ASP C 335 4.82 16.12 -21.09
C ASP C 335 3.84 16.66 -20.04
N GLU C 336 3.75 16.01 -18.89
CA GLU C 336 2.75 16.34 -17.87
C GLU C 336 3.43 16.97 -16.66
N TYR C 337 2.85 18.06 -16.16
CA TYR C 337 3.42 18.75 -15.00
C TYR C 337 3.05 18.00 -13.71
N PRO C 338 4.01 17.71 -12.84
CA PRO C 338 3.69 16.93 -11.63
C PRO C 338 3.12 17.78 -10.51
N PHE C 339 1.81 17.71 -10.30
CA PHE C 339 1.20 18.33 -9.13
C PHE C 339 1.50 17.48 -7.91
N VAL C 340 2.79 17.39 -7.58
CA VAL C 340 3.25 16.36 -6.65
C VAL C 340 2.60 16.51 -5.29
N GLU C 341 2.38 17.75 -4.82
CA GLU C 341 1.71 17.96 -3.53
C GLU C 341 0.30 17.37 -3.53
N ASP C 342 -0.47 17.64 -4.59
CA ASP C 342 -1.87 17.22 -4.62
C ASP C 342 -2.00 15.72 -4.86
N VAL C 343 -1.32 15.21 -5.88
CA VAL C 343 -1.61 13.88 -6.42
C VAL C 343 -0.61 12.80 -6.00
N GLY C 344 0.55 13.17 -5.47
CA GLY C 344 1.61 12.19 -5.28
C GLY C 344 1.35 11.24 -4.12
N THR C 345 1.85 10.00 -4.27
CA THR C 345 1.88 9.03 -3.19
C THR C 345 2.96 9.38 -2.17
N GLU C 346 3.09 8.55 -1.14
CA GLU C 346 4.06 8.77 -0.07
C GLU C 346 4.80 7.48 0.26
N ILE C 347 6.01 7.63 0.77
CA ILE C 347 6.89 6.52 1.12
C ILE C 347 7.24 6.59 2.60
N GLU C 348 7.32 5.43 3.23
CA GLU C 348 7.63 5.31 4.65
C GLU C 348 9.03 4.72 4.80
N THR C 349 9.82 5.28 5.71
CA THR C 349 11.21 4.82 5.85
C THR C 349 11.29 3.47 6.56
N ALA C 350 12.39 2.77 6.31
CA ALA C 350 12.59 1.39 6.73
C ALA C 350 11.65 0.41 6.04
N MET C 351 11.08 0.81 4.89
CA MET C 351 10.25 -0.05 4.07
C MET C 351 10.86 -0.18 2.68
N VAL C 352 10.63 -1.32 2.04
CA VAL C 352 10.74 -1.40 0.59
C VAL C 352 9.33 -1.26 0.02
N THR C 353 9.07 -0.13 -0.62
CA THR C 353 7.75 0.19 -1.16
C THR C 353 7.73 -0.20 -2.63
N SER C 354 6.93 -1.20 -2.97
CA SER C 354 6.83 -1.68 -4.34
C SER C 354 5.56 -1.14 -4.99
N ILE C 355 5.70 -0.54 -6.16
CA ILE C 355 4.59 0.10 -6.85
C ILE C 355 4.44 -0.48 -8.25
N GLY C 356 3.79 -1.64 -8.36
CA GLY C 356 3.60 -2.25 -9.66
C GLY C 356 2.55 -1.51 -10.47
N MET C 357 2.76 -1.43 -11.78
CA MET C 357 1.95 -0.61 -12.66
C MET C 357 1.36 -1.40 -13.81
N HIS C 358 0.17 -0.98 -14.25
CA HIS C 358 -0.38 -1.33 -15.55
C HIS C 358 -0.76 -0.03 -16.26
N LEU C 359 -0.53 0.02 -17.57
CA LEU C 359 -0.82 1.22 -18.34
C LEU C 359 -2.20 1.12 -18.97
N THR C 360 -3.05 2.11 -18.72
CA THR C 360 -4.34 2.24 -19.36
C THR C 360 -4.37 3.55 -20.16
N GLU C 361 -4.66 3.44 -21.45
CA GLU C 361 -4.85 4.59 -22.31
C GLU C 361 -6.33 4.69 -22.68
N SER C 362 -6.83 5.91 -22.87
CA SER C 362 -8.18 6.09 -23.36
C SER C 362 -8.29 7.37 -24.16
N PHE C 363 -9.12 7.30 -25.20
CA PHE C 363 -9.31 8.38 -26.16
C PHE C 363 -10.81 8.56 -26.42
N LYS C 364 -11.26 9.79 -26.61
CA LYS C 364 -12.64 10.02 -27.00
C LYS C 364 -12.75 11.26 -27.88
N LEU C 365 -13.93 11.43 -28.48
CA LEU C 365 -14.14 12.37 -29.59
C LEU C 365 -14.35 13.79 -29.09
N SER C 366 -14.09 14.75 -29.98
CA SER C 366 -14.08 16.17 -29.67
C SER C 366 -15.49 16.76 -29.76
N GLU C 367 -15.58 18.10 -29.80
CA GLU C 367 -16.80 18.87 -29.56
C GLU C 367 -18.04 18.45 -30.36
N PRO C 368 -17.92 18.06 -31.62
CA PRO C 368 -19.13 17.62 -32.35
C PRO C 368 -19.84 16.44 -31.70
N TYR C 369 -19.19 15.75 -30.76
CA TYR C 369 -19.74 14.58 -30.10
C TYR C 369 -19.72 14.70 -28.57
N SER C 370 -18.70 15.34 -28.01
CA SER C 370 -18.62 15.57 -26.57
C SER C 370 -17.62 16.69 -26.33
N GLN C 371 -17.82 17.44 -25.24
CA GLN C 371 -16.97 18.61 -25.00
C GLN C 371 -15.64 18.18 -24.38
N CYS C 372 -14.55 18.57 -25.04
CA CYS C 372 -13.18 18.38 -24.57
C CYS C 372 -12.28 19.19 -25.49
N THR C 373 -10.99 19.27 -25.16
CA THR C 373 -10.04 20.04 -25.95
C THR C 373 -8.78 19.24 -26.23
N GLU C 374 -8.14 19.54 -27.37
CA GLU C 374 -6.88 18.90 -27.77
C GLU C 374 -5.72 19.84 -27.47
N ASP C 375 -4.89 19.45 -26.51
CA ASP C 375 -3.73 20.22 -26.07
C ASP C 375 -3.98 21.71 -26.03
N GLY C 376 -5.13 22.13 -25.50
CA GLY C 376 -5.37 23.53 -25.21
C GLY C 376 -5.46 24.43 -26.41
N SER C 377 -5.73 23.88 -27.60
CA SER C 377 -5.73 24.65 -28.83
C SER C 377 -6.98 25.51 -29.02
N ASP C 378 -8.00 25.37 -28.18
CA ASP C 378 -9.24 26.12 -28.37
C ASP C 378 -9.88 26.54 -27.06
N VAL C 379 -9.07 27.03 -26.10
CA VAL C 379 -9.60 27.61 -24.87
C VAL C 379 -8.99 28.99 -24.66
N PRO C 380 -9.72 29.92 -24.02
CA PRO C 380 -9.22 31.30 -23.89
C PRO C 380 -8.30 31.53 -22.69
N ILE C 381 -7.55 30.51 -22.29
CA ILE C 381 -6.75 30.55 -21.07
C ILE C 381 -5.37 29.98 -21.37
N ARG C 382 -4.35 30.55 -20.72
CA ARG C 382 -2.95 30.29 -21.06
C ARG C 382 -2.30 29.37 -20.02
N ASN C 383 -1.64 28.31 -20.50
CA ASN C 383 -0.98 27.35 -19.61
C ASN C 383 0.40 27.86 -19.24
N ILE C 384 0.44 28.66 -18.16
CA ILE C 384 1.67 29.21 -17.62
C ILE C 384 2.63 28.13 -17.10
N TYR C 385 2.20 26.87 -17.07
CA TYR C 385 3.01 25.80 -16.50
C TYR C 385 4.08 25.27 -17.44
N ASN C 386 4.08 25.68 -18.70
CA ASN C 386 4.97 25.12 -19.72
C ASN C 386 4.89 23.58 -19.70
N ALA C 387 3.68 23.07 -19.88
CA ALA C 387 3.44 21.64 -19.97
C ALA C 387 2.18 21.41 -20.79
N ALA C 388 2.00 20.18 -21.25
CA ALA C 388 0.84 19.87 -22.08
C ALA C 388 -0.45 20.11 -21.30
N TYR C 389 -1.49 20.54 -22.02
CA TYR C 389 -2.73 20.99 -21.41
C TYR C 389 -3.39 19.89 -20.59
N SER C 390 -4.09 20.29 -19.52
CA SER C 390 -4.97 19.41 -18.78
C SER C 390 -5.92 20.27 -17.95
N LEU C 391 -7.01 19.66 -17.50
CA LEU C 391 -8.04 20.41 -16.79
C LEU C 391 -7.46 21.11 -15.56
N GLN C 392 -6.58 20.44 -14.83
CA GLN C 392 -5.99 21.05 -13.64
C GLN C 392 -5.10 22.23 -14.02
N ILE C 393 -4.32 22.09 -15.09
CA ILE C 393 -3.47 23.20 -15.50
C ILE C 393 -4.31 24.40 -15.91
N CYS C 394 -5.43 24.16 -16.58
CA CYS C 394 -6.32 25.27 -16.93
C CYS C 394 -6.90 25.92 -15.68
N LEU C 395 -7.42 25.12 -14.75
CA LEU C 395 -7.99 25.68 -13.53
C LEU C 395 -6.97 26.53 -12.79
N HIS C 396 -5.79 25.97 -12.51
CA HIS C 396 -4.81 26.66 -11.69
C HIS C 396 -4.21 27.86 -12.41
N SER C 397 -4.01 27.80 -13.74
CA SER C 397 -3.49 28.97 -14.44
C SER C 397 -4.54 30.07 -14.56
N CYS C 398 -5.81 29.71 -14.72
CA CYS C 398 -6.86 30.71 -14.70
C CYS C 398 -6.91 31.41 -13.34
N PHE C 399 -6.81 30.64 -12.26
CA PHE C 399 -6.82 31.25 -10.94
C PHE C 399 -5.59 32.12 -10.72
N GLN C 400 -4.41 31.66 -11.15
CA GLN C 400 -3.22 32.50 -11.02
C GLN C 400 -3.34 33.79 -11.82
N THR C 401 -3.97 33.74 -12.99
CA THR C 401 -4.14 34.95 -13.78
C THR C 401 -5.10 35.92 -13.09
N LYS C 402 -6.24 35.41 -12.61
CA LYS C 402 -7.17 36.27 -11.86
C LYS C 402 -6.49 36.83 -10.61
N MET C 403 -5.66 36.01 -9.96
CA MET C 403 -4.93 36.42 -8.77
C MET C 403 -3.98 37.57 -9.07
N VAL C 404 -3.25 37.48 -10.18
CA VAL C 404 -2.39 38.60 -10.56
C VAL C 404 -3.23 39.80 -10.97
N GLU C 405 -4.43 39.56 -11.51
CA GLU C 405 -5.25 40.66 -11.99
C GLU C 405 -5.76 41.52 -10.85
N LYS C 406 -6.09 40.91 -9.71
CA LYS C 406 -6.54 41.67 -8.54
C LYS C 406 -5.42 41.75 -7.51
N CYS C 407 -5.14 42.98 -7.04
CA CYS C 407 -4.12 43.32 -6.04
C CYS C 407 -2.71 42.85 -6.43
N GLY C 408 -2.46 42.62 -7.71
CA GLY C 408 -1.13 42.77 -8.28
C GLY C 408 -0.02 41.86 -7.82
N CYS C 409 -0.31 40.62 -7.42
CA CYS C 409 0.75 39.69 -7.07
C CYS C 409 0.28 38.25 -7.28
N ALA C 410 1.23 37.36 -7.55
CA ALA C 410 0.93 35.97 -7.83
C ALA C 410 0.94 35.13 -6.55
N GLN C 411 0.02 34.19 -6.46
CA GLN C 411 -0.06 33.30 -5.31
C GLN C 411 1.15 32.37 -5.31
N TYR C 412 1.79 32.25 -4.15
CA TYR C 412 2.92 31.34 -3.99
C TYR C 412 2.40 29.90 -4.03
N SER C 413 3.31 28.94 -3.97
CA SER C 413 2.99 27.52 -4.08
C SER C 413 2.51 27.13 -5.48
N GLN C 414 2.66 28.01 -6.46
CA GLN C 414 2.29 27.74 -7.84
C GLN C 414 3.25 28.51 -8.74
N PRO C 415 3.37 28.11 -10.01
CA PRO C 415 4.28 28.83 -10.91
C PRO C 415 3.86 30.27 -11.13
N LEU C 416 4.77 31.04 -11.71
CA LEU C 416 4.67 32.49 -11.73
C LEU C 416 4.33 32.98 -13.13
N PRO C 417 3.23 33.71 -13.33
CA PRO C 417 2.96 34.26 -14.66
C PRO C 417 4.06 35.19 -15.11
N PRO C 418 4.20 35.41 -16.42
CA PRO C 418 5.42 36.02 -16.96
C PRO C 418 5.62 37.50 -16.61
N ALA C 419 4.63 38.19 -16.05
CA ALA C 419 4.78 39.60 -15.70
C ALA C 419 4.48 39.88 -14.23
N ALA C 420 4.58 38.88 -13.36
CA ALA C 420 4.12 38.99 -11.98
C ALA C 420 5.27 38.80 -10.99
N ASN C 421 4.96 39.08 -9.72
CA ASN C 421 5.85 38.84 -8.59
C ASN C 421 5.09 38.08 -7.52
N TYR C 422 5.80 37.25 -6.76
CA TYR C 422 5.15 36.48 -5.70
C TYR C 422 4.72 37.39 -4.56
N CYS C 423 3.53 37.12 -4.01
CA CYS C 423 2.96 37.94 -2.95
C CYS C 423 3.81 37.87 -1.69
N ASN C 424 3.96 39.01 -1.01
CA ASN C 424 4.69 39.05 0.27
C ASN C 424 4.40 40.37 0.98
N TYR C 425 4.72 40.39 2.28
CA TYR C 425 4.47 41.58 3.11
C TYR C 425 5.17 42.82 2.57
N GLN C 426 6.41 42.69 2.09
CA GLN C 426 7.21 43.87 1.75
C GLN C 426 6.64 44.65 0.58
N GLN C 427 5.70 44.07 -0.16
CA GLN C 427 5.21 44.69 -1.39
C GLN C 427 3.69 44.78 -1.42
N HIS C 428 3.01 43.85 -0.77
CA HIS C 428 1.56 43.71 -0.87
C HIS C 428 0.97 43.50 0.52
N PRO C 429 0.89 44.56 1.33
CA PRO C 429 0.63 44.38 2.77
C PRO C 429 -0.74 43.81 3.11
N ASN C 430 -1.69 43.79 2.17
CA ASN C 430 -3.03 43.28 2.43
C ASN C 430 -3.33 42.00 1.64
N TRP C 431 -2.31 41.36 1.06
CA TRP C 431 -2.56 40.41 -0.02
C TRP C 431 -3.41 39.23 0.44
N MET C 432 -3.21 38.77 1.67
CA MET C 432 -3.92 37.57 2.09
C MET C 432 -5.43 37.78 2.11
N TYR C 433 -5.91 39.02 2.28
CA TYR C 433 -7.35 39.23 2.24
C TYR C 433 -7.89 39.20 0.81
N CYS C 434 -7.18 39.83 -0.14
CA CYS C 434 -7.62 39.76 -1.53
C CYS C 434 -7.41 38.37 -2.12
N TYR C 435 -6.59 37.52 -1.48
CA TYR C 435 -6.58 36.10 -1.83
C TYR C 435 -7.77 35.38 -1.21
N TYR C 436 -8.05 35.64 0.06
CA TYR C 436 -9.17 34.98 0.73
C TYR C 436 -10.48 35.20 -0.02
N GLN C 437 -10.79 36.45 -0.34
CA GLN C 437 -12.06 36.73 -1.02
C GLN C 437 -12.12 36.06 -2.39
N LEU C 438 -11.00 36.06 -3.12
CA LEU C 438 -10.97 35.46 -4.45
C LEU C 438 -11.11 33.95 -4.37
N HIS C 439 -10.50 33.33 -3.37
CA HIS C 439 -10.62 31.89 -3.15
C HIS C 439 -12.06 31.51 -2.83
N ARG C 440 -12.69 32.29 -1.95
CA ARG C 440 -14.10 32.10 -1.64
C ARG C 440 -14.97 32.22 -2.88
N ALA C 441 -14.58 33.09 -3.82
CA ALA C 441 -15.31 33.19 -5.08
C ALA C 441 -15.08 31.96 -5.95
N PHE C 442 -13.83 31.49 -6.04
CA PHE C 442 -13.53 30.35 -6.90
C PHE C 442 -14.31 29.12 -6.49
N VAL C 443 -14.32 28.79 -5.19
CA VAL C 443 -14.97 27.55 -4.78
C VAL C 443 -16.46 27.55 -5.10
N GLN C 444 -17.05 28.72 -5.35
CA GLN C 444 -18.44 28.85 -5.77
C GLN C 444 -18.57 29.18 -7.26
N GLU C 445 -17.52 28.94 -8.04
CA GLU C 445 -17.47 29.09 -9.49
C GLU C 445 -17.71 30.54 -9.95
N GLU C 446 -17.68 31.52 -9.04
CA GLU C 446 -18.03 32.88 -9.43
C GLU C 446 -16.93 33.59 -10.22
N LEU C 447 -15.74 32.99 -10.37
CA LEU C 447 -14.71 33.56 -11.23
C LEU C 447 -14.86 33.17 -12.69
N GLY C 448 -15.77 32.24 -13.00
CA GLY C 448 -15.96 31.77 -14.36
C GLY C 448 -14.99 30.70 -14.83
N CYS C 449 -13.82 30.57 -14.19
CA CYS C 449 -12.81 29.62 -14.64
C CYS C 449 -13.39 28.23 -14.81
N GLN C 450 -14.05 27.71 -13.77
CA GLN C 450 -14.51 26.32 -13.79
C GLN C 450 -15.66 26.09 -14.76
N SER C 451 -16.20 27.14 -15.39
CA SER C 451 -17.21 26.99 -16.42
C SER C 451 -16.63 26.97 -17.83
N VAL C 452 -15.42 27.50 -18.02
CA VAL C 452 -14.86 27.66 -19.36
C VAL C 452 -13.67 26.74 -19.61
N CYS C 453 -12.98 26.26 -18.57
CA CYS C 453 -11.96 25.23 -18.75
C CYS C 453 -12.62 23.91 -19.15
N LYS C 454 -11.93 23.13 -19.98
CA LYS C 454 -12.50 21.91 -20.55
C LYS C 454 -11.62 20.71 -20.28
N GLU C 455 -12.25 19.53 -20.28
CA GLU C 455 -11.55 18.27 -20.07
C GLU C 455 -10.69 17.94 -21.29
N ALA C 456 -9.56 17.26 -21.04
CA ALA C 456 -8.67 16.87 -22.13
C ALA C 456 -9.21 15.62 -22.82
N CYS C 457 -9.06 15.57 -24.16
CA CYS C 457 -9.75 14.56 -24.94
C CYS C 457 -9.15 13.17 -24.81
N SER C 458 -7.90 13.04 -24.32
CA SER C 458 -7.29 11.73 -24.17
C SER C 458 -6.30 11.76 -23.01
N PHE C 459 -6.05 10.60 -22.41
CA PHE C 459 -5.10 10.54 -21.30
C PHE C 459 -4.59 9.12 -21.10
N LYS C 460 -3.41 9.03 -20.48
CA LYS C 460 -2.89 7.79 -19.91
C LYS C 460 -3.04 7.85 -18.40
N GLU C 461 -3.25 6.70 -17.77
CA GLU C 461 -3.04 6.60 -16.33
C GLU C 461 -2.48 5.24 -15.98
N TRP C 462 -1.60 5.22 -14.99
CA TRP C 462 -0.97 4.01 -14.50
C TRP C 462 -1.68 3.58 -13.21
N THR C 463 -2.33 2.42 -13.25
CA THR C 463 -3.10 1.93 -12.10
C THR C 463 -2.14 1.27 -11.11
N LEU C 464 -1.69 2.04 -10.12
CA LEU C 464 -0.68 1.57 -9.19
C LEU C 464 -1.25 0.55 -8.21
N THR C 465 -0.43 -0.43 -7.84
CA THR C 465 -0.75 -1.43 -6.81
C THR C 465 0.36 -1.42 -5.76
N THR C 466 0.26 -0.49 -4.81
CA THR C 466 1.31 -0.26 -3.83
C THR C 466 1.35 -1.37 -2.76
N SER C 467 2.54 -1.62 -2.23
CA SER C 467 2.73 -2.59 -1.15
C SER C 467 3.98 -2.24 -0.35
N LEU C 468 4.07 -2.77 0.87
CA LEU C 468 5.16 -2.48 1.78
C LEU C 468 5.73 -3.77 2.36
N ALA C 469 7.02 -3.75 2.67
CA ALA C 469 7.66 -4.83 3.40
C ALA C 469 8.85 -4.27 4.18
N GLN C 470 9.13 -4.89 5.33
CA GLN C 470 10.21 -4.43 6.20
C GLN C 470 11.57 -4.62 5.54
N TRP C 471 12.37 -3.56 5.50
CA TRP C 471 13.67 -3.59 4.83
C TRP C 471 14.67 -2.68 5.54
N PRO C 472 15.89 -3.17 5.85
CA PRO C 472 16.38 -4.54 5.68
C PRO C 472 15.84 -5.50 6.73
N SER C 473 15.85 -6.80 6.44
CA SER C 473 15.46 -7.78 7.43
C SER C 473 16.42 -7.73 8.61
N VAL C 474 16.00 -8.32 9.73
CA VAL C 474 16.76 -8.20 10.97
C VAL C 474 18.19 -8.74 10.78
N VAL C 475 18.36 -9.80 9.99
CA VAL C 475 19.68 -10.40 9.84
C VAL C 475 20.52 -9.65 8.81
N SER C 476 19.90 -9.15 7.74
CA SER C 476 20.63 -8.44 6.70
C SER C 476 21.08 -7.06 7.13
N GLU C 477 20.49 -6.53 8.20
CA GLU C 477 20.83 -5.20 8.69
C GLU C 477 22.30 -5.10 9.09
N LYS C 478 22.92 -6.22 9.48
CA LYS C 478 24.30 -6.21 9.92
C LYS C 478 25.22 -5.64 8.85
N TRP C 479 25.17 -6.20 7.65
CA TRP C 479 26.09 -5.79 6.58
C TRP C 479 25.52 -4.71 5.68
N LEU C 480 24.19 -4.65 5.50
CA LEU C 480 23.67 -3.77 4.47
C LEU C 480 23.88 -2.29 4.81
N LEU C 481 23.77 -1.92 6.10
CA LEU C 481 23.88 -0.49 6.43
C LEU C 481 25.32 0.01 6.33
N PRO C 482 26.33 -0.70 6.82
CA PRO C 482 27.71 -0.29 6.54
C PRO C 482 27.99 -0.07 5.06
N VAL C 483 27.54 -0.97 4.18
CA VAL C 483 27.84 -0.82 2.76
C VAL C 483 27.14 0.41 2.20
N LEU C 484 25.90 0.67 2.62
CA LEU C 484 25.20 1.86 2.12
C LEU C 484 25.89 3.13 2.59
N THR C 485 26.31 3.19 3.86
CA THR C 485 27.02 4.38 4.32
C THR C 485 28.42 4.49 3.72
N TRP C 486 28.93 3.42 3.11
CA TRP C 486 30.13 3.55 2.29
C TRP C 486 29.79 4.09 0.91
N ASP C 487 28.69 3.62 0.33
CA ASP C 487 28.26 4.12 -0.98
C ASP C 487 27.99 5.61 -0.95
N GLN C 488 27.59 6.15 0.21
CA GLN C 488 27.46 7.60 0.30
C GLN C 488 28.79 8.34 0.31
N GLY C 489 29.90 7.64 0.53
CA GLY C 489 31.22 8.27 0.41
C GLY C 489 31.46 9.35 1.46
N ARG C 490 31.74 10.57 0.98
CA ARG C 490 32.23 11.64 1.84
C ARG C 490 31.22 12.07 2.89
N GLN C 491 29.93 11.85 2.64
CA GLN C 491 28.90 12.67 3.27
C GLN C 491 28.78 12.43 4.78
N VAL C 492 28.83 11.17 5.23
CA VAL C 492 28.76 10.88 6.66
C VAL C 492 29.75 9.78 7.01
N ASN C 493 30.44 9.96 8.15
CA ASN C 493 31.33 8.95 8.70
C ASN C 493 30.64 8.04 9.69
N LYS C 494 29.57 8.52 10.33
CA LYS C 494 28.77 7.70 11.23
C LYS C 494 27.80 6.82 10.45
N LYS C 495 27.44 5.68 11.05
CA LYS C 495 26.62 4.70 10.35
C LYS C 495 25.21 5.22 10.12
N LEU C 496 24.58 4.75 9.04
CA LEU C 496 23.18 5.06 8.78
C LEU C 496 22.29 4.33 9.76
N ASN C 497 21.17 4.95 10.11
CA ASN C 497 20.13 4.28 10.87
C ASN C 497 19.10 3.67 9.94
N LYS C 498 18.58 2.51 10.32
CA LYS C 498 17.58 1.84 9.51
C LYS C 498 16.38 2.75 9.23
N THR C 499 16.13 3.73 10.11
CA THR C 499 14.98 4.61 9.94
C THR C 499 15.28 5.81 9.03
N ASP C 500 16.53 6.02 8.64
CA ASP C 500 16.89 7.12 7.74
C ASP C 500 16.84 6.75 6.26
N LEU C 501 16.48 5.51 5.93
CA LEU C 501 16.49 5.03 4.56
C LEU C 501 15.11 4.55 4.13
N ALA C 502 14.87 4.57 2.82
CA ALA C 502 13.70 3.96 2.22
C ALA C 502 14.09 3.38 0.87
N LYS C 503 13.48 2.26 0.51
CA LYS C 503 13.71 1.63 -0.79
C LYS C 503 12.42 1.65 -1.59
N LEU C 504 12.55 1.89 -2.89
CA LEU C 504 11.40 2.08 -3.79
C LEU C 504 11.58 1.23 -5.02
N LEU C 505 10.54 0.48 -5.39
CA LEU C 505 10.52 -0.31 -6.62
C LEU C 505 9.34 0.15 -7.46
N ILE C 506 9.60 0.54 -8.71
CA ILE C 506 8.56 0.92 -9.65
C ILE C 506 8.78 0.11 -10.92
N PHE C 507 7.76 -0.62 -11.35
CA PHE C 507 7.90 -1.55 -12.46
C PHE C 507 6.55 -1.80 -13.11
N TYR C 508 6.57 -2.19 -14.37
CA TYR C 508 5.35 -2.69 -15.01
C TYR C 508 5.10 -4.11 -14.52
N LYS C 509 3.97 -4.31 -13.85
CA LYS C 509 3.64 -5.62 -13.34
C LYS C 509 3.61 -6.64 -14.47
N ASP C 510 3.22 -6.20 -15.67
CA ASP C 510 3.21 -7.03 -16.86
C ASP C 510 3.22 -6.10 -18.07
N LEU C 511 3.69 -6.60 -19.20
CA LEU C 511 3.80 -5.74 -20.39
C LEU C 511 2.44 -5.47 -21.06
N ASN C 512 1.34 -6.01 -20.54
CA ASN C 512 0.04 -5.78 -21.16
C ASN C 512 -0.35 -4.30 -21.06
N GLN C 513 -0.69 -3.72 -22.21
CA GLN C 513 -1.16 -2.35 -22.31
C GLN C 513 -2.62 -2.33 -22.73
N ARG C 514 -3.46 -1.64 -21.95
CA ARG C 514 -4.91 -1.60 -22.17
C ARG C 514 -5.27 -0.28 -22.84
N SER C 515 -5.90 -0.35 -24.02
CA SER C 515 -6.25 0.82 -24.80
C SER C 515 -7.75 0.84 -25.07
N ILE C 516 -8.42 1.92 -24.68
CA ILE C 516 -9.86 2.10 -24.85
C ILE C 516 -10.06 3.25 -25.84
N MET C 517 -10.82 2.99 -26.91
CA MET C 517 -10.90 3.93 -28.04
C MET C 517 -12.34 4.07 -28.51
N GLU C 518 -12.71 5.30 -28.90
CA GLU C 518 -14.04 5.59 -29.43
C GLU C 518 -13.94 6.22 -30.81
N SER C 519 -14.95 5.98 -31.65
CA SER C 519 -14.98 6.52 -33.00
C SER C 519 -16.42 6.61 -33.48
N PRO C 520 -16.70 7.44 -34.49
CA PRO C 520 -18.06 7.53 -35.04
C PRO C 520 -18.32 6.50 -36.12
N ALA C 521 -19.61 6.26 -36.37
CA ALA C 521 -20.04 5.33 -37.40
C ALA C 521 -19.75 5.89 -38.79
C1 NAG D . 33.23 -2.11 -17.49
C2 NAG D . 32.37 -1.57 -18.59
C3 NAG D . 33.26 -1.45 -19.82
C4 NAG D . 34.41 -0.48 -19.52
C5 NAG D . 34.96 -0.62 -18.09
C6 NAG D . 35.43 0.74 -17.63
C7 NAG D . 29.99 -2.06 -18.52
C8 NAG D . 28.97 -3.16 -18.50
N2 NAG D . 31.23 -2.46 -18.74
O3 NAG D . 32.52 -0.96 -20.94
O4 NAG D . 35.50 -0.68 -20.45
O5 NAG D . 34.04 -1.03 -17.08
O6 NAG D . 34.32 1.51 -17.15
O7 NAG D . 29.67 -0.90 -18.31
H1 NAG D . 33.88 -2.85 -17.96
H2 NAG D . 32.04 -0.56 -18.31
H3 NAG D . 33.69 -2.44 -20.05
H4 NAG D . 34.01 0.54 -19.62
H5 NAG D . 35.81 -1.30 -18.11
H61 NAG D . 36.14 0.59 -16.83
H62 NAG D . 35.90 1.26 -18.46
H81 NAG D . 28.98 -3.63 -17.55
H82 NAG D . 29.19 -3.87 -19.26
H83 NAG D . 28.00 -2.74 -18.68
HN2 NAG D . 31.43 -3.44 -18.92
HO3 NAG D . 33.09 -0.38 -21.46
HO6 NAG D . 34.58 1.93 -16.32
C1 NAG D . 35.84 0.48 -21.25
C2 NAG D . 37.36 0.61 -21.38
C3 NAG D . 37.86 1.43 -22.57
C4 NAG D . 36.89 1.57 -23.74
C5 NAG D . 35.47 1.66 -23.24
C6 NAG D . 34.45 1.81 -24.34
C7 NAG D . 38.32 0.60 -19.12
C8 NAG D . 38.68 1.45 -17.93
N2 NAG D . 37.81 1.26 -20.16
O3 NAG D . 39.05 0.81 -23.08
O4 NAG D . 37.22 2.74 -24.51
O5 NAG D . 35.23 0.45 -22.53
O6 NAG D . 34.33 0.59 -25.07
O7 NAG D . 38.49 -0.61 -19.11
H1 NAG D . 35.53 1.39 -20.72
H2 NAG D . 37.79 -0.40 -21.45
H3 NAG D . 38.11 2.44 -22.22
H4 NAG D . 36.98 0.68 -24.37
H5 NAG D . 35.41 2.52 -22.55
H61 NAG D . 33.48 2.06 -23.90
H62 NAG D . 34.73 2.63 -25.00
H81 NAG D . 37.86 1.46 -17.26
H82 NAG D . 39.53 1.05 -17.45
H83 NAG D . 38.89 2.44 -18.25
HN2 NAG D . 37.71 2.27 -20.10
HO3 NAG D . 39.14 1.04 -24.02
HO6 NAG D . 35.16 0.43 -25.56
C1 BMA D . 37.28 2.49 -25.93
C2 BMA D . 37.42 3.80 -26.66
C3 BMA D . 37.39 3.55 -28.16
C4 BMA D . 38.42 2.50 -28.54
C5 BMA D . 38.28 1.27 -27.65
C6 BMA D . 39.37 0.26 -27.98
O2 BMA D . 38.67 4.41 -26.30
O3 BMA D . 37.67 4.76 -28.86
O4 BMA D . 38.25 2.13 -29.90
O5 BMA D . 38.38 1.66 -26.29
O6 BMA D . 39.48 -0.67 -26.89
H1 BMA D . 36.34 2.02 -26.27
H2 BMA D . 36.59 4.45 -26.38
H3 BMA D . 36.40 3.17 -28.42
H4 BMA D . 39.42 2.93 -28.38
H5 BMA D . 37.30 0.82 -27.85
H61 BMA D . 40.31 0.79 -28.12
H62 BMA D . 39.12 -0.27 -28.90
HO2 BMA D . 39.31 3.71 -26.14
HO3 BMA D . 38.48 5.14 -28.50
HO4 BMA D . 37.60 2.73 -30.30
HO6 BMA D . 40.39 -1.01 -26.86
C1 NAG E . 23.38 6.33 -16.85
C2 NAG E . 22.52 5.84 -18.00
C3 NAG E . 23.47 5.75 -19.18
C4 NAG E . 23.90 7.17 -19.56
C5 NAG E . 23.93 8.19 -18.41
C6 NAG E . 22.85 9.22 -18.67
C7 NAG E . 20.80 4.55 -16.88
C8 NAG E . 20.22 3.20 -16.59
N2 NAG E . 21.89 4.58 -17.65
O3 NAG E . 22.81 5.11 -20.27
O4 NAG E . 25.22 7.18 -20.12
O5 NAG E . 23.77 7.68 -17.07
O6 NAG E . 22.74 10.12 -17.54
O7 NAG E . 20.28 5.56 -16.41
H1 NAG E . 22.81 6.24 -15.92
H2 NAG E . 21.76 6.57 -18.26
H3 NAG E . 24.35 5.18 -18.86
H4 NAG E . 23.18 7.54 -20.31
H5 NAG E . 24.90 8.72 -18.47
H61 NAG E . 23.07 9.78 -19.57
H62 NAG E . 21.90 8.70 -18.83
H81 NAG E . 20.31 2.60 -17.46
H82 NAG E . 20.74 2.76 -15.79
H83 NAG E . 19.19 3.30 -16.33
HN2 NAG E . 22.27 3.73 -18.01
HO3 NAG E . 23.44 4.54 -20.73
HO6 NAG E . 23.17 9.72 -16.78
C1 NAG E . 25.23 6.70 -21.49
C2 NAG E . 25.75 7.81 -22.39
C3 NAG E . 25.81 7.35 -23.83
C4 NAG E . 26.49 6.00 -23.92
C5 NAG E . 25.87 5.03 -22.94
C6 NAG E . 26.51 3.65 -23.02
C7 NAG E . 25.10 9.92 -21.39
C8 NAG E . 24.10 11.03 -21.46
N2 NAG E . 24.89 8.97 -22.28
O3 NAG E . 26.50 8.30 -24.62
O4 NAG E . 26.37 5.47 -25.26
O5 NAG E . 26.04 5.54 -21.64
O6 NAG E . 26.07 2.89 -21.89
O7 NAG E . 26.00 9.90 -20.58
H1 NAG E . 24.22 6.47 -21.87
H2 NAG E . 26.77 8.07 -22.07
H3 NAG E . 24.77 7.22 -24.19
H4 NAG E . 27.55 6.13 -23.66
H5 NAG E . 24.80 4.93 -23.18
H61 NAG E . 26.22 3.16 -23.94
H62 NAG E . 27.60 3.75 -23.00
H81 NAG E . 24.19 11.65 -20.59
H82 NAG E . 23.14 10.62 -21.50
H83 NAG E . 24.28 11.62 -22.33
HN2 NAG E . 24.12 9.03 -22.92
HO3 NAG E . 26.77 9.04 -24.06
HO4 NAG E . 25.52 5.03 -25.34
HO6 NAG E . 25.52 3.46 -21.33
C1 NAG F . 36.52 -24.41 -2.26
C2 NAG F . 37.53 -25.54 -2.27
C3 NAG F . 37.05 -26.86 -2.89
C4 NAG F . 35.57 -27.15 -2.73
C5 NAG F . 34.79 -25.87 -2.93
C6 NAG F . 33.30 -26.14 -2.80
C7 NAG F . 39.62 -24.32 -2.48
C8 NAG F . 40.57 -23.69 -3.44
N2 NAG F . 38.64 -25.02 -3.04
O3 NAG F . 37.77 -27.95 -2.30
O4 NAG F . 35.09 -28.10 -3.68
O5 NAG F . 35.24 -24.95 -1.96
O6 NAG F . 32.65 -24.92 -2.42
O7 NAG F . 39.73 -24.15 -1.27
H1 NAG F . 36.47 -24.09 -3.32
H2 NAG F . 37.84 -25.74 -1.24
H3 NAG F . 37.26 -26.83 -3.97
H4 NAG F . 35.39 -27.51 -1.70
H5 NAG F . 35.00 -25.50 -3.95
H61 NAG F . 32.91 -26.48 -3.76
H62 NAG F . 33.13 -26.92 -2.06
H81 NAG F . 41.56 -23.77 -3.07
H82 NAG F . 40.51 -24.18 -4.38
H83 NAG F . 40.32 -22.67 -3.56
HN2 NAG F . 38.62 -25.13 -4.03
HO3 NAG F . 37.21 -28.74 -2.32
HO6 NAG F . 33.32 -24.25 -2.24
C1 NAG F . 34.63 -29.39 -3.18
C2 NAG F . 33.73 -30.00 -4.23
C3 NAG F . 33.13 -31.30 -3.69
C4 NAG F . 34.24 -32.23 -3.24
C5 NAG F . 35.25 -31.49 -2.36
C6 NAG F . 36.45 -32.37 -2.06
C7 NAG F . 32.63 -28.53 -5.83
C8 NAG F . 31.49 -27.58 -6.05
N2 NAG F . 32.69 -29.07 -4.61
O3 NAG F . 32.33 -31.92 -4.69
O4 NAG F . 33.75 -33.30 -2.45
O5 NAG F . 35.69 -30.32 -3.01
O6 NAG F . 37.18 -32.62 -3.26
O7 NAG F . 33.44 -28.75 -6.71
H1 NAG F . 34.06 -29.27 -2.25
H2 NAG F . 34.34 -30.28 -5.09
H3 NAG F . 32.51 -31.05 -2.80
H4 NAG F . 34.76 -32.60 -4.13
H5 NAG F . 34.75 -31.23 -1.42
H61 NAG F . 37.09 -31.88 -1.33
H62 NAG F . 36.11 -33.33 -1.63
H81 NAG F . 31.70 -26.66 -5.59
H82 NAG F . 31.36 -27.44 -7.10
H83 NAG F . 30.61 -28.00 -5.64
HN2 NAG F . 31.99 -28.83 -3.92
HO3 NAG F . 31.77 -32.60 -4.28
HO6 NAG F . 37.96 -33.16 -3.06
C1 BMA F . 33.42 -34.47 -3.22
C2 BMA F . 34.39 -35.58 -2.85
C3 BMA F . 34.07 -36.82 -3.65
C4 BMA F . 32.59 -37.17 -3.54
C5 BMA F . 31.75 -35.95 -3.85
C6 BMA F . 30.26 -36.25 -3.70
O2 BMA F . 34.27 -35.85 -1.46
O3 BMA F . 34.85 -37.91 -3.16
O4 BMA F . 32.28 -38.21 -4.46
O5 BMA F . 32.10 -34.91 -2.95
O6 BMA F . 29.55 -35.01 -3.75
H1 BMA F . 33.50 -34.31 -4.30
H2 BMA F . 35.40 -35.23 -3.09
H3 BMA F . 34.31 -36.63 -4.70
H4 BMA F . 32.39 -37.49 -2.51
H5 BMA F . 31.94 -35.63 -4.88
H61 BMA F . 29.94 -36.90 -4.51
H62 BMA F . 30.08 -36.75 -2.75
HO2 BMA F . 33.34 -35.81 -1.20
HO3 BMA F . 34.77 -37.93 -2.20
HO4 BMA F . 33.09 -38.53 -4.88
HO6 BMA F . 30.20 -34.29 -3.80
C1 NAG G . -9.64 -28.26 4.62
C2 NAG G . -11.05 -28.22 4.04
C3 NAG G . -11.88 -29.33 4.66
C4 NAG G . -11.22 -30.68 4.41
C5 NAG G . -9.74 -30.63 4.78
C6 NAG G . -9.05 -31.90 4.31
C7 NAG G . -11.32 -25.86 3.55
C8 NAG G . -12.12 -24.62 3.80
N2 NAG G . -11.68 -26.93 4.25
O3 NAG G . -13.19 -29.26 4.07
O4 NAG G . -11.79 -31.75 5.18
O5 NAG G . -9.08 -29.50 4.18
O6 NAG G . -9.11 -32.00 2.88
O7 NAG G . -10.40 -25.88 2.75
H1 NAG G . -9.73 -28.27 5.70
H2 NAG G . -10.98 -28.41 2.96
H3 NAG G . -11.94 -29.16 5.74
H4 NAG G . -11.31 -30.91 3.35
H5 NAG G . -9.65 -30.56 5.86
H61 NAG G . -8.00 -31.90 4.64
H62 NAG G . -9.54 -32.77 4.77
H81 NAG G . -11.89 -23.90 3.05
H82 NAG G . -13.14 -24.85 3.75
H83 NAG G . -11.89 -24.22 4.76
HN2 NAG G . -12.44 -26.86 4.92
HO3 NAG G . -13.82 -28.93 4.72
HO6 NAG G . -9.05 -32.93 2.63
C1 NAG G . -13.15 -32.05 4.78
C2 NAG G . -13.50 -33.52 4.95
C3 NAG G . -14.95 -33.80 4.59
C4 NAG G . -15.89 -32.80 5.24
C5 NAG G . -15.37 -31.39 5.03
C6 NAG G . -16.26 -30.37 5.71
C7 NAG G . -11.49 -34.83 4.54
C8 NAG G . -10.59 -35.36 3.49
N2 NAG G . -12.60 -34.25 4.08
O3 NAG G . -15.31 -35.11 5.05
O4 NAG G . -17.19 -32.92 4.65
O5 NAG G . -14.05 -31.31 5.58
O6 NAG G . -17.35 -30.04 4.84
O7 NAG G . -11.22 -34.90 5.73
H1 NAG G . -13.29 -31.82 3.72
H2 NAG G . -13.35 -33.80 6.00
H3 NAG G . -15.06 -33.73 3.51
H4 NAG G . -15.93 -32.99 6.32
H5 NAG G . -15.33 -31.18 3.96
H61 NAG G . -16.64 -30.78 6.64
H62 NAG G . -15.68 -29.46 5.94
H81 NAG G . -10.44 -34.61 2.76
H82 NAG G . -9.65 -35.61 3.92
H83 NAG G . -11.01 -36.22 3.04
HN2 NAG G . -12.77 -34.23 3.10
HO3 NAG G . -16.18 -35.06 5.47
HO6 NAG G . -17.62 -30.83 4.35
C1 BMA G . -18.24 -33.14 5.62
C2 BMA G . -19.59 -33.28 4.86
C3 BMA G . -20.74 -33.57 5.83
C4 BMA G . -20.39 -34.73 6.76
C5 BMA G . -19.05 -34.48 7.45
C6 BMA G . -18.62 -35.65 8.33
O2 BMA G . -19.54 -34.38 3.97
O3 BMA G . -21.95 -33.85 5.14
O4 BMA G . -21.41 -34.86 7.75
O5 BMA G . -18.03 -34.27 6.44
O6 BMA G . -17.43 -35.29 9.01
H1 BMA G . -18.29 -32.24 6.26
H2 BMA G . -19.79 -32.35 4.32
H3 BMA G . -20.94 -32.68 6.45
H4 BMA G . -20.30 -35.64 6.16
H5 BMA G . -19.12 -33.58 8.10
H61 BMA G . -18.47 -36.53 7.69
H62 BMA G . -19.45 -35.86 9.02
HO2 BMA G . -18.70 -34.30 3.49
HO3 BMA G . -21.71 -34.46 4.42
HO4 BMA G . -22.25 -34.88 7.26
HO6 BMA G . -17.18 -36.04 9.56
C1 NAG H . -32.96 8.34 3.06
C2 NAG H . -33.76 9.38 3.85
C3 NAG H . -35.20 8.95 4.11
C4 NAG H . -35.84 8.40 2.85
C5 NAG H . -34.92 7.31 2.31
C6 NAG H . -35.53 6.59 1.12
C7 NAG H . -32.89 8.81 6.06
C8 NAG H . -32.25 9.32 7.30
N2 NAG H . -33.11 9.70 5.10
O3 NAG H . -35.96 10.06 4.59
O4 NAG H . -37.12 7.86 3.15
O5 NAG H . -33.71 7.95 1.92
O6 NAG H . -34.60 5.60 0.66
O7 NAG H . -33.14 7.63 5.94
H1 NAG H . -32.93 7.42 3.68
H2 NAG H . -33.80 10.30 3.23
H3 NAG H . -35.21 8.14 4.86
H4 NAG H . -35.91 9.20 2.10
H5 NAG H . -34.75 6.59 3.12
H61 NAG H . -36.46 6.11 1.42
H62 NAG H . -35.74 7.30 0.33
H81 NAG H . -32.41 8.62 8.09
H82 NAG H . -32.67 10.26 7.55
H83 NAG H . -31.20 9.44 7.14
HN2 NAG H . -32.85 10.67 5.27
HO3 NAG H . -35.37 10.80 4.77
HO4 NAG H . -37.00 7.02 3.60
HO6 NAG H . -34.12 5.25 1.41
C1 NAG I . -11.24 -18.47 -22.41
C2 NAG I . -10.60 -19.83 -22.61
C3 NAG I . -11.33 -20.52 -23.75
C4 NAG I . -12.81 -20.61 -23.38
C5 NAG I . -13.37 -19.32 -22.82
C6 NAG I . -14.72 -19.55 -22.17
C7 NAG I . -8.29 -19.67 -21.88
C8 NAG I . -6.86 -19.47 -22.28
N2 NAG I . -9.18 -19.69 -22.87
O3 NAG I . -10.79 -21.83 -23.96
O4 NAG I . -13.54 -20.97 -24.56
O5 NAG I . -12.50 -18.75 -21.83
O6 NAG I . -14.51 -20.20 -20.92
O7 NAG I . -8.60 -19.80 -20.72
H1 NAG I . -11.45 -18.12 -23.44
H2 NAG I . -10.76 -20.42 -21.70
H3 NAG I . -11.23 -19.91 -24.64
H4 NAG I . -12.93 -21.40 -22.62
H5 NAG I . -13.50 -18.61 -23.65
H61 NAG I . -15.33 -20.19 -22.83
H62 NAG I . -15.23 -18.60 -22.03
H81 NAG I . -6.40 -20.40 -22.46
H82 NAG I . -6.36 -18.99 -21.48
H83 NAG I . -6.82 -18.87 -23.15
HN2 NAG I . -8.88 -19.59 -23.84
HO3 NAG I . -9.84 -21.76 -24.07
HO4 NAG I . -13.44 -20.26 -25.21
HO6 NAG I . -13.56 -20.21 -20.72
C1 NAG J . -6.71 -26.07 -28.73
C2 NAG J . -6.96 -27.56 -28.76
C3 NAG J . -6.79 -28.08 -30.17
C4 NAG J . -7.68 -27.28 -31.12
C5 NAG J . -7.44 -25.79 -30.93
C6 NAG J . -8.36 -24.96 -31.80
C7 NAG J . -6.19 -28.34 -26.59
C8 NAG J . -5.04 -28.93 -25.84
N2 NAG J . -5.99 -28.20 -27.89
O3 NAG J . -7.16 -29.46 -30.22
O4 NAG J . -7.38 -27.64 -32.47
O5 NAG J . -7.69 -25.47 -29.56
O6 NAG J . -8.38 -23.62 -31.30
O7 NAG J . -7.22 -27.99 -26.03
H1 NAG J . -5.74 -25.97 -29.27
H2 NAG J . -7.97 -27.77 -28.42
H3 NAG J . -5.75 -27.95 -30.48
H4 NAG J . -8.73 -27.49 -30.89
H5 NAG J . -6.40 -25.56 -31.20
H61 NAG J . -9.37 -25.39 -31.79
H62 NAG J . -7.99 -24.98 -32.83
H81 NAG J . -4.42 -28.15 -25.49
H82 NAG J . -4.49 -29.56 -26.48
H83 NAG J . -5.41 -29.49 -25.02
HN2 NAG J . -5.12 -28.50 -28.30
HO3 NAG J . -7.74 -29.66 -29.48
HO4 NAG J . -6.68 -27.05 -32.80
HO6 NAG J . -7.91 -23.60 -30.45
C1 NAG K . 1.37 -34.07 -13.92
C2 NAG K . 1.92 -34.34 -12.53
C3 NAG K . 3.00 -35.39 -12.63
C4 NAG K . 2.39 -36.64 -13.23
C5 NAG K . 1.62 -36.32 -14.51
C6 NAG K . 0.85 -37.55 -14.98
C7 NAG K . 1.73 -32.31 -11.18
C8 NAG K . 2.45 -31.09 -10.65
N2 NAG K . 2.45 -33.12 -11.94
O3 NAG K . 3.51 -35.67 -11.33
O4 NAG K . 3.44 -37.57 -13.52
O5 NAG K . 0.69 -35.26 -14.29
O6 NAG K . -0.34 -37.68 -14.20
O7 NAG K . 0.56 -32.51 -10.91
H1 NAG K . 2.28 -34.01 -14.56
H2 NAG K . 1.11 -34.72 -11.90
H3 NAG K . 3.79 -35.02 -13.28
H4 NAG K . 1.70 -37.08 -12.51
H5 NAG K . 2.34 -36.03 -15.30
H61 NAG K . 0.60 -37.44 -16.03
H62 NAG K . 1.47 -38.44 -14.87
H81 NAG K . 3.43 -31.07 -11.03
H82 NAG K . 1.92 -30.23 -10.96
H83 NAG K . 2.47 -31.13 -9.60
HN2 NAG K . 3.42 -32.90 -12.14
HO3 NAG K . 4.03 -34.91 -11.02
HO4 NAG K . 3.72 -37.45 -14.44
HO6 NAG K . -0.40 -36.91 -13.61
C1 NAG L . 25.30 26.56 -1.30
C2 NAG L . 25.89 25.17 -1.31
C3 NAG L . 26.86 25.05 -0.16
C4 NAG L . 27.94 26.10 -0.36
C5 NAG L . 27.34 27.48 -0.62
C6 NAG L . 28.44 28.45 -1.00
C7 NAG L . 24.24 23.66 -2.28
C8 NAG L . 23.18 22.64 -2.02
N2 NAG L . 24.83 24.18 -1.20
O3 NAG L . 27.42 23.75 -0.13
O4 NAG L . 28.78 26.15 0.80
O5 NAG L . 26.38 27.42 -1.66
O6 NAG L . 27.88 29.55 -1.74
O7 NAG L . 24.53 24.00 -3.42
H1 NAG L . 25.09 26.78 -0.24
H2 NAG L . 26.44 25.03 -2.25
H3 NAG L . 26.33 25.27 0.78
H4 NAG L . 28.55 25.81 -1.24
H5 NAG L . 26.87 27.82 0.30
H61 NAG L . 29.20 27.95 -1.59
H62 NAG L . 28.92 28.82 -0.09
H81 NAG L . 22.99 22.59 -0.98
H82 NAG L . 22.29 22.93 -2.53
H83 NAG L . 23.50 21.70 -2.37
HN2 NAG L . 24.56 23.88 -0.28
HO3 NAG L . 27.39 23.37 -1.02
HO4 NAG L . 28.48 25.48 1.43
HO6 NAG L . 28.51 29.82 -2.42
C1 NAG M . 7.75 43.00 -10.15
C2 NAG M . 6.97 44.23 -10.56
C3 NAG M . 7.81 45.21 -11.36
C4 NAG M . 9.20 44.67 -11.73
C5 NAG M . 9.87 43.86 -10.62
C6 NAG M . 10.98 44.69 -9.99
C7 NAG M . 4.66 43.48 -10.76
C8 NAG M . 3.60 43.00 -11.69
N2 NAG M . 5.83 43.79 -11.34
O3 NAG M . 7.99 46.38 -10.56
O4 NAG M . 9.06 43.84 -12.89
O5 NAG M . 8.96 43.49 -9.59
O6 NAG M . 10.40 45.73 -9.21
O7 NAG M . 4.46 43.58 -9.57
H1 NAG M . 8.01 42.47 -11.09
H2 NAG M . 6.62 44.72 -9.65
H3 NAG M . 7.28 45.46 -12.27
H4 NAG M . 9.83 45.53 -11.97
H5 NAG M . 10.30 42.97 -11.07
H61 NAG M . 11.61 44.06 -9.36
H62 NAG M . 11.61 45.13 -10.77
H81 NAG M . 2.67 43.46 -11.43
H82 NAG M . 3.84 43.27 -12.68
H83 NAG M . 3.51 41.95 -11.61
HN2 NAG M . 5.94 43.68 -12.33
HO3 NAG M . 7.13 46.71 -10.28
HO4 NAG M . 8.15 43.57 -13.00
HO6 NAG M . 9.45 45.60 -9.14
#